data_5D8T
# 
_entry.id   5D8T 
# 
_audit_conform.dict_name       mmcif_pdbx.dic 
_audit_conform.dict_version    5.387 
_audit_conform.dict_location   http://mmcif.pdb.org/dictionaries/ascii/mmcif_pdbx.dic 
# 
loop_
_database_2.database_id 
_database_2.database_code 
_database_2.pdbx_database_accession 
_database_2.pdbx_DOI 
PDB   5D8T         pdb_00005d8t 10.2210/pdb5d8t/pdb 
WWPDB D_1000212792 ?            ?                   
# 
loop_
_pdbx_audit_revision_history.ordinal 
_pdbx_audit_revision_history.data_content_type 
_pdbx_audit_revision_history.major_revision 
_pdbx_audit_revision_history.minor_revision 
_pdbx_audit_revision_history.revision_date 
1 'Structure model' 1 0 2016-06-29 
2 'Structure model' 1 1 2016-07-27 
3 'Structure model' 1 2 2024-03-06 
# 
_pdbx_audit_revision_details.ordinal             1 
_pdbx_audit_revision_details.revision_ordinal    1 
_pdbx_audit_revision_details.data_content_type   'Structure model' 
_pdbx_audit_revision_details.provider            repository 
_pdbx_audit_revision_details.type                'Initial release' 
_pdbx_audit_revision_details.description         ? 
_pdbx_audit_revision_details.details             ? 
# 
loop_
_pdbx_audit_revision_group.ordinal 
_pdbx_audit_revision_group.revision_ordinal 
_pdbx_audit_revision_group.data_content_type 
_pdbx_audit_revision_group.group 
1 2 'Structure model' 'Data collection'      
2 3 'Structure model' 'Data collection'      
3 3 'Structure model' 'Database references'  
4 3 'Structure model' 'Derived calculations' 
# 
loop_
_pdbx_audit_revision_category.ordinal 
_pdbx_audit_revision_category.revision_ordinal 
_pdbx_audit_revision_category.data_content_type 
_pdbx_audit_revision_category.category 
1 3 'Structure model' chem_comp_atom        
2 3 'Structure model' chem_comp_bond        
3 3 'Structure model' database_2            
4 3 'Structure model' pdbx_struct_oper_list 
# 
loop_
_pdbx_audit_revision_item.ordinal 
_pdbx_audit_revision_item.revision_ordinal 
_pdbx_audit_revision_item.data_content_type 
_pdbx_audit_revision_item.item 
1 3 'Structure model' '_database_2.pdbx_DOI'                      
2 3 'Structure model' '_database_2.pdbx_database_accession'       
3 3 'Structure model' '_pdbx_struct_oper_list.symmetry_operation' 
# 
_pdbx_database_status.status_code                     REL 
_pdbx_database_status.status_code_sf                  REL 
_pdbx_database_status.status_code_mr                  ? 
_pdbx_database_status.entry_id                        5D8T 
_pdbx_database_status.recvd_initial_deposition_date   2015-08-17 
_pdbx_database_status.SG_entry                        N 
_pdbx_database_status.deposit_site                    RCSB 
_pdbx_database_status.process_site                    RCSB 
_pdbx_database_status.status_code_cs                  ? 
_pdbx_database_status.methods_development_category    ? 
_pdbx_database_status.pdb_format_compatible           Y 
_pdbx_database_status.status_code_nmr_data            ? 
# 
loop_
_audit_author.name 
_audit_author.pdbx_ordinal 
'Harp, J.M.' 1 
'Egli, M.'   2 
# 
_citation.abstract                  ? 
_citation.abstract_id_CAS           ? 
_citation.book_id_ISBN              ? 
_citation.book_publisher            ? 
_citation.book_publisher_city       ? 
_citation.book_title                ? 
_citation.coordinate_linkage        ? 
_citation.country                   US 
_citation.database_id_Medline       ? 
_citation.details                   ? 
_citation.id                        primary 
_citation.journal_abbrev            J.Org.Chem. 
_citation.journal_id_ASTM           JOCEAH 
_citation.journal_id_CSD            0035 
_citation.journal_id_ISSN           0022-3263 
_citation.journal_full              ? 
_citation.journal_issue             ? 
_citation.journal_volume            81 
_citation.language                  ? 
_citation.page_first                2261 
_citation.page_last                 2279 
_citation.title                     
;Structural Basis of Duplex Thermodynamic Stability and Enhanced Nuclease Resistance of 5'-C-Methyl Pyrimidine-Modified Oligonucleotides.
;
_citation.year                      2016 
_citation.database_id_CSD           ? 
_citation.pdbx_database_id_DOI      10.1021/acs.joc.5b02375 
_citation.pdbx_database_id_PubMed   26940174 
_citation.unpublished_flag          ? 
# 
loop_
_citation_author.citation_id 
_citation_author.name 
_citation_author.ordinal 
_citation_author.identifier_ORCID 
primary 'Kel In, A.V.'    1  ? 
primary 'Zlatev, I.'      2  ? 
primary 'Harp, J.'        3  ? 
primary 'Jayaraman, M.'   4  ? 
primary 'Bisbe, A.'       5  ? 
primary 'O Shea, J.'      6  ? 
primary 'Taneja, N.'      7  ? 
primary 'Manoharan, R.M.' 8  ? 
primary 'Khan, S.'        9  ? 
primary 'Charisse, K.'    10 ? 
primary 'Maier, M.A.'     11 ? 
primary 'Egli, M.'        12 ? 
primary 'Rajeev, K.G.'    13 ? 
primary 'Manoharan, M.'   14 ? 
# 
loop_
_entity.id 
_entity.type 
_entity.src_method 
_entity.pdbx_description 
_entity.formula_weight 
_entity.pdbx_number_of_molecules 
_entity.pdbx_ec 
_entity.pdbx_mutation 
_entity.pdbx_fragment 
_entity.details 
1 polymer     syn 
;RNA oligonucleotide containing (S)-C5'-Me-2'-FU
;
2621.475 2   ? ? ? ? 
2 non-polymer syn 'COBALT HEXAMMINE(III)'                           161.116  4   ? ? ? ? 
3 water       nat water                                             18.015   126 ? ? ? ? 
# 
_entity_poly.entity_id                      1 
_entity_poly.type                           polyribonucleotide 
_entity_poly.nstd_linkage                   no 
_entity_poly.nstd_monomer                   yes 
_entity_poly.pdbx_seq_one_letter_code       '(CBV)GAA(U5M)UCG' 
_entity_poly.pdbx_seq_one_letter_code_can   CGAAXUCG 
_entity_poly.pdbx_strand_id                 A,B 
_entity_poly.pdbx_target_identifier         ? 
# 
loop_
_pdbx_entity_nonpoly.entity_id 
_pdbx_entity_nonpoly.name 
_pdbx_entity_nonpoly.comp_id 
2 'COBALT HEXAMMINE(III)' NCO 
3 water                   HOH 
# 
loop_
_entity_poly_seq.entity_id 
_entity_poly_seq.num 
_entity_poly_seq.mon_id 
_entity_poly_seq.hetero 
1 1 CBV n 
1 2 G   n 
1 3 A   n 
1 4 A   n 
1 5 U5M n 
1 6 U   n 
1 7 C   n 
1 8 G   n 
# 
_pdbx_entity_src_syn.entity_id              1 
_pdbx_entity_src_syn.pdbx_src_id            1 
_pdbx_entity_src_syn.pdbx_alt_source_flag   sample 
_pdbx_entity_src_syn.pdbx_beg_seq_num       1 
_pdbx_entity_src_syn.pdbx_end_seq_num       8 
_pdbx_entity_src_syn.organism_scientific    'synthetic construct' 
_pdbx_entity_src_syn.organism_common_name   ? 
_pdbx_entity_src_syn.ncbi_taxonomy_id       32630 
_pdbx_entity_src_syn.details                ? 
# 
loop_
_chem_comp.id 
_chem_comp.type 
_chem_comp.mon_nstd_flag 
_chem_comp.name 
_chem_comp.pdbx_synonyms 
_chem_comp.formula 
_chem_comp.formula_weight 
A   'RNA linking' y "ADENOSINE-5'-MONOPHOSPHATE"                                                              ? 'C10 H14 N5 O7 P' 
347.221 
C   'RNA linking' y "CYTIDINE-5'-MONOPHOSPHATE"                                                               ? 'C9 H14 N3 O8 P' 
323.197 
CBV 'RNA linking' n 
;5-BROMOCYTIDINE 5'-(DIHYDROGEN PHOSPHATE)
;
? 'C9 H13 Br N3 O8 P' 402.093 
G   'RNA linking' y "GUANOSINE-5'-MONOPHOSPHATE"                                                              ? 'C10 H14 N5 O8 P' 
363.221 
HOH non-polymer   . WATER                                                                                     ? 'H2 O' 18.015  
NCO non-polymer   . 'COBALT HEXAMMINE(III)'                                                                   ? 'Co H18 N6 3' 
161.116 
U   'RNA linking' y "URIDINE-5'-MONOPHOSPHATE"                                                                ? 'C9 H13 N2 O9 P' 
324.181 
U5M 'RNA linking' . '1-(2,6-dideoxy-2-fluoro-5-O-phosphono-alpha-L-talofuranosyl)pyrimidine-2,4(1H,3H)-dione' ? 
'C10 H14 F N2 O8 P' 340.199 
# 
loop_
_pdbx_poly_seq_scheme.asym_id 
_pdbx_poly_seq_scheme.entity_id 
_pdbx_poly_seq_scheme.seq_id 
_pdbx_poly_seq_scheme.mon_id 
_pdbx_poly_seq_scheme.ndb_seq_num 
_pdbx_poly_seq_scheme.pdb_seq_num 
_pdbx_poly_seq_scheme.auth_seq_num 
_pdbx_poly_seq_scheme.pdb_mon_id 
_pdbx_poly_seq_scheme.auth_mon_id 
_pdbx_poly_seq_scheme.pdb_strand_id 
_pdbx_poly_seq_scheme.pdb_ins_code 
_pdbx_poly_seq_scheme.hetero 
A 1 1 CBV 1 1 1 CBV CBV A . n 
A 1 2 G   2 2 2 G   G   A . n 
A 1 3 A   3 3 3 A   A   A . n 
A 1 4 A   4 4 4 A   A   A . n 
A 1 5 U5M 5 5 5 U5M U5M A . n 
A 1 6 U   6 6 6 U   U   A . n 
A 1 7 C   7 7 7 C   C   A . n 
A 1 8 G   8 8 8 G   G   A . n 
B 1 1 CBV 1 1 1 CBV CBV B . n 
B 1 2 G   2 2 2 G   G   B . n 
B 1 3 A   3 3 3 A   A   B . n 
B 1 4 A   4 4 4 A   A   B . n 
B 1 5 U5M 5 5 5 U5M U5M B . n 
B 1 6 U   6 6 6 U   U   B . n 
B 1 7 C   7 7 7 C   C   B . n 
B 1 8 G   8 8 8 G   G   B . n 
# 
loop_
_pdbx_nonpoly_scheme.asym_id 
_pdbx_nonpoly_scheme.entity_id 
_pdbx_nonpoly_scheme.mon_id 
_pdbx_nonpoly_scheme.ndb_seq_num 
_pdbx_nonpoly_scheme.pdb_seq_num 
_pdbx_nonpoly_scheme.auth_seq_num 
_pdbx_nonpoly_scheme.pdb_mon_id 
_pdbx_nonpoly_scheme.auth_mon_id 
_pdbx_nonpoly_scheme.pdb_strand_id 
_pdbx_nonpoly_scheme.pdb_ins_code 
C 2 NCO 1  101 101 NCO NCO A . 
D 2 NCO 1  102 102 NCO NCO A . 
E 2 NCO 1  101 101 NCO NCO B . 
F 2 NCO 1  102 102 NCO NCO B . 
G 3 HOH 1  201 201 HOH HOH A . 
G 3 HOH 2  202 202 HOH HOH A . 
G 3 HOH 3  203 203 HOH HOH A . 
G 3 HOH 4  204 204 HOH HOH A . 
G 3 HOH 5  205 205 HOH HOH A . 
G 3 HOH 6  206 206 HOH HOH A . 
G 3 HOH 7  207 207 HOH HOH A . 
G 3 HOH 8  208 208 HOH HOH A . 
G 3 HOH 9  209 209 HOH HOH A . 
G 3 HOH 10 210 210 HOH HOH A . 
G 3 HOH 11 211 211 HOH HOH A . 
G 3 HOH 12 212 212 HOH HOH A . 
G 3 HOH 13 213 213 HOH HOH A . 
G 3 HOH 14 214 214 HOH HOH A . 
G 3 HOH 15 215 215 HOH HOH A . 
G 3 HOH 16 216 216 HOH HOH A . 
G 3 HOH 17 217 217 HOH HOH A . 
G 3 HOH 18 218 218 HOH HOH A . 
G 3 HOH 19 219 219 HOH HOH A . 
G 3 HOH 20 220 220 HOH HOH A . 
G 3 HOH 21 221 221 HOH HOH A . 
G 3 HOH 22 222 222 HOH HOH A . 
G 3 HOH 23 223 223 HOH HOH A . 
G 3 HOH 24 224 224 HOH HOH A . 
G 3 HOH 25 225 225 HOH HOH A . 
G 3 HOH 26 226 226 HOH HOH A . 
G 3 HOH 27 227 227 HOH HOH A . 
G 3 HOH 28 228 228 HOH HOH A . 
G 3 HOH 29 229 229 HOH HOH A . 
G 3 HOH 30 230 230 HOH HOH A . 
G 3 HOH 31 231 231 HOH HOH A . 
G 3 HOH 32 232 232 HOH HOH A . 
G 3 HOH 33 233 233 HOH HOH A . 
G 3 HOH 34 234 234 HOH HOH A . 
G 3 HOH 35 235 235 HOH HOH A . 
G 3 HOH 36 236 236 HOH HOH A . 
G 3 HOH 37 237 237 HOH HOH A . 
G 3 HOH 38 238 238 HOH HOH A . 
G 3 HOH 39 239 239 HOH HOH A . 
G 3 HOH 40 240 240 HOH HOH A . 
G 3 HOH 41 241 241 HOH HOH A . 
G 3 HOH 42 242 242 HOH HOH A . 
G 3 HOH 43 243 243 HOH HOH A . 
G 3 HOH 44 244 244 HOH HOH A . 
G 3 HOH 45 245 245 HOH HOH A . 
G 3 HOH 46 246 246 HOH HOH A . 
G 3 HOH 47 247 247 HOH HOH A . 
G 3 HOH 48 248 248 HOH HOH A . 
G 3 HOH 49 249 249 HOH HOH A . 
G 3 HOH 50 250 250 HOH HOH A . 
G 3 HOH 51 251 251 HOH HOH A . 
G 3 HOH 52 252 252 HOH HOH A . 
G 3 HOH 53 253 253 HOH HOH A . 
G 3 HOH 54 254 254 HOH HOH A . 
G 3 HOH 55 255 255 HOH HOH A . 
G 3 HOH 56 256 256 HOH HOH A . 
G 3 HOH 57 257 257 HOH HOH A . 
G 3 HOH 58 258 258 HOH HOH A . 
G 3 HOH 59 259 259 HOH HOH A . 
H 3 HOH 1  201 201 HOH HOH B . 
H 3 HOH 2  202 202 HOH HOH B . 
H 3 HOH 3  203 203 HOH HOH B . 
H 3 HOH 4  204 204 HOH HOH B . 
H 3 HOH 5  205 205 HOH HOH B . 
H 3 HOH 6  206 206 HOH HOH B . 
H 3 HOH 7  207 207 HOH HOH B . 
H 3 HOH 8  208 208 HOH HOH B . 
H 3 HOH 9  209 209 HOH HOH B . 
H 3 HOH 10 210 210 HOH HOH B . 
H 3 HOH 11 211 211 HOH HOH B . 
H 3 HOH 12 212 212 HOH HOH B . 
H 3 HOH 13 213 213 HOH HOH B . 
H 3 HOH 14 214 214 HOH HOH B . 
H 3 HOH 15 215 215 HOH HOH B . 
H 3 HOH 16 216 216 HOH HOH B . 
H 3 HOH 17 217 217 HOH HOH B . 
H 3 HOH 18 218 218 HOH HOH B . 
H 3 HOH 19 219 219 HOH HOH B . 
H 3 HOH 20 220 220 HOH HOH B . 
H 3 HOH 21 221 221 HOH HOH B . 
H 3 HOH 22 222 222 HOH HOH B . 
H 3 HOH 23 223 223 HOH HOH B . 
H 3 HOH 24 224 224 HOH HOH B . 
H 3 HOH 25 225 225 HOH HOH B . 
H 3 HOH 26 226 226 HOH HOH B . 
H 3 HOH 27 227 227 HOH HOH B . 
H 3 HOH 28 228 228 HOH HOH B . 
H 3 HOH 29 229 229 HOH HOH B . 
H 3 HOH 30 230 230 HOH HOH B . 
H 3 HOH 31 231 231 HOH HOH B . 
H 3 HOH 32 232 232 HOH HOH B . 
H 3 HOH 33 233 233 HOH HOH B . 
H 3 HOH 34 234 234 HOH HOH B . 
H 3 HOH 35 235 235 HOH HOH B . 
H 3 HOH 36 236 236 HOH HOH B . 
H 3 HOH 37 237 237 HOH HOH B . 
H 3 HOH 38 238 238 HOH HOH B . 
H 3 HOH 39 239 239 HOH HOH B . 
H 3 HOH 40 240 240 HOH HOH B . 
H 3 HOH 41 241 241 HOH HOH B . 
H 3 HOH 42 242 242 HOH HOH B . 
H 3 HOH 43 243 243 HOH HOH B . 
H 3 HOH 44 244 244 HOH HOH B . 
H 3 HOH 45 245 245 HOH HOH B . 
H 3 HOH 46 246 246 HOH HOH B . 
H 3 HOH 47 247 247 HOH HOH B . 
H 3 HOH 48 248 248 HOH HOH B . 
H 3 HOH 49 249 249 HOH HOH B . 
H 3 HOH 50 250 250 HOH HOH B . 
H 3 HOH 51 251 251 HOH HOH B . 
H 3 HOH 52 252 252 HOH HOH B . 
H 3 HOH 53 253 253 HOH HOH B . 
H 3 HOH 54 254 254 HOH HOH B . 
H 3 HOH 55 255 255 HOH HOH B . 
H 3 HOH 56 256 256 HOH HOH B . 
H 3 HOH 57 257 257 HOH HOH B . 
H 3 HOH 58 258 258 HOH HOH B . 
H 3 HOH 59 259 259 HOH HOH B . 
H 3 HOH 60 260 260 HOH HOH B . 
H 3 HOH 61 261 261 HOH HOH B . 
H 3 HOH 62 262 262 HOH HOH B . 
H 3 HOH 63 263 263 HOH HOH B . 
H 3 HOH 64 264 264 HOH HOH B . 
H 3 HOH 65 265 265 HOH HOH B . 
H 3 HOH 66 266 266 HOH HOH B . 
H 3 HOH 67 267 267 HOH HOH B . 
# 
loop_
_software.citation_id 
_software.classification 
_software.compiler_name 
_software.compiler_version 
_software.contact_author 
_software.contact_author_email 
_software.date 
_software.description 
_software.dependencies 
_software.hardware 
_software.language 
_software.location 
_software.mods 
_software.name 
_software.os 
_software.os_version 
_software.type 
_software.version 
_software.pdbx_ordinal 
? refinement        ? ? ? ? ? ? ? ? ? ? ? REFMAC      ? ? ? 5.8.0073 1 
? 'data collection' ? ? ? ? ? ? ? ? ? ? ? HKL-2000    ? ? ? .        2 
? 'data scaling'    ? ? ? ? ? ? ? ? ? ? ? HKL-2000    ? ? ? .        3 
? phasing           ? ? ? ? ? ? ? ? ? ? ? SHELX       ? ? ? .        4 
? 'data extraction' ? ? ? ? ? ? ? ? ? ? ? PDB_EXTRACT ? ? ? 3.15     5 
? 'data reduction'  ? ? ? ? ? ? ? ? ? ? ? HKL-2000    ? ? ? .        6 
# 
_cell.entry_id           5D8T 
_cell.length_a           31.172 
_cell.length_b           31.172 
_cell.length_c           84.325 
_cell.angle_alpha        90.00 
_cell.angle_beta         90.00 
_cell.angle_gamma        90.00 
_cell.Z_PDB              16 
_cell.pdbx_unique_axis   ? 
# 
_symmetry.entry_id                         5D8T 
_symmetry.space_group_name_H-M             'P 43 21 2' 
_symmetry.pdbx_full_space_group_name_H-M   ? 
_symmetry.cell_setting                     ? 
_symmetry.Int_Tables_number                96 
# 
_exptl.absorpt_coefficient_mu     ? 
_exptl.absorpt_correction_T_max   ? 
_exptl.absorpt_correction_T_min   ? 
_exptl.absorpt_correction_type    ? 
_exptl.absorpt_process_details    ? 
_exptl.entry_id                   5D8T 
_exptl.crystals_number            1 
_exptl.details                    ? 
_exptl.method                     'X-RAY DIFFRACTION' 
_exptl.method_details             ? 
# 
_exptl_crystal.colour                      ? 
_exptl_crystal.density_diffrn              ? 
_exptl_crystal.density_Matthews            1.95 
_exptl_crystal.density_method              ? 
_exptl_crystal.density_percent_sol         37.04 
_exptl_crystal.description                 ? 
_exptl_crystal.F_000                       ? 
_exptl_crystal.id                          1 
_exptl_crystal.preparation                 ? 
_exptl_crystal.size_max                    ? 
_exptl_crystal.size_mid                    ? 
_exptl_crystal.size_min                    ? 
_exptl_crystal.size_rad                    ? 
_exptl_crystal.colour_lustre               ? 
_exptl_crystal.colour_modifier             ? 
_exptl_crystal.colour_primary              ? 
_exptl_crystal.density_meas                ? 
_exptl_crystal.density_meas_esd            ? 
_exptl_crystal.density_meas_gt             ? 
_exptl_crystal.density_meas_lt             ? 
_exptl_crystal.density_meas_temp           ? 
_exptl_crystal.density_meas_temp_esd       ? 
_exptl_crystal.density_meas_temp_gt        ? 
_exptl_crystal.density_meas_temp_lt        ? 
_exptl_crystal.pdbx_crystal_image_url      ? 
_exptl_crystal.pdbx_crystal_image_format   ? 
_exptl_crystal.pdbx_mosaicity              ? 
_exptl_crystal.pdbx_mosaicity_esd          ? 
# 
_exptl_crystal_grow.apparatus       ? 
_exptl_crystal_grow.atmosphere      ? 
_exptl_crystal_grow.crystal_id      1 
_exptl_crystal_grow.details         ? 
_exptl_crystal_grow.method          'VAPOR DIFFUSION, SITTING DROP' 
_exptl_crystal_grow.method_ref      ? 
_exptl_crystal_grow.pH              5.5 
_exptl_crystal_grow.pressure        ? 
_exptl_crystal_grow.pressure_esd    ? 
_exptl_crystal_grow.seeding         ? 
_exptl_crystal_grow.seeding_ref     ? 
_exptl_crystal_grow.temp            298 
_exptl_crystal_grow.temp_details    ? 
_exptl_crystal_grow.temp_esd        ? 
_exptl_crystal_grow.time            ? 
_exptl_crystal_grow.pdbx_details    '40 mM sodium cacodylate, 20 mM hexamine Co(III) chloride, 20 mM MgCl2' 
_exptl_crystal_grow.pdbx_pH_range   ? 
# 
_diffrn.ambient_environment    ? 
_diffrn.ambient_temp           100 
_diffrn.ambient_temp_details   ? 
_diffrn.ambient_temp_esd       ? 
_diffrn.crystal_id             1 
_diffrn.crystal_support        ? 
_diffrn.crystal_treatment      ? 
_diffrn.details                ? 
_diffrn.id                     1 
_diffrn.ambient_pressure       ? 
_diffrn.ambient_pressure_esd   ? 
_diffrn.ambient_pressure_gt    ? 
_diffrn.ambient_pressure_lt    ? 
_diffrn.ambient_temp_gt        ? 
_diffrn.ambient_temp_lt        ? 
# 
_diffrn_detector.details                      ? 
_diffrn_detector.detector                     'IMAGE PLATE' 
_diffrn_detector.diffrn_id                    1 
_diffrn_detector.type                         'MAR scanner 300 mm plate' 
_diffrn_detector.area_resol_mean              ? 
_diffrn_detector.dtime                        ? 
_diffrn_detector.pdbx_frames_total            ? 
_diffrn_detector.pdbx_collection_time_total   ? 
_diffrn_detector.pdbx_collection_date         2015-07-24 
# 
_diffrn_radiation.collimation                      ? 
_diffrn_radiation.diffrn_id                        1 
_diffrn_radiation.filter_edge                      ? 
_diffrn_radiation.inhomogeneity                    ? 
_diffrn_radiation.monochromator                    'Si(111)' 
_diffrn_radiation.polarisn_norm                    ? 
_diffrn_radiation.polarisn_ratio                   ? 
_diffrn_radiation.probe                            ? 
_diffrn_radiation.type                             ? 
_diffrn_radiation.xray_symbol                      ? 
_diffrn_radiation.wavelength_id                    1 
_diffrn_radiation.pdbx_monochromatic_or_laue_m_l   M 
_diffrn_radiation.pdbx_wavelength_list             ? 
_diffrn_radiation.pdbx_wavelength                  ? 
_diffrn_radiation.pdbx_diffrn_protocol             'SINGLE WAVELENGTH' 
_diffrn_radiation.pdbx_analyzer                    ? 
_diffrn_radiation.pdbx_scattering_type             x-ray 
# 
_diffrn_radiation_wavelength.id           1 
_diffrn_radiation_wavelength.wavelength   0.91833 
_diffrn_radiation_wavelength.wt           1.0 
# 
_diffrn_source.current                     ? 
_diffrn_source.details                     ? 
_diffrn_source.diffrn_id                   1 
_diffrn_source.power                       ? 
_diffrn_source.size                        ? 
_diffrn_source.source                      SYNCHROTRON 
_diffrn_source.target                      ? 
_diffrn_source.type                        'APS BEAMLINE 21-ID-D' 
_diffrn_source.voltage                     ? 
_diffrn_source.take-off_angle              ? 
_diffrn_source.pdbx_wavelength_list        0.91833 
_diffrn_source.pdbx_wavelength             ? 
_diffrn_source.pdbx_synchrotron_beamline   21-ID-D 
_diffrn_source.pdbx_synchrotron_site       APS 
# 
_reflns.pdbx_diffrn_id               1 
_reflns.pdbx_ordinal                 1 
_reflns.entry_id                     5D8T 
_reflns.observed_criterion_sigma_I   ? 
_reflns.observed_criterion_sigma_F   ? 
_reflns.d_resolution_low             50.000 
_reflns.d_resolution_high            1.200 
_reflns.number_obs                   13758 
_reflns.number_all                   ? 
_reflns.percent_possible_obs         99.7 
_reflns.pdbx_Rmerge_I_obs            0.14500 
_reflns.pdbx_Rsym_value              ? 
_reflns.pdbx_netI_over_sigmaI        11.3000 
_reflns.B_iso_Wilson_estimate        ? 
_reflns.pdbx_redundancy              14.10 
# 
_reflns_shell.pdbx_diffrn_id         1 
_reflns_shell.pdbx_ordinal           1 
_reflns_shell.d_res_high             1.20 
_reflns_shell.d_res_low              1.22 
_reflns_shell.percent_possible_all   100.0 
_reflns_shell.Rmerge_I_obs           0.58400 
_reflns_shell.pdbx_Rsym_value        ? 
_reflns_shell.meanI_over_sigI_obs    ? 
_reflns_shell.pdbx_redundancy        8.10 
# 
_refine.pdbx_refine_id                           'X-RAY DIFFRACTION' 
_refine.entry_id                                 5D8T 
_refine.pdbx_diffrn_id                           1 
_refine.pdbx_TLS_residual_ADP_flag               ? 
_refine.ls_number_reflns_obs                     12988 
_refine.ls_number_reflns_all                     ? 
_refine.pdbx_ls_sigma_I                          ? 
_refine.pdbx_ls_sigma_F                          0.000 
_refine.pdbx_data_cutoff_high_absF               ? 
_refine.pdbx_data_cutoff_low_absF                ? 
_refine.pdbx_data_cutoff_high_rms_absF           ? 
_refine.ls_d_res_low                             29.24 
_refine.ls_d_res_high                            1.20 
_refine.ls_percent_reflns_obs                    99.6 
_refine.ls_R_factor_obs                          0.121 
_refine.ls_R_factor_all                          ? 
_refine.ls_R_factor_R_work                       0.120 
_refine.ls_R_factor_R_free                       0.157 
_refine.ls_R_factor_R_free_error                 ? 
_refine.ls_R_factor_R_free_error_details         ? 
_refine.ls_percent_reflns_R_free                 5.200 
_refine.ls_number_reflns_R_free                  708 
_refine.ls_number_parameters                     ? 
_refine.ls_number_restraints                     ? 
_refine.occupancy_min                            ? 
_refine.occupancy_max                            ? 
_refine.correlation_coeff_Fo_to_Fc               0.975 
_refine.correlation_coeff_Fo_to_Fc_free          0.956 
_refine.B_iso_mean                               12.42 
_refine.aniso_B[1][1]                            0.00000 
_refine.aniso_B[2][2]                            0.00000 
_refine.aniso_B[3][3]                            -0.01000 
_refine.aniso_B[1][2]                            0.00000 
_refine.aniso_B[1][3]                            0.00000 
_refine.aniso_B[2][3]                            0.00000 
_refine.solvent_model_details                    MASK 
_refine.solvent_model_param_ksol                 ? 
_refine.solvent_model_param_bsol                 ? 
_refine.pdbx_solvent_vdw_probe_radii             1.20 
_refine.pdbx_solvent_ion_probe_radii             0.80 
_refine.pdbx_solvent_shrinkage_radii             0.80 
_refine.pdbx_ls_cross_valid_method               THROUGHOUT 
_refine.details                                  'HYDROGENS HAVE BEEN USED IF PRESENT IN' 
_refine.pdbx_starting_model                      ? 
_refine.pdbx_method_to_determine_struct          SAD 
_refine.pdbx_isotropic_thermal_model             ? 
_refine.pdbx_stereochemistry_target_values       'MAXIMUM LIKELIHOOD' 
_refine.pdbx_stereochem_target_val_spec_case     ? 
_refine.pdbx_R_Free_selection_details            RANDOM 
_refine.pdbx_overall_ESU_R                       0.035 
_refine.pdbx_overall_ESU_R_Free                  0.037 
_refine.overall_SU_ML                            ? 
_refine.pdbx_overall_phase_error                 ? 
_refine.overall_SU_B                             ? 
_refine.overall_SU_R_Cruickshank_DPI             ? 
_refine.pdbx_overall_SU_R_free_Cruickshank_DPI   ? 
_refine.pdbx_overall_SU_R_Blow_DPI               ? 
_refine.pdbx_overall_SU_R_free_Blow_DPI          ? 
# 
_refine_hist.pdbx_refine_id                   'X-RAY DIFFRACTION' 
_refine_hist.cycle_id                         LAST 
_refine_hist.pdbx_number_atoms_protein        0 
_refine_hist.pdbx_number_atoms_nucleic_acid   338 
_refine_hist.pdbx_number_atoms_ligand         28 
_refine_hist.number_atoms_solvent             126 
_refine_hist.number_atoms_total               492 
_refine_hist.d_res_high                       1.20 
_refine_hist.d_res_low                        29.24 
# 
loop_
_refine_ls_restr.type 
_refine_ls_restr.dev_ideal 
_refine_ls_restr.dev_ideal_target 
_refine_ls_restr.weight 
_refine_ls_restr.number 
_refine_ls_restr.pdbx_refine_id 
_refine_ls_restr.pdbx_restraint_function 
r_bond_refined_d             1.823  0.015 ? 252 'X-RAY DIFFRACTION' ? 
r_bond_other_d               2.887  0.018 ? 398 'X-RAY DIFFRACTION' ? 
r_angle_refined_deg          42.196 1.872 ? 303 'X-RAY DIFFRACTION' ? 
r_angle_other_deg            56.801 2.520 ? 891 'X-RAY DIFFRACTION' ? 
r_dihedral_angle_1_deg       ?      ?     ? ?   'X-RAY DIFFRACTION' ? 
r_dihedral_angle_2_deg       ?      ?     ? ?   'X-RAY DIFFRACTION' ? 
r_dihedral_angle_3_deg       ?      ?     ? ?   'X-RAY DIFFRACTION' ? 
r_dihedral_angle_4_deg       ?      ?     ? ?   'X-RAY DIFFRACTION' ? 
r_chiral_restr               3.623  0.200 ? 21  'X-RAY DIFFRACTION' ? 
r_gen_planes_refined         0.223  0.020 ? 156 'X-RAY DIFFRACTION' ? 
r_gen_planes_other           0.296  0.020 ? 68  'X-RAY DIFFRACTION' ? 
r_nbd_refined                ?      ?     ? ?   'X-RAY DIFFRACTION' ? 
r_nbd_other                  ?      ?     ? ?   'X-RAY DIFFRACTION' ? 
r_nbtor_refined              ?      ?     ? ?   'X-RAY DIFFRACTION' ? 
r_nbtor_other                ?      ?     ? ?   'X-RAY DIFFRACTION' ? 
r_xyhbond_nbd_refined        ?      ?     ? ?   'X-RAY DIFFRACTION' ? 
r_xyhbond_nbd_other          ?      ?     ? ?   'X-RAY DIFFRACTION' ? 
r_metal_ion_refined          ?      ?     ? ?   'X-RAY DIFFRACTION' ? 
r_metal_ion_other            ?      ?     ? ?   'X-RAY DIFFRACTION' ? 
r_symmetry_vdw_refined       ?      ?     ? ?   'X-RAY DIFFRACTION' ? 
r_symmetry_vdw_other         ?      ?     ? ?   'X-RAY DIFFRACTION' ? 
r_symmetry_hbond_refined     ?      ?     ? ?   'X-RAY DIFFRACTION' ? 
r_symmetry_hbond_other       ?      ?     ? ?   'X-RAY DIFFRACTION' ? 
r_symmetry_metal_ion_refined ?      ?     ? ?   'X-RAY DIFFRACTION' ? 
r_symmetry_metal_ion_other   ?      ?     ? ?   'X-RAY DIFFRACTION' ? 
r_mcbond_it                  ?      ?     ? ?   'X-RAY DIFFRACTION' ? 
r_mcbond_other               ?      ?     ? ?   'X-RAY DIFFRACTION' ? 
r_mcangle_it                 ?      ?     ? ?   'X-RAY DIFFRACTION' ? 
r_mcangle_other              ?      ?     ? ?   'X-RAY DIFFRACTION' ? 
r_scbond_it                  1.468  0.927 ? 252 'X-RAY DIFFRACTION' ? 
r_scbond_other               ?      ?     ? ?   'X-RAY DIFFRACTION' ? 
r_scangle_it                 ?      ?     ? ?   'X-RAY DIFFRACTION' ? 
r_scangle_other              ?      ?     ? ?   'X-RAY DIFFRACTION' ? 
r_long_range_B_refined       ?      ?     ? ?   'X-RAY DIFFRACTION' ? 
r_long_range_B_other         ?      ?     ? ?   'X-RAY DIFFRACTION' ? 
r_rigid_bond_restr           14.638 3.000 ? 650 'X-RAY DIFFRACTION' ? 
r_sphericity_free            57.545 5.000 ? 15  'X-RAY DIFFRACTION' ? 
r_sphericity_bonded          7.632  5.000 ? 731 'X-RAY DIFFRACTION' ? 
# 
_refine_ls_shell.pdbx_refine_id                   'X-RAY DIFFRACTION' 
_refine_ls_shell.pdbx_total_number_of_bins_used   20 
_refine_ls_shell.d_res_high                       1.20 
_refine_ls_shell.d_res_low                        1.23 
_refine_ls_shell.number_reflns_R_work             900 
_refine_ls_shell.R_factor_R_work                  0.1400 
_refine_ls_shell.percent_reflns_obs               98.44 
_refine_ls_shell.R_factor_R_free                  0.1610 
_refine_ls_shell.R_factor_R_free_error            ? 
_refine_ls_shell.percent_reflns_R_free            ? 
_refine_ls_shell.number_reflns_R_free             46 
_refine_ls_shell.number_reflns_all                ? 
_refine_ls_shell.R_factor_all                     ? 
# 
_struct.entry_id                     5D8T 
_struct.title                        
;RNA octamer containing (S)-5' methyl, 2'-F U.
;
_struct.pdbx_model_details           ? 
_struct.pdbx_formula_weight          ? 
_struct.pdbx_formula_weight_method   ? 
_struct.pdbx_model_type_details      ? 
_struct.pdbx_CASP_flag               ? 
# 
_struct_keywords.entry_id        5D8T 
_struct_keywords.text            'RNA, modified base' 
_struct_keywords.pdbx_keywords   RNA 
# 
loop_
_struct_asym.id 
_struct_asym.pdbx_blank_PDB_chainid_flag 
_struct_asym.pdbx_modified 
_struct_asym.entity_id 
_struct_asym.details 
A N N 1 ? 
B N N 1 ? 
C N N 2 ? 
D N N 2 ? 
E N N 2 ? 
F N N 2 ? 
G N N 3 ? 
H N N 3 ? 
# 
_struct_ref.id                         1 
_struct_ref.db_name                    PDB 
_struct_ref.db_code                    5D8T 
_struct_ref.pdbx_db_accession          5D8T 
_struct_ref.pdbx_db_isoform            ? 
_struct_ref.entity_id                  1 
_struct_ref.pdbx_seq_one_letter_code   ? 
_struct_ref.pdbx_align_begin           1 
# 
loop_
_struct_ref_seq.align_id 
_struct_ref_seq.ref_id 
_struct_ref_seq.pdbx_PDB_id_code 
_struct_ref_seq.pdbx_strand_id 
_struct_ref_seq.seq_align_beg 
_struct_ref_seq.pdbx_seq_align_beg_ins_code 
_struct_ref_seq.seq_align_end 
_struct_ref_seq.pdbx_seq_align_end_ins_code 
_struct_ref_seq.pdbx_db_accession 
_struct_ref_seq.db_align_beg 
_struct_ref_seq.pdbx_db_align_beg_ins_code 
_struct_ref_seq.db_align_end 
_struct_ref_seq.pdbx_db_align_end_ins_code 
_struct_ref_seq.pdbx_auth_seq_align_beg 
_struct_ref_seq.pdbx_auth_seq_align_end 
1 1 5D8T A 1 ? 8 ? 5D8T 1 ? 8 ? 1 8 
2 1 5D8T B 1 ? 8 ? 5D8T 1 ? 8 ? 1 8 
# 
_pdbx_struct_assembly.id                   1 
_pdbx_struct_assembly.details              author_and_software_defined_assembly 
_pdbx_struct_assembly.method_details       PISA 
_pdbx_struct_assembly.oligomeric_details   dimeric 
_pdbx_struct_assembly.oligomeric_count     2 
# 
loop_
_pdbx_struct_assembly_prop.biol_id 
_pdbx_struct_assembly_prop.type 
_pdbx_struct_assembly_prop.value 
_pdbx_struct_assembly_prop.details 
1 'ABSA (A^2)' 2350 ? 
1 MORE         -1   ? 
1 'SSA (A^2)'  3160 ? 
# 
_pdbx_struct_assembly_gen.assembly_id       1 
_pdbx_struct_assembly_gen.oper_expression   1 
_pdbx_struct_assembly_gen.asym_id_list      A,B,C,D,E,F,G,H 
# 
_pdbx_struct_oper_list.id                   1 
_pdbx_struct_oper_list.type                 'identity operation' 
_pdbx_struct_oper_list.name                 1_555 
_pdbx_struct_oper_list.symmetry_operation   x,y,z 
_pdbx_struct_oper_list.matrix[1][1]         1.0000000000 
_pdbx_struct_oper_list.matrix[1][2]         0.0000000000 
_pdbx_struct_oper_list.matrix[1][3]         0.0000000000 
_pdbx_struct_oper_list.vector[1]            0.0000000000 
_pdbx_struct_oper_list.matrix[2][1]         0.0000000000 
_pdbx_struct_oper_list.matrix[2][2]         1.0000000000 
_pdbx_struct_oper_list.matrix[2][3]         0.0000000000 
_pdbx_struct_oper_list.vector[2]            0.0000000000 
_pdbx_struct_oper_list.matrix[3][1]         0.0000000000 
_pdbx_struct_oper_list.matrix[3][2]         0.0000000000 
_pdbx_struct_oper_list.matrix[3][3]         1.0000000000 
_pdbx_struct_oper_list.vector[3]            0.0000000000 
# 
loop_
_struct_conn.id 
_struct_conn.conn_type_id 
_struct_conn.pdbx_leaving_atom_flag 
_struct_conn.pdbx_PDB_id 
_struct_conn.ptnr1_label_asym_id 
_struct_conn.ptnr1_label_comp_id 
_struct_conn.ptnr1_label_seq_id 
_struct_conn.ptnr1_label_atom_id 
_struct_conn.pdbx_ptnr1_label_alt_id 
_struct_conn.pdbx_ptnr1_PDB_ins_code 
_struct_conn.pdbx_ptnr1_standard_comp_id 
_struct_conn.ptnr1_symmetry 
_struct_conn.ptnr2_label_asym_id 
_struct_conn.ptnr2_label_comp_id 
_struct_conn.ptnr2_label_seq_id 
_struct_conn.ptnr2_label_atom_id 
_struct_conn.pdbx_ptnr2_label_alt_id 
_struct_conn.pdbx_ptnr2_PDB_ins_code 
_struct_conn.ptnr1_auth_asym_id 
_struct_conn.ptnr1_auth_comp_id 
_struct_conn.ptnr1_auth_seq_id 
_struct_conn.ptnr2_auth_asym_id 
_struct_conn.ptnr2_auth_comp_id 
_struct_conn.ptnr2_auth_seq_id 
_struct_conn.ptnr2_symmetry 
_struct_conn.pdbx_ptnr3_label_atom_id 
_struct_conn.pdbx_ptnr3_label_seq_id 
_struct_conn.pdbx_ptnr3_label_comp_id 
_struct_conn.pdbx_ptnr3_label_asym_id 
_struct_conn.pdbx_ptnr3_label_alt_id 
_struct_conn.pdbx_ptnr3_PDB_ins_code 
_struct_conn.details 
_struct_conn.pdbx_dist_value 
_struct_conn.pdbx_value_order 
_struct_conn.pdbx_role 
covale1  covale one  ? A CBV 1 "O3'" ? ? ? 1_555 A G   2 P  ? ? A CBV 1 A G   2 1_555 ? ? ? ? ? ? ?            1.597 ? ? 
covale2  covale both ? A A   4 "O3'" ? ? ? 1_555 A U5M 5 P  ? ? A A   4 A U5M 5 1_555 ? ? ? ? ? ? ?            1.642 ? ? 
covale3  covale one  ? A U5M 5 "O3'" ? ? ? 1_555 A U   6 P  ? ? A U5M 5 A U   6 1_555 ? ? ? ? ? ? ?            1.581 ? ? 
covale4  covale one  ? B CBV 1 "O3'" ? ? ? 1_555 B G   2 P  ? ? B CBV 1 B G   2 1_555 ? ? ? ? ? ? ?            1.600 ? ? 
covale5  covale both ? B A   4 "O3'" ? ? ? 1_555 B U5M 5 P  ? ? B A   4 B U5M 5 1_555 ? ? ? ? ? ? ?            1.623 ? ? 
covale6  covale one  ? B U5M 5 "O3'" ? ? ? 1_555 B U   6 P  ? ? B U5M 5 B U   6 1_555 ? ? ? ? ? ? ?            1.563 ? ? 
hydrog1  hydrog ?    ? A CBV 1 N3    ? ? ? 1_555 B G   8 N1 ? ? A CBV 1 B G   8 1_555 ? ? ? ? ? ? WATSON-CRICK ?     ? ? 
hydrog2  hydrog ?    ? A CBV 1 N4    ? ? ? 1_555 B G   8 O6 ? ? A CBV 1 B G   8 1_555 ? ? ? ? ? ? WATSON-CRICK ?     ? ? 
hydrog3  hydrog ?    ? A CBV 1 O2    ? ? ? 1_555 B G   8 N2 ? ? A CBV 1 B G   8 1_555 ? ? ? ? ? ? WATSON-CRICK ?     ? ? 
hydrog4  hydrog ?    ? A G   2 N1    ? ? ? 1_555 B C   7 N3 ? ? A G   2 B C   7 1_555 ? ? ? ? ? ? WATSON-CRICK ?     ? ? 
hydrog5  hydrog ?    ? A G   2 N2    ? ? ? 1_555 B C   7 O2 ? ? A G   2 B C   7 1_555 ? ? ? ? ? ? WATSON-CRICK ?     ? ? 
hydrog6  hydrog ?    ? A G   2 O6    ? ? ? 1_555 B C   7 N4 ? ? A G   2 B C   7 1_555 ? ? ? ? ? ? WATSON-CRICK ?     ? ? 
hydrog7  hydrog ?    ? A A   3 N1    ? ? ? 1_555 B U   6 N3 ? ? A A   3 B U   6 1_555 ? ? ? ? ? ? WATSON-CRICK ?     ? ? 
hydrog8  hydrog ?    ? A A   3 N6    ? ? ? 1_555 B U   6 O4 ? ? A A   3 B U   6 1_555 ? ? ? ? ? ? WATSON-CRICK ?     ? ? 
hydrog9  hydrog ?    ? A U   6 N3    ? ? ? 1_555 B A   3 N1 ? ? A U   6 B A   3 1_555 ? ? ? ? ? ? WATSON-CRICK ?     ? ? 
hydrog10 hydrog ?    ? A U   6 O4    ? ? ? 1_555 B A   3 N6 ? ? A U   6 B A   3 1_555 ? ? ? ? ? ? WATSON-CRICK ?     ? ? 
hydrog11 hydrog ?    ? A C   7 N3    ? ? ? 1_555 B G   2 N1 ? ? A C   7 B G   2 1_555 ? ? ? ? ? ? WATSON-CRICK ?     ? ? 
hydrog12 hydrog ?    ? A C   7 N4    ? ? ? 1_555 B G   2 O6 ? ? A C   7 B G   2 1_555 ? ? ? ? ? ? WATSON-CRICK ?     ? ? 
hydrog13 hydrog ?    ? A C   7 O2    ? ? ? 1_555 B G   2 N2 ? ? A C   7 B G   2 1_555 ? ? ? ? ? ? WATSON-CRICK ?     ? ? 
hydrog14 hydrog ?    ? A G   8 N1    ? ? ? 1_555 B CBV 1 N3 ? ? A G   8 B CBV 1 1_555 ? ? ? ? ? ? WATSON-CRICK ?     ? ? 
hydrog15 hydrog ?    ? A G   8 N2    ? ? ? 1_555 B CBV 1 O2 ? ? A G   8 B CBV 1 1_555 ? ? ? ? ? ? WATSON-CRICK ?     ? ? 
hydrog16 hydrog ?    ? A G   8 O6    ? ? ? 1_555 B CBV 1 N4 ? ? A G   8 B CBV 1 1_555 ? ? ? ? ? ? WATSON-CRICK ?     ? ? 
# 
loop_
_struct_conn_type.id 
_struct_conn_type.criteria 
_struct_conn_type.reference 
covale ? ? 
hydrog ? ? 
# 
loop_
_struct_site.id 
_struct_site.pdbx_evidence_code 
_struct_site.pdbx_auth_asym_id 
_struct_site.pdbx_auth_comp_id 
_struct_site.pdbx_auth_seq_id 
_struct_site.pdbx_auth_ins_code 
_struct_site.pdbx_num_residues 
_struct_site.details 
AC1 Software A NCO 101 ? 10 'binding site for residue NCO A 101'               
AC2 Software A NCO 102 ? 10 'binding site for residue NCO A 102'               
AC3 Software B NCO 101 ? 12 'binding site for residue NCO B 101'               
AC4 Software B NCO 102 ? 6  'binding site for residue NCO B 102'               
AC5 Software B CBV 1   ? 21 'binding site for Di-nucleotide CBV B 1 and G B 2' 
AC6 Software B A   4   ? 25 'binding site for Di-nucleotide A B 4 and U5M B 5' 
# 
loop_
_struct_site_gen.id 
_struct_site_gen.site_id 
_struct_site_gen.pdbx_num_res 
_struct_site_gen.label_comp_id 
_struct_site_gen.label_asym_id 
_struct_site_gen.label_seq_id 
_struct_site_gen.pdbx_auth_ins_code 
_struct_site_gen.auth_comp_id 
_struct_site_gen.auth_asym_id 
_struct_site_gen.auth_seq_id 
_struct_site_gen.label_atom_id 
_struct_site_gen.label_alt_id 
_struct_site_gen.symmetry 
_struct_site_gen.details 
1  AC1 10 A   A 3 ? A   A 3   . ? 1_555 ? 
2  AC1 10 U5M A 5 ? U5M A 5   . ? 1_555 ? 
3  AC1 10 U   A 6 ? U   A 6   . ? 1_555 ? 
4  AC1 10 HOH G . ? HOH A 220 . ? 1_555 ? 
5  AC1 10 HOH G . ? HOH A 223 . ? 1_555 ? 
6  AC1 10 HOH G . ? HOH A 230 . ? 1_555 ? 
7  AC1 10 HOH G . ? HOH A 236 . ? 1_555 ? 
8  AC1 10 HOH G . ? HOH A 237 . ? 1_555 ? 
9  AC1 10 HOH H . ? HOH B 222 . ? 1_555 ? 
10 AC1 10 HOH H . ? HOH B 244 . ? 4_545 ? 
11 AC2 10 CBV A 1 ? CBV A 1   . ? 6_535 ? 
12 AC2 10 G   A 2 ? G   A 2   . ? 6_535 ? 
13 AC2 10 A   A 4 ? A   A 4   . ? 1_555 ? 
14 AC2 10 U5M A 5 ? U5M A 5   . ? 1_555 ? 
15 AC2 10 HOH G . ? HOH A 240 . ? 1_555 ? 
16 AC2 10 HOH G . ? HOH A 256 . ? 6_535 ? 
17 AC2 10 HOH H . ? HOH B 245 . ? 6_535 ? 
18 AC2 10 HOH H . ? HOH B 248 . ? 4_545 ? 
19 AC2 10 HOH H . ? HOH B 252 . ? 6_535 ? 
20 AC2 10 HOH H . ? HOH B 261 . ? 4_545 ? 
21 AC3 12 CBV A 1 ? CBV A 1   . ? 1_555 ? 
22 AC3 12 G   A 2 ? G   A 2   . ? 1_555 ? 
23 AC3 12 HOH G . ? HOH A 215 . ? 1_555 ? 
24 AC3 12 HOH G . ? HOH A 238 . ? 1_555 ? 
25 AC3 12 HOH G . ? HOH A 246 . ? 3_444 ? 
26 AC3 12 G   B 2 ? G   B 2   . ? 1_555 ? 
27 AC3 12 A   B 3 ? A   B 3   . ? 1_555 ? 
28 AC3 12 HOH H . ? HOH B 225 . ? 1_555 ? 
29 AC3 12 HOH H . ? HOH B 229 . ? 1_555 ? 
30 AC3 12 HOH H . ? HOH B 230 . ? 1_555 ? 
31 AC3 12 HOH H . ? HOH B 241 . ? 1_555 ? 
32 AC3 12 HOH H . ? HOH B 247 . ? 1_555 ? 
33 AC4 6  C   A 7 ? C   A 7   . ? 3_444 ? 
34 AC4 6  G   A 8 ? G   A 8   . ? 3_444 ? 
35 AC4 6  HOH G . ? HOH A 224 . ? 3_444 ? 
36 AC4 6  HOH G . ? HOH A 255 . ? 3_444 ? 
37 AC4 6  A   B 4 ? A   B 4   . ? 1_555 ? 
38 AC4 6  HOH H . ? HOH B 215 . ? 1_555 ? 
39 AC5 21 A   A 4 ? A   A 4   . ? 6_435 ? 
40 AC5 21 C   A 7 ? C   A 7   . ? 1_555 ? 
41 AC5 21 G   A 8 ? G   A 8   . ? 1_555 ? 
42 AC5 21 HOH G . ? HOH A 242 . ? 6_435 ? 
43 AC5 21 A   B 3 ? A   B 3   . ? 1_555 ? 
44 AC5 21 G   B 8 ? G   B 8   . ? 4_545 ? 
45 AC5 21 NCO E . ? NCO B 101 . ? 1_555 ? 
46 AC5 21 HOH H . ? HOH B 203 . ? 1_555 ? 
47 AC5 21 HOH H . ? HOH B 204 . ? 1_555 ? 
48 AC5 21 HOH H . ? HOH B 217 . ? 1_555 ? 
49 AC5 21 HOH H . ? HOH B 218 . ? 1_555 ? 
50 AC5 21 HOH H . ? HOH B 219 . ? 1_555 ? 
51 AC5 21 HOH H . ? HOH B 221 . ? 1_555 ? 
52 AC5 21 HOH H . ? HOH B 222 . ? 1_555 ? 
53 AC5 21 HOH H . ? HOH B 232 . ? 1_555 ? 
54 AC5 21 HOH H . ? HOH B 234 . ? 1_555 ? 
55 AC5 21 HOH H . ? HOH B 236 . ? 1_555 ? 
56 AC5 21 HOH H . ? HOH B 241 . ? 1_555 ? 
57 AC5 21 HOH H . ? HOH B 244 . ? 4_545 ? 
58 AC5 21 HOH H . ? HOH B 245 . ? 1_555 ? 
59 AC5 21 HOH H . ? HOH B 249 . ? 1_555 ? 
60 AC6 25 A   A 4 ? A   A 4   . ? 1_555 ? 
61 AC6 25 U5M A 5 ? U5M A 5   . ? 1_555 ? 
62 AC6 25 U   A 6 ? U   A 6   . ? 6_445 ? 
63 AC6 25 U   A 6 ? U   A 6   . ? 1_555 ? 
64 AC6 25 HOH G . ? HOH A 211 . ? 6_545 ? 
65 AC6 25 HOH G . ? HOH A 227 . ? 6_445 ? 
66 AC6 25 HOH G . ? HOH A 237 . ? 1_555 ? 
67 AC6 25 HOH G . ? HOH A 251 . ? 6_545 ? 
68 AC6 25 HOH G . ? HOH A 255 . ? 3_444 ? 
69 AC6 25 A   B 3 ? A   B 3   . ? 1_555 ? 
70 AC6 25 U   B 6 ? U   B 6   . ? 1_555 ? 
71 AC6 25 NCO F . ? NCO B 102 . ? 1_555 ? 
72 AC6 25 HOH H . ? HOH B 206 . ? 1_555 ? 
73 AC6 25 HOH H . ? HOH B 207 . ? 1_555 ? 
74 AC6 25 HOH H . ? HOH B 208 . ? 1_555 ? 
75 AC6 25 HOH H . ? HOH B 214 . ? 1_555 ? 
76 AC6 25 HOH H . ? HOH B 216 . ? 1_555 ? 
77 AC6 25 HOH H . ? HOH B 224 . ? 1_555 ? 
78 AC6 25 HOH H . ? HOH B 225 . ? 1_555 ? 
79 AC6 25 HOH H . ? HOH B 226 . ? 1_555 ? 
80 AC6 25 HOH H . ? HOH B 227 . ? 1_555 ? 
81 AC6 25 HOH H . ? HOH B 230 . ? 1_555 ? 
82 AC6 25 HOH H . ? HOH B 237 . ? 1_555 ? 
83 AC6 25 HOH H . ? HOH B 240 . ? 1_555 ? 
84 AC6 25 HOH H . ? HOH B 243 . ? 1_555 ? 
# 
loop_
_pdbx_validate_close_contact.id 
_pdbx_validate_close_contact.PDB_model_num 
_pdbx_validate_close_contact.auth_atom_id_1 
_pdbx_validate_close_contact.auth_asym_id_1 
_pdbx_validate_close_contact.auth_comp_id_1 
_pdbx_validate_close_contact.auth_seq_id_1 
_pdbx_validate_close_contact.PDB_ins_code_1 
_pdbx_validate_close_contact.label_alt_id_1 
_pdbx_validate_close_contact.auth_atom_id_2 
_pdbx_validate_close_contact.auth_asym_id_2 
_pdbx_validate_close_contact.auth_comp_id_2 
_pdbx_validate_close_contact.auth_seq_id_2 
_pdbx_validate_close_contact.PDB_ins_code_2 
_pdbx_validate_close_contact.label_alt_id_2 
_pdbx_validate_close_contact.dist 
1 1 O B HOH 212 ? ? O B HOH 261 ? ? 1.71 
2 1 O B HOH 201 ? ? O B HOH 212 ? ? 1.95 
3 1 O B HOH 243 ? ? O B HOH 263 ? ? 2.12 
# 
loop_
_pdbx_validate_planes.id 
_pdbx_validate_planes.PDB_model_num 
_pdbx_validate_planes.auth_comp_id 
_pdbx_validate_planes.auth_asym_id 
_pdbx_validate_planes.auth_seq_id 
_pdbx_validate_planes.PDB_ins_code 
_pdbx_validate_planes.label_alt_id 
_pdbx_validate_planes.rmsd 
_pdbx_validate_planes.type 
1 1 A A 3 ? ? 0.065 'SIDE CHAIN' 
2 1 G B 8 ? ? 0.060 'SIDE CHAIN' 
# 
_diffrn_reflns.diffrn_id                   1 
_diffrn_reflns.pdbx_d_res_high             1.200 
_diffrn_reflns.pdbx_d_res_low              50.000 
_diffrn_reflns.pdbx_number_obs             13758 
_diffrn_reflns.pdbx_Rmerge_I_obs           0.145 
_diffrn_reflns.pdbx_Rsym_value             ? 
_diffrn_reflns.pdbx_chi_squared            1.09 
_diffrn_reflns.pdbx_redundancy             14.10 
_diffrn_reflns.pdbx_rejects                ? 
_diffrn_reflns.pdbx_percent_possible_obs   99.70 
_diffrn_reflns.pdbx_observed_criterion     ? 
_diffrn_reflns.number                      193718 
_diffrn_reflns.limit_h_max                 ? 
_diffrn_reflns.limit_h_min                 ? 
_diffrn_reflns.limit_k_max                 ? 
_diffrn_reflns.limit_k_min                 ? 
_diffrn_reflns.limit_l_max                 ? 
_diffrn_reflns.limit_l_min                 ? 
# 
loop_
_pdbx_diffrn_reflns_shell.diffrn_id 
_pdbx_diffrn_reflns_shell.d_res_high 
_pdbx_diffrn_reflns_shell.d_res_low 
_pdbx_diffrn_reflns_shell.number_obs 
_pdbx_diffrn_reflns_shell.rejects 
_pdbx_diffrn_reflns_shell.Rmerge_I_obs 
_pdbx_diffrn_reflns_shell.Rsym_value 
_pdbx_diffrn_reflns_shell.chi_squared 
_pdbx_diffrn_reflns_shell.redundancy 
_pdbx_diffrn_reflns_shell.percent_possible_obs 
1 3.26 50.00 ? ? 0.074 ? 1.029 13.10 ? 
1 2.59 3.26  ? ? 0.088 ? 1.074 15.20 ? 
1 2.26 2.59  ? ? 0.103 ? 1.253 16.40 ? 
1 2.05 2.26  ? ? 0.123 ? 1.259 16.50 ? 
1 1.90 2.05  ? ? 0.137 ? 1.152 16.70 ? 
1 1.79 1.90  ? ? 0.157 ? 1.132 16.70 ? 
1 1.70 1.79  ? ? 0.168 ? 1.123 16.90 ? 
1 1.63 1.70  ? ? 0.214 ? 1.177 16.70 ? 
1 1.57 1.63  ? ? 0.303 ? 1.118 16.90 ? 
1 1.51 1.57  ? ? 0.391 ? 1.127 16.60 ? 
1 1.46 1.51  ? ? 0.510 ? 1.086 16.40 ? 
1 1.42 1.46  ? ? 0.555 ? 1.033 16.00 ? 
1 1.39 1.42  ? ? 0.589 ? 1.056 14.70 ? 
1 1.35 1.39  ? ? 0.577 ? 1.006 13.00 ? 
1 1.32 1.35  ? ? 0.500 ? 1.047 11.70 ? 
1 1.29 1.32  ? ? 0.534 ? 1.000 11.10 ? 
1 1.27 1.29  ? ? 0.498 ? 0.997 10.10 ? 
1 1.24 1.27  ? ? 0.529 ? 0.933 9.40  ? 
1 1.22 1.24  ? ? 0.552 ? 0.937 8.70  ? 
1 1.20 1.22  ? ? 0.584 ? 0.953 8.10  ? 
# 
_phasing.method   SAD 
# 
loop_
_pdbx_distant_solvent_atoms.id 
_pdbx_distant_solvent_atoms.PDB_model_num 
_pdbx_distant_solvent_atoms.auth_atom_id 
_pdbx_distant_solvent_atoms.label_alt_id 
_pdbx_distant_solvent_atoms.auth_asym_id 
_pdbx_distant_solvent_atoms.auth_comp_id 
_pdbx_distant_solvent_atoms.auth_seq_id 
_pdbx_distant_solvent_atoms.PDB_ins_code 
_pdbx_distant_solvent_atoms.neighbor_macromolecule_distance 
_pdbx_distant_solvent_atoms.neighbor_ligand_distance 
1 1 O ? A HOH 257 ? 6.42 . 
2 1 O ? A HOH 258 ? 6.78 . 
3 1 O ? A HOH 259 ? 7.04 . 
4 1 O ? B HOH 267 ? 6.56 . 
# 
loop_
_chem_comp_atom.comp_id 
_chem_comp_atom.atom_id 
_chem_comp_atom.type_symbol 
_chem_comp_atom.pdbx_aromatic_flag 
_chem_comp_atom.pdbx_stereo_config 
_chem_comp_atom.pdbx_ordinal 
A   OP3    O  N N 1   
A   P      P  N N 2   
A   OP1    O  N N 3   
A   OP2    O  N N 4   
A   "O5'"  O  N N 5   
A   "C5'"  C  N N 6   
A   "C4'"  C  N R 7   
A   "O4'"  O  N N 8   
A   "C3'"  C  N S 9   
A   "O3'"  O  N N 10  
A   "C2'"  C  N R 11  
A   "O2'"  O  N N 12  
A   "C1'"  C  N R 13  
A   N9     N  Y N 14  
A   C8     C  Y N 15  
A   N7     N  Y N 16  
A   C5     C  Y N 17  
A   C6     C  Y N 18  
A   N6     N  N N 19  
A   N1     N  Y N 20  
A   C2     C  Y N 21  
A   N3     N  Y N 22  
A   C4     C  Y N 23  
A   HOP3   H  N N 24  
A   HOP2   H  N N 25  
A   "H5'"  H  N N 26  
A   "H5''" H  N N 27  
A   "H4'"  H  N N 28  
A   "H3'"  H  N N 29  
A   "HO3'" H  N N 30  
A   "H2'"  H  N N 31  
A   "HO2'" H  N N 32  
A   "H1'"  H  N N 33  
A   H8     H  N N 34  
A   H61    H  N N 35  
A   H62    H  N N 36  
A   H2     H  N N 37  
C   OP3    O  N N 38  
C   P      P  N N 39  
C   OP1    O  N N 40  
C   OP2    O  N N 41  
C   "O5'"  O  N N 42  
C   "C5'"  C  N N 43  
C   "C4'"  C  N R 44  
C   "O4'"  O  N N 45  
C   "C3'"  C  N S 46  
C   "O3'"  O  N N 47  
C   "C2'"  C  N R 48  
C   "O2'"  O  N N 49  
C   "C1'"  C  N R 50  
C   N1     N  N N 51  
C   C2     C  N N 52  
C   O2     O  N N 53  
C   N3     N  N N 54  
C   C4     C  N N 55  
C   N4     N  N N 56  
C   C5     C  N N 57  
C   C6     C  N N 58  
C   HOP3   H  N N 59  
C   HOP2   H  N N 60  
C   "H5'"  H  N N 61  
C   "H5''" H  N N 62  
C   "H4'"  H  N N 63  
C   "H3'"  H  N N 64  
C   "HO3'" H  N N 65  
C   "H2'"  H  N N 66  
C   "HO2'" H  N N 67  
C   "H1'"  H  N N 68  
C   H41    H  N N 69  
C   H42    H  N N 70  
C   H5     H  N N 71  
C   H6     H  N N 72  
CBV O3P    O  N N 73  
CBV P      P  N N 74  
CBV O1P    O  N N 75  
CBV O2P    O  N N 76  
CBV "O5'"  O  N N 77  
CBV "C5'"  C  N N 78  
CBV "C4'"  C  N R 79  
CBV "O4'"  O  N N 80  
CBV "C3'"  C  N S 81  
CBV "O3'"  O  N N 82  
CBV "C2'"  C  N R 83  
CBV "O2'"  O  N N 84  
CBV "C1'"  C  N R 85  
CBV N1     N  N N 86  
CBV C2     C  N N 87  
CBV O2     O  N N 88  
CBV N3     N  N N 89  
CBV C4     C  N N 90  
CBV N4     N  N N 91  
CBV C5     C  N N 92  
CBV C6     C  N N 93  
CBV BR     BR N N 94  
CBV HO3P   H  N N 95  
CBV HO1P   H  N N 96  
CBV "H5'1" H  N N 97  
CBV "H5'2" H  N N 98  
CBV "H4'"  H  N N 99  
CBV "H3'"  H  N N 100 
CBV "HO3'" H  N N 101 
CBV "H2'"  H  N N 102 
CBV "HO2'" H  N N 103 
CBV "H1'"  H  N N 104 
CBV HN41   H  N N 105 
CBV HN42   H  N N 106 
CBV H6     H  N N 107 
G   OP3    O  N N 108 
G   P      P  N N 109 
G   OP1    O  N N 110 
G   OP2    O  N N 111 
G   "O5'"  O  N N 112 
G   "C5'"  C  N N 113 
G   "C4'"  C  N R 114 
G   "O4'"  O  N N 115 
G   "C3'"  C  N S 116 
G   "O3'"  O  N N 117 
G   "C2'"  C  N R 118 
G   "O2'"  O  N N 119 
G   "C1'"  C  N R 120 
G   N9     N  Y N 121 
G   C8     C  Y N 122 
G   N7     N  Y N 123 
G   C5     C  Y N 124 
G   C6     C  N N 125 
G   O6     O  N N 126 
G   N1     N  N N 127 
G   C2     C  N N 128 
G   N2     N  N N 129 
G   N3     N  N N 130 
G   C4     C  Y N 131 
G   HOP3   H  N N 132 
G   HOP2   H  N N 133 
G   "H5'"  H  N N 134 
G   "H5''" H  N N 135 
G   "H4'"  H  N N 136 
G   "H3'"  H  N N 137 
G   "HO3'" H  N N 138 
G   "H2'"  H  N N 139 
G   "HO2'" H  N N 140 
G   "H1'"  H  N N 141 
G   H8     H  N N 142 
G   H1     H  N N 143 
G   H21    H  N N 144 
G   H22    H  N N 145 
HOH O      O  N N 146 
HOH H1     H  N N 147 
HOH H2     H  N N 148 
NCO CO     CO N N 149 
NCO N1     N  N N 150 
NCO N2     N  N N 151 
NCO N3     N  N N 152 
NCO N4     N  N N 153 
NCO N5     N  N N 154 
NCO N6     N  N N 155 
NCO HN11   H  N N 156 
NCO HN12   H  N N 157 
NCO HN13   H  N N 158 
NCO HN21   H  N N 159 
NCO HN22   H  N N 160 
NCO HN23   H  N N 161 
NCO HN31   H  N N 162 
NCO HN32   H  N N 163 
NCO HN33   H  N N 164 
NCO HN41   H  N N 165 
NCO HN42   H  N N 166 
NCO HN43   H  N N 167 
NCO HN51   H  N N 168 
NCO HN52   H  N N 169 
NCO HN53   H  N N 170 
NCO HN61   H  N N 171 
NCO HN62   H  N N 172 
NCO HN63   H  N N 173 
U   OP3    O  N N 174 
U   P      P  N N 175 
U   OP1    O  N N 176 
U   OP2    O  N N 177 
U   "O5'"  O  N N 178 
U   "C5'"  C  N N 179 
U   "C4'"  C  N R 180 
U   "O4'"  O  N N 181 
U   "C3'"  C  N S 182 
U   "O3'"  O  N N 183 
U   "C2'"  C  N R 184 
U   "O2'"  O  N N 185 
U   "C1'"  C  N R 186 
U   N1     N  N N 187 
U   C2     C  N N 188 
U   O2     O  N N 189 
U   N3     N  N N 190 
U   C4     C  N N 191 
U   O4     O  N N 192 
U   C5     C  N N 193 
U   C6     C  N N 194 
U   HOP3   H  N N 195 
U   HOP2   H  N N 196 
U   "H5'"  H  N N 197 
U   "H5''" H  N N 198 
U   "H4'"  H  N N 199 
U   "H3'"  H  N N 200 
U   "HO3'" H  N N 201 
U   "H2'"  H  N N 202 
U   "HO2'" H  N N 203 
U   "H1'"  H  N N 204 
U   H3     H  N N 205 
U   H5     H  N N 206 
U   H6     H  N N 207 
U5M O2     O  N N 208 
U5M C2     C  N N 209 
U5M N3     N  N N 210 
U5M C4     C  N N 211 
U5M O4     O  N N 212 
U5M C5     C  N N 213 
U5M C6     C  N N 214 
U5M N1     N  N N 215 
U5M "C1'"  C  N R 216 
U5M "O4'"  O  N N 217 
U5M "C2'"  C  N R 218 
U5M "F2'"  F  N N 219 
U5M "C3'"  C  N R 220 
U5M "O3'"  O  N N 221 
U5M "C4'"  C  N S 222 
U5M "C5'"  C  N S 223 
U5M C5M    C  N N 224 
U5M "O5'"  O  N N 225 
U5M P      P  N N 226 
U5M OP1    O  N N 227 
U5M OP2    O  N N 228 
U5M H3     H  N N 229 
U5M H5     H  N N 230 
U5M H6     H  N N 231 
U5M "H1'"  H  N N 232 
U5M "H2'"  H  N N 233 
U5M "H3'"  H  N N 234 
U5M H6N    H  N N 235 
U5M "H4'"  H  N N 236 
U5M "H5'"  H  N N 237 
U5M H6L    H  N N 238 
U5M H6M    H  N N 239 
U5M H5M    H  N N 240 
U5M H1     H  N N 241 
U5M OP3    O  N N 242 
U5M H2     H  N N 243 
# 
loop_
_chem_comp_bond.comp_id 
_chem_comp_bond.atom_id_1 
_chem_comp_bond.atom_id_2 
_chem_comp_bond.value_order 
_chem_comp_bond.pdbx_aromatic_flag 
_chem_comp_bond.pdbx_stereo_config 
_chem_comp_bond.pdbx_ordinal 
A   OP3   P      sing N N 1   
A   OP3   HOP3   sing N N 2   
A   P     OP1    doub N N 3   
A   P     OP2    sing N N 4   
A   P     "O5'"  sing N N 5   
A   OP2   HOP2   sing N N 6   
A   "O5'" "C5'"  sing N N 7   
A   "C5'" "C4'"  sing N N 8   
A   "C5'" "H5'"  sing N N 9   
A   "C5'" "H5''" sing N N 10  
A   "C4'" "O4'"  sing N N 11  
A   "C4'" "C3'"  sing N N 12  
A   "C4'" "H4'"  sing N N 13  
A   "O4'" "C1'"  sing N N 14  
A   "C3'" "O3'"  sing N N 15  
A   "C3'" "C2'"  sing N N 16  
A   "C3'" "H3'"  sing N N 17  
A   "O3'" "HO3'" sing N N 18  
A   "C2'" "O2'"  sing N N 19  
A   "C2'" "C1'"  sing N N 20  
A   "C2'" "H2'"  sing N N 21  
A   "O2'" "HO2'" sing N N 22  
A   "C1'" N9     sing N N 23  
A   "C1'" "H1'"  sing N N 24  
A   N9    C8     sing Y N 25  
A   N9    C4     sing Y N 26  
A   C8    N7     doub Y N 27  
A   C8    H8     sing N N 28  
A   N7    C5     sing Y N 29  
A   C5    C6     sing Y N 30  
A   C5    C4     doub Y N 31  
A   C6    N6     sing N N 32  
A   C6    N1     doub Y N 33  
A   N6    H61    sing N N 34  
A   N6    H62    sing N N 35  
A   N1    C2     sing Y N 36  
A   C2    N3     doub Y N 37  
A   C2    H2     sing N N 38  
A   N3    C4     sing Y N 39  
C   OP3   P      sing N N 40  
C   OP3   HOP3   sing N N 41  
C   P     OP1    doub N N 42  
C   P     OP2    sing N N 43  
C   P     "O5'"  sing N N 44  
C   OP2   HOP2   sing N N 45  
C   "O5'" "C5'"  sing N N 46  
C   "C5'" "C4'"  sing N N 47  
C   "C5'" "H5'"  sing N N 48  
C   "C5'" "H5''" sing N N 49  
C   "C4'" "O4'"  sing N N 50  
C   "C4'" "C3'"  sing N N 51  
C   "C4'" "H4'"  sing N N 52  
C   "O4'" "C1'"  sing N N 53  
C   "C3'" "O3'"  sing N N 54  
C   "C3'" "C2'"  sing N N 55  
C   "C3'" "H3'"  sing N N 56  
C   "O3'" "HO3'" sing N N 57  
C   "C2'" "O2'"  sing N N 58  
C   "C2'" "C1'"  sing N N 59  
C   "C2'" "H2'"  sing N N 60  
C   "O2'" "HO2'" sing N N 61  
C   "C1'" N1     sing N N 62  
C   "C1'" "H1'"  sing N N 63  
C   N1    C2     sing N N 64  
C   N1    C6     sing N N 65  
C   C2    O2     doub N N 66  
C   C2    N3     sing N N 67  
C   N3    C4     doub N N 68  
C   C4    N4     sing N N 69  
C   C4    C5     sing N N 70  
C   N4    H41    sing N N 71  
C   N4    H42    sing N N 72  
C   C5    C6     doub N N 73  
C   C5    H5     sing N N 74  
C   C6    H6     sing N N 75  
CBV O3P   P      sing N N 76  
CBV O3P   HO3P   sing N N 77  
CBV P     O1P    sing N N 78  
CBV P     O2P    doub N N 79  
CBV P     "O5'"  sing N N 80  
CBV O1P   HO1P   sing N N 81  
CBV "O5'" "C5'"  sing N N 82  
CBV "C5'" "C4'"  sing N N 83  
CBV "C5'" "H5'1" sing N N 84  
CBV "C5'" "H5'2" sing N N 85  
CBV "C4'" "O4'"  sing N N 86  
CBV "C4'" "C3'"  sing N N 87  
CBV "C4'" "H4'"  sing N N 88  
CBV "O4'" "C1'"  sing N N 89  
CBV "C3'" "O3'"  sing N N 90  
CBV "C3'" "C2'"  sing N N 91  
CBV "C3'" "H3'"  sing N N 92  
CBV "O3'" "HO3'" sing N N 93  
CBV "C2'" "O2'"  sing N N 94  
CBV "C2'" "C1'"  sing N N 95  
CBV "C2'" "H2'"  sing N N 96  
CBV "O2'" "HO2'" sing N N 97  
CBV "C1'" N1     sing N N 98  
CBV "C1'" "H1'"  sing N N 99  
CBV N1    C2     sing N N 100 
CBV N1    C6     sing N N 101 
CBV C2    O2     doub N N 102 
CBV C2    N3     sing N N 103 
CBV N3    C4     doub N N 104 
CBV C4    N4     sing N N 105 
CBV C4    C5     sing N N 106 
CBV N4    HN41   sing N N 107 
CBV N4    HN42   sing N N 108 
CBV C5    C6     doub N N 109 
CBV C5    BR     sing N N 110 
CBV C6    H6     sing N N 111 
G   OP3   P      sing N N 112 
G   OP3   HOP3   sing N N 113 
G   P     OP1    doub N N 114 
G   P     OP2    sing N N 115 
G   P     "O5'"  sing N N 116 
G   OP2   HOP2   sing N N 117 
G   "O5'" "C5'"  sing N N 118 
G   "C5'" "C4'"  sing N N 119 
G   "C5'" "H5'"  sing N N 120 
G   "C5'" "H5''" sing N N 121 
G   "C4'" "O4'"  sing N N 122 
G   "C4'" "C3'"  sing N N 123 
G   "C4'" "H4'"  sing N N 124 
G   "O4'" "C1'"  sing N N 125 
G   "C3'" "O3'"  sing N N 126 
G   "C3'" "C2'"  sing N N 127 
G   "C3'" "H3'"  sing N N 128 
G   "O3'" "HO3'" sing N N 129 
G   "C2'" "O2'"  sing N N 130 
G   "C2'" "C1'"  sing N N 131 
G   "C2'" "H2'"  sing N N 132 
G   "O2'" "HO2'" sing N N 133 
G   "C1'" N9     sing N N 134 
G   "C1'" "H1'"  sing N N 135 
G   N9    C8     sing Y N 136 
G   N9    C4     sing Y N 137 
G   C8    N7     doub Y N 138 
G   C8    H8     sing N N 139 
G   N7    C5     sing Y N 140 
G   C5    C6     sing N N 141 
G   C5    C4     doub Y N 142 
G   C6    O6     doub N N 143 
G   C6    N1     sing N N 144 
G   N1    C2     sing N N 145 
G   N1    H1     sing N N 146 
G   C2    N2     sing N N 147 
G   C2    N3     doub N N 148 
G   N2    H21    sing N N 149 
G   N2    H22    sing N N 150 
G   N3    C4     sing N N 151 
HOH O     H1     sing N N 152 
HOH O     H2     sing N N 153 
NCO CO    N1     sing N N 154 
NCO CO    N2     sing N N 155 
NCO CO    N3     sing N N 156 
NCO CO    N4     sing N N 157 
NCO CO    N5     sing N N 158 
NCO CO    N6     sing N N 159 
NCO N1    HN11   sing N N 160 
NCO N1    HN12   sing N N 161 
NCO N1    HN13   sing N N 162 
NCO N2    HN21   sing N N 163 
NCO N2    HN22   sing N N 164 
NCO N2    HN23   sing N N 165 
NCO N3    HN31   sing N N 166 
NCO N3    HN32   sing N N 167 
NCO N3    HN33   sing N N 168 
NCO N4    HN41   sing N N 169 
NCO N4    HN42   sing N N 170 
NCO N4    HN43   sing N N 171 
NCO N5    HN51   sing N N 172 
NCO N5    HN52   sing N N 173 
NCO N5    HN53   sing N N 174 
NCO N6    HN61   sing N N 175 
NCO N6    HN62   sing N N 176 
NCO N6    HN63   sing N N 177 
U   OP3   P      sing N N 178 
U   OP3   HOP3   sing N N 179 
U   P     OP1    doub N N 180 
U   P     OP2    sing N N 181 
U   P     "O5'"  sing N N 182 
U   OP2   HOP2   sing N N 183 
U   "O5'" "C5'"  sing N N 184 
U   "C5'" "C4'"  sing N N 185 
U   "C5'" "H5'"  sing N N 186 
U   "C5'" "H5''" sing N N 187 
U   "C4'" "O4'"  sing N N 188 
U   "C4'" "C3'"  sing N N 189 
U   "C4'" "H4'"  sing N N 190 
U   "O4'" "C1'"  sing N N 191 
U   "C3'" "O3'"  sing N N 192 
U   "C3'" "C2'"  sing N N 193 
U   "C3'" "H3'"  sing N N 194 
U   "O3'" "HO3'" sing N N 195 
U   "C2'" "O2'"  sing N N 196 
U   "C2'" "C1'"  sing N N 197 
U   "C2'" "H2'"  sing N N 198 
U   "O2'" "HO2'" sing N N 199 
U   "C1'" N1     sing N N 200 
U   "C1'" "H1'"  sing N N 201 
U   N1    C2     sing N N 202 
U   N1    C6     sing N N 203 
U   C2    O2     doub N N 204 
U   C2    N3     sing N N 205 
U   N3    C4     sing N N 206 
U   N3    H3     sing N N 207 
U   C4    O4     doub N N 208 
U   C4    C5     sing N N 209 
U   C5    C6     doub N N 210 
U   C5    H5     sing N N 211 
U   C6    H6     sing N N 212 
U5M O2    C2     doub N N 213 
U5M C2    N3     sing N N 214 
U5M C2    N1     sing N N 215 
U5M N3    C4     sing N N 216 
U5M C4    O4     doub N N 217 
U5M C4    C5     sing N N 218 
U5M C5    C6     doub N N 219 
U5M C6    N1     sing N N 220 
U5M N1    "C1'"  sing N N 221 
U5M "C1'" "O4'"  sing N N 222 
U5M "C1'" "C2'"  sing N N 223 
U5M "O4'" "C4'"  sing N N 224 
U5M "C2'" "F2'"  sing N N 225 
U5M "C2'" "C3'"  sing N N 226 
U5M "C3'" "O3'"  sing N N 227 
U5M "C3'" "C4'"  sing N N 228 
U5M "C4'" "C5'"  sing N N 229 
U5M "C5'" C5M    sing N N 230 
U5M "C5'" "O5'"  sing N N 231 
U5M "O5'" P      sing N N 232 
U5M P     OP1    doub N N 233 
U5M P     OP2    sing N N 234 
U5M N3    H3     sing N N 235 
U5M C5    H5     sing N N 236 
U5M C6    H6     sing N N 237 
U5M "C1'" "H1'"  sing N N 238 
U5M "C2'" "H2'"  sing N N 239 
U5M "C3'" "H3'"  sing N N 240 
U5M "O3'" H6N    sing N N 241 
U5M "C4'" "H4'"  sing N N 242 
U5M "C5'" "H5'"  sing N N 243 
U5M C5M   H6L    sing N N 244 
U5M C5M   H6M    sing N N 245 
U5M C5M   H5M    sing N N 246 
U5M OP2   H1     sing N N 247 
U5M P     OP3    sing N N 248 
U5M OP3   H2     sing N N 249 
# 
_ndb_struct_conf_na.entry_id   5D8T 
_ndb_struct_conf_na.feature    'a-form double helix' 
# 
loop_
_ndb_struct_na_base_pair.model_number 
_ndb_struct_na_base_pair.i_label_asym_id 
_ndb_struct_na_base_pair.i_label_comp_id 
_ndb_struct_na_base_pair.i_label_seq_id 
_ndb_struct_na_base_pair.i_symmetry 
_ndb_struct_na_base_pair.j_label_asym_id 
_ndb_struct_na_base_pair.j_label_comp_id 
_ndb_struct_na_base_pair.j_label_seq_id 
_ndb_struct_na_base_pair.j_symmetry 
_ndb_struct_na_base_pair.shear 
_ndb_struct_na_base_pair.stretch 
_ndb_struct_na_base_pair.stagger 
_ndb_struct_na_base_pair.buckle 
_ndb_struct_na_base_pair.propeller 
_ndb_struct_na_base_pair.opening 
_ndb_struct_na_base_pair.pair_number 
_ndb_struct_na_base_pair.pair_name 
_ndb_struct_na_base_pair.i_auth_asym_id 
_ndb_struct_na_base_pair.i_auth_seq_id 
_ndb_struct_na_base_pair.i_PDB_ins_code 
_ndb_struct_na_base_pair.j_auth_asym_id 
_ndb_struct_na_base_pair.j_auth_seq_id 
_ndb_struct_na_base_pair.j_PDB_ins_code 
_ndb_struct_na_base_pair.hbond_type_28 
_ndb_struct_na_base_pair.hbond_type_12 
1 A CBV 1 1_555 B G   8 1_555 0.123  -0.086 -0.143 7.111  -8.572  -1.296 1 A_CBV1:G8_B A 1 ? B 8 ? 19 1 
1 A G   2 1_555 B C   7 1_555 -0.227 -0.175 0.047  -4.494 -19.164 -0.597 2 A_G2:C7_B   A 2 ? B 7 ? 19 1 
1 A A   3 1_555 B U   6 1_555 0.032  -0.089 -0.181 -8.964 -11.426 -3.091 3 A_A3:U6_B   A 3 ? B 6 ? 20 1 
1 A U   6 1_555 B A   3 1_555 -0.024 -0.098 0.044  3.342  -14.179 3.453  4 A_U6:A3_B   A 6 ? B 3 ? 20 1 
1 A C   7 1_555 B G   2 1_555 0.252  -0.163 -0.017 1.039  -14.459 0.047  5 A_C7:G2_B   A 7 ? B 2 ? 19 1 
1 A G   8 1_555 B CBV 1 1_555 -0.177 -0.126 -0.090 -9.355 -14.546 -0.813 6 A_G8:CBV1_B A 8 ? B 1 ? 19 1 
# 
loop_
_ndb_struct_na_base_pair_step.model_number 
_ndb_struct_na_base_pair_step.i_label_asym_id_1 
_ndb_struct_na_base_pair_step.i_label_comp_id_1 
_ndb_struct_na_base_pair_step.i_label_seq_id_1 
_ndb_struct_na_base_pair_step.i_symmetry_1 
_ndb_struct_na_base_pair_step.j_label_asym_id_1 
_ndb_struct_na_base_pair_step.j_label_comp_id_1 
_ndb_struct_na_base_pair_step.j_label_seq_id_1 
_ndb_struct_na_base_pair_step.j_symmetry_1 
_ndb_struct_na_base_pair_step.i_label_asym_id_2 
_ndb_struct_na_base_pair_step.i_label_comp_id_2 
_ndb_struct_na_base_pair_step.i_label_seq_id_2 
_ndb_struct_na_base_pair_step.i_symmetry_2 
_ndb_struct_na_base_pair_step.j_label_asym_id_2 
_ndb_struct_na_base_pair_step.j_label_comp_id_2 
_ndb_struct_na_base_pair_step.j_label_seq_id_2 
_ndb_struct_na_base_pair_step.j_symmetry_2 
_ndb_struct_na_base_pair_step.shift 
_ndb_struct_na_base_pair_step.slide 
_ndb_struct_na_base_pair_step.rise 
_ndb_struct_na_base_pair_step.tilt 
_ndb_struct_na_base_pair_step.roll 
_ndb_struct_na_base_pair_step.twist 
_ndb_struct_na_base_pair_step.x_displacement 
_ndb_struct_na_base_pair_step.y_displacement 
_ndb_struct_na_base_pair_step.helical_rise 
_ndb_struct_na_base_pair_step.inclination 
_ndb_struct_na_base_pair_step.tip 
_ndb_struct_na_base_pair_step.helical_twist 
_ndb_struct_na_base_pair_step.step_number 
_ndb_struct_na_base_pair_step.step_name 
_ndb_struct_na_base_pair_step.i_auth_asym_id_1 
_ndb_struct_na_base_pair_step.i_auth_seq_id_1 
_ndb_struct_na_base_pair_step.i_PDB_ins_code_1 
_ndb_struct_na_base_pair_step.j_auth_asym_id_1 
_ndb_struct_na_base_pair_step.j_auth_seq_id_1 
_ndb_struct_na_base_pair_step.j_PDB_ins_code_1 
_ndb_struct_na_base_pair_step.i_auth_asym_id_2 
_ndb_struct_na_base_pair_step.i_auth_seq_id_2 
_ndb_struct_na_base_pair_step.i_PDB_ins_code_2 
_ndb_struct_na_base_pair_step.j_auth_asym_id_2 
_ndb_struct_na_base_pair_step.j_auth_seq_id_2 
_ndb_struct_na_base_pair_step.j_PDB_ins_code_2 
1 A CBV 1 1_555 B G 8 1_555 A G 2 1_555 B C   7 1_555 0.313  -1.801 3.425 -1.757 12.864 34.285 -4.552 -0.728 2.587 20.915 2.857  
36.591 1 AA_CBV1G2:C7G8_BB A 1 ? B 8 ? A 2 ? B 7 ? 
1 A G   2 1_555 B C 7 1_555 A A 3 1_555 B U   6 1_555 -0.963 -1.560 3.309 0.153  6.938  35.466 -3.464 1.574  2.957 11.256 -0.248 
36.117 2 AA_G2A3:U6C7_BB   A 2 ? B 7 ? A 3 ? B 6 ? 
1 A U   6 1_555 B A 3 1_555 A C 7 1_555 B G   2 1_555 -0.342 -1.479 3.257 -0.524 6.714  32.819 -3.621 0.511  2.911 11.729 0.915  
33.484 3 AA_U6C7:G2A3_BB   A 6 ? B 3 ? A 7 ? B 2 ? 
1 A C   7 1_555 B G 2 1_555 A G 8 1_555 B CBV 1 1_555 0.133  -1.704 3.356 2.033  14.784 30.751 -5.056 0.068  2.322 26.043 -3.582 
34.102 4 AA_C7G8:CBV1G2_BB A 7 ? B 2 ? A 8 ? B 1 ? 
# 
_atom_sites.entry_id                    5D8T 
_atom_sites.fract_transf_matrix[1][1]   0.00132318 
_atom_sites.fract_transf_matrix[1][2]   -0.02145603 
_atom_sites.fract_transf_matrix[1][3]   0.02381206 
_atom_sites.fract_transf_matrix[2][1]   0.02840856 
_atom_sites.fract_transf_matrix[2][2]   0.01182171 
_atom_sites.fract_transf_matrix[2][3]   0.00907344 
_atom_sites.fract_transf_matrix[3][1]   -0.00548719 
_atom_sites.fract_transf_matrix[3][2]   0.00765682 
_atom_sites.fract_transf_matrix[3][3]   0.00720415 
_atom_sites.fract_transf_vector[1]      0.067832 
_atom_sites.fract_transf_vector[2]      -0.456772 
_atom_sites.fract_transf_vector[3]      0.090349 
# 
loop_
_atom_type.symbol 
BR 
C  
CO 
F  
H  
N  
O  
P  
# 
loop_
_atom_site.group_PDB 
_atom_site.id 
_atom_site.type_symbol 
_atom_site.label_atom_id 
_atom_site.label_alt_id 
_atom_site.label_comp_id 
_atom_site.label_asym_id 
_atom_site.label_entity_id 
_atom_site.label_seq_id 
_atom_site.pdbx_PDB_ins_code 
_atom_site.Cartn_x 
_atom_site.Cartn_y 
_atom_site.Cartn_z 
_atom_site.occupancy 
_atom_site.B_iso_or_equiv 
_atom_site.pdbx_formal_charge 
_atom_site.auth_seq_id 
_atom_site.auth_comp_id 
_atom_site.auth_asym_id 
_atom_site.auth_atom_id 
_atom_site.pdbx_PDB_model_num 
HETATM 1   O  "O5'"  . CBV A 1 1 ? -3.162  0.055   -9.652  1.00 10.61  ? 1   CBV A "O5'"  1 
HETATM 2   C  "C5'"  . CBV A 1 1 ? -4.400  -0.246  -10.265 1.00 9.14   ? 1   CBV A "C5'"  1 
HETATM 3   C  "C4'"  . CBV A 1 1 ? -4.838  -1.609  -10.083 1.00 8.83   ? 1   CBV A "C4'"  1 
HETATM 4   O  "O4'"  . CBV A 1 1 ? -3.971  -2.572  -10.781 1.00 9.12   ? 1   CBV A "O4'"  1 
HETATM 5   C  "C3'"  . CBV A 1 1 ? -4.844  -2.208  -8.639  1.00 8.03   ? 1   CBV A "C3'"  1 
HETATM 6   O  "O3'"  . CBV A 1 1 ? -5.986  -1.688  -7.891  1.00 9.17   ? 1   CBV A "O3'"  1 
HETATM 7   C  "C2'"  . CBV A 1 1 ? -4.805  -3.588  -8.855  1.00 8.42   ? 1   CBV A "C2'"  1 
HETATM 8   O  "O2'"  . CBV A 1 1 ? -6.093  -4.085  -9.316  1.00 10.15  ? 1   CBV A "O2'"  1 
HETATM 9   C  "C1'"  . CBV A 1 1 ? -3.769  -3.731  -10.043 1.00 7.86   ? 1   CBV A "C1'"  1 
HETATM 10  N  N1     . CBV A 1 1 ? -2.399  -3.806  -9.528  1.00 7.76   ? 1   CBV A N1     1 
HETATM 11  C  C2     . CBV A 1 1 ? -1.928  -5.034  -9.012  1.00 8.10   ? 1   CBV A C2     1 
HETATM 12  O  O2     . CBV A 1 1 ? -2.701  -5.983  -8.943  1.00 8.86   ? 1   CBV A O2     1 
HETATM 13  N  N3     . CBV A 1 1 ? -0.659  -5.100  -8.518  1.00 7.22   ? 1   CBV A N3     1 
HETATM 14  C  C4     . CBV A 1 1 ? 0.161   -4.019  -8.542  1.00 6.89   ? 1   CBV A C4     1 
HETATM 15  N  N4     . CBV A 1 1 ? 1.338   -4.087  -8.020  1.00 7.39   ? 1   CBV A N4     1 
HETATM 16  C  C5     . CBV A 1 1 ? -0.325  -2.773  -9.131  1.00 7.24   ? 1   CBV A C5     1 
HETATM 17  C  C6     . CBV A 1 1 ? -1.585  -2.726  -9.594  1.00 7.16   ? 1   CBV A C6     1 
HETATM 18  BR BR     . CBV A 1 1 ? 0.788   -1.259  -9.254  1.00 9.68   ? 1   CBV A BR     1 
HETATM 19  H  "H5'1" . CBV A 1 1 ? -4.322  -0.071  -11.222 1.00 2.02   ? 1   CBV A "H5'1" 1 
HETATM 20  H  "H5'2" . CBV A 1 1 ? -5.072  0.342   -9.903  1.00 9.31   ? 1   CBV A "H5'2" 1 
HETATM 21  H  "H4'"  . CBV A 1 1 ? -5.745  -1.687  -10.451 1.00 8.56   ? 1   CBV A "H4'"  1 
HETATM 22  H  "H3'"  . CBV A 1 1 ? -4.011  -1.952  -8.178  1.00 8.24   ? 1   CBV A "H3'"  1 
HETATM 23  H  "H2'"  . CBV A 1 1 ? -4.507  -4.069  -8.068  1.00 8.36   ? 1   CBV A "H2'"  1 
HETATM 24  H  "HO2'" . CBV A 1 1 ? -6.675  -3.368  -9.387  1.00 10.34  ? 1   CBV A "HO2'" 1 
HETATM 25  H  "H1'"  . CBV A 1 1 ? -3.976  -4.504  -10.581 1.00 7.47   ? 1   CBV A "H1'"  1 
HETATM 26  H  HN41   . CBV A 1 1 ? 1.923   -3.387  -8.099  1.00 7.04   ? 1   CBV A HN41   1 
HETATM 27  H  HN42   . CBV A 1 1 ? 1.645   -4.886  -7.707  1.00 6.89   ? 1   CBV A HN42   1 
HETATM 28  H  H6     . CBV A 1 1 ? -1.907  -1.887  -10.001 1.00 7.35   ? 1   CBV A H6     1 
ATOM   29  P  P      . G   A 1 2 ? -5.861  -1.525  -6.308  1.00 10.11  ? 2   G   A P      1 
ATOM   30  O  OP1    . G   A 1 2 ? -7.140  -0.910  -5.884  1.00 12.16  ? 2   G   A OP1    1 
ATOM   31  O  OP2    . G   A 1 2 ? -4.577  -0.868  -5.947  1.00 10.62  ? 2   G   A OP2    1 
ATOM   32  O  "O5'"  . G   A 1 2 ? -5.758  -3.021  -5.752  1.00 8.57   ? 2   G   A "O5'"  1 
ATOM   33  C  "C5'"  . G   A 1 2 ? -6.860  -3.954  -5.888  1.00 8.64   ? 2   G   A "C5'"  1 
ATOM   34  C  "C4'"  . G   A 1 2 ? -6.423  -5.269  -5.360  1.00 8.22   ? 2   G   A "C4'"  1 
ATOM   35  O  "O4'"  . G   A 1 2 ? -5.275  -5.735  -6.129  1.00 8.06   ? 2   G   A "O4'"  1 
ATOM   36  C  "C3'"  . G   A 1 2 ? -5.916  -5.308  -3.936  1.00 7.22   ? 2   G   A "C3'"  1 
ATOM   37  O  "O3'"  . G   A 1 2 ? -7.002  -5.365  -3.030  1.00 8.77   ? 2   G   A "O3'"  1 
ATOM   38  C  "C2'"  . G   A 1 2 ? -5.033  -6.552  -3.936  1.00 7.80   ? 2   G   A "C2'"  1 
ATOM   39  O  "O2'"  . G   A 1 2 ? -5.839  -7.706  -3.913  1.00 9.09   ? 2   G   A "O2'"  1 
ATOM   40  C  "C1'"  . G   A 1 2 ? -4.359  -6.413  -5.294  1.00 7.72   ? 2   G   A "C1'"  1 
ATOM   41  N  N9     . G   A 1 2 ? -3.130  -5.612  -5.232  1.00 6.79   ? 2   G   A N9     1 
ATOM   42  C  C8     . G   A 1 2 ? -2.861  -4.354  -5.706  1.00 7.17   ? 2   G   A C8     1 
ATOM   43  N  N7     . G   A 1 2 ? -1.624  -3.976  -5.491  1.00 7.22   ? 2   G   A N7     1 
ATOM   44  C  C5     . G   A 1 2 ? -1.043  -5.047  -4.833  1.00 6.27   ? 2   G   A C5     1 
ATOM   45  C  C6     . G   A 1 2 ? 0.275   -5.240  -4.379  1.00 6.37   ? 2   G   A C6     1 
ATOM   46  O  O6     . G   A 1 2 ? 1.251   -4.483  -4.491  1.00 7.24   ? 2   G   A O6     1 
ATOM   47  N  N1     . G   A 1 2 ? 0.418   -6.454  -3.708  1.00 5.73   ? 2   G   A N1     1 
ATOM   48  C  C2     . G   A 1 2 ? -0.573  -7.372  -3.526  1.00 5.68   ? 2   G   A C2     1 
ATOM   49  N  N2     . G   A 1 2 ? -0.247  -8.479  -2.828  1.00 6.92   ? 2   G   A N2     1 
ATOM   50  N  N3     . G   A 1 2 ? -1.795  -7.234  -4.013  1.00 6.25   ? 2   G   A N3     1 
ATOM   51  C  C4     . G   A 1 2 ? -1.957  -6.060  -4.654  1.00 6.27   ? 2   G   A C4     1 
ATOM   52  H  "H5'"  . G   A 1 2 ? -7.149  -4.047  -6.936  1.00 8.67   ? 2   G   A "H5'"  1 
ATOM   53  H  "H5''" . G   A 1 2 ? -7.723  -3.594  -5.324  1.00 8.48   ? 2   G   A "H5''" 1 
ATOM   54  H  "H4'"  . G   A 1 2 ? -7.253  -5.983  -5.460  1.00 8.37   ? 2   G   A "H4'"  1 
ATOM   55  H  "H3'"  . G   A 1 2 ? -5.291  -4.427  -3.754  1.00 7.69   ? 2   G   A "H3'"  1 
ATOM   56  H  "H2'"  . G   A 1 2 ? -4.304  -6.528  -3.118  1.00 7.99   ? 2   G   A "H2'"  1 
ATOM   57  H  "HO2'" . G   A 1 2 ? -5.302  -8.487  -3.986  1.00 9.17   ? 2   G   A "HO2'" 1 
ATOM   58  H  "H1'"  . G   A 1 2 ? -4.144  -7.411  -5.698  1.00 7.95   ? 2   G   A "H1'"  1 
ATOM   59  H  H8     . G   A 1 2 ? -3.556  -3.765  -6.283  1.00 7.02   ? 2   G   A H8     1 
ATOM   60  H  H1     . G   A 1 2 ? 1.348   -6.655  -3.297  1.00 5.64   ? 2   G   A H1     1 
ATOM   61  H  H21    . G   A 1 2 ? 0.696   -8.621  -2.502  1.00 6.48   ? 2   G   A H21    1 
ATOM   62  H  H22    . G   A 1 2 ? -0.929  -9.216  -2.715  1.00 6.72   ? 2   G   A H22    1 
ATOM   63  P  P      . A   A 1 3 ? -6.825  -4.697  -1.574  1.00 10.03  ? 3   A   A P      1 
ATOM   64  O  OP1    . A   A 1 3 ? -8.175  -4.715  -0.976  1.00 13.23  ? 3   A   A OP1    1 
ATOM   65  O  OP2    . A   A 1 3 ? -6.052  -3.429  -1.652  1.00 11.28  ? 3   A   A OP2    1 
ATOM   66  O  "O5'"  . A   A 1 3 ? -5.881  -5.712  -0.782  1.00 9.08   ? 3   A   A "O5'"  1 
ATOM   67  C  "C5'"  . A   A 1 3 ? -6.321  -7.030  -0.499  1.00 9.37   ? 3   A   A "C5'"  1 
ATOM   68  C  "C4'"  . A   A 1 3 ? -5.286  -7.809  0.259   1.00 8.08   ? 3   A   A "C4'"  1 
ATOM   69  O  "O4'"  . A   A 1 3 ? -4.103  -8.006  -0.556  1.00 7.82   ? 3   A   A "O4'"  1 
ATOM   70  C  "C3'"  . A   A 1 3 ? -4.749  -7.151  1.527   1.00 7.91   ? 3   A   A "C3'"  1 
ATOM   71  O  "O3'"  . A   A 1 3 ? -5.681  -7.346  2.593   1.00 7.87   ? 3   A   A "O3'"  1 
ATOM   72  C  "C2'"  . A   A 1 3 ? -3.441  -7.907  1.731   1.00 7.54   ? 3   A   A "C2'"  1 
ATOM   73  O  "O2'"  . A   A 1 3 ? -3.758  -9.217  2.149   1.00 8.14   ? 3   A   A "O2'"  1 
ATOM   74  C  "C1'"  . A   A 1 3 ? -2.944  -7.951  0.281   1.00 7.74   ? 3   A   A "C1'"  1 
ATOM   75  N  N9     . A   A 1 3 ? -2.185  -6.774  -0.128  1.00 7.26   ? 3   A   A N9     1 
ATOM   76  C  C8     . A   A 1 3 ? -2.633  -5.733  -0.876  1.00 7.60   ? 3   A   A C8     1 
ATOM   77  N  N7     . A   A 1 3 ? -1.699  -4.863  -1.190  1.00 7.56   ? 3   A   A N7     1 
ATOM   78  C  C5     . A   A 1 3 ? -0.554  -5.383  -0.626  1.00 6.30   ? 3   A   A C5     1 
ATOM   79  C  C6     . A   A 1 3 ? 0.768   -4.944  -0.653  1.00 6.25   ? 3   A   A C6     1 
ATOM   80  N  N6     . A   A 1 3 ? 1.165   -3.888  -1.360  1.00 7.10   ? 3   A   A N6     1 
ATOM   81  N  N1     . A   A 1 3 ? 1.679   -5.648  0.049   1.00 6.49   ? 3   A   A N1     1 
ATOM   82  C  C2     . A   A 1 3 ? 1.264   -6.721  0.725   1.00 7.11   ? 3   A   A C2     1 
ATOM   83  N  N3     . A   A 1 3 ? 0.044   -7.257  0.788   1.00 6.96   ? 3   A   A N3     1 
ATOM   84  C  C4     . A   A 1 3 ? -0.828  -6.550  0.050   1.00 6.64   ? 3   A   A C4     1 
ATOM   85  H  "H5'"  . A   A 1 3 ? -6.552  -7.547  -1.432  1.00 9.11   ? 3   A   A "H5'"  1 
ATOM   86  H  "H5''" . A   A 1 3 ? -7.238  -6.986  0.091   1.00 9.13   ? 3   A   A "H5''" 1 
ATOM   87  H  "H4'"  . A   A 1 3 ? -5.720  -8.779  0.527   1.00 8.04   ? 3   A   A "H4'"  1 
ATOM   88  H  "H3'"  . A   A 1 3 ? -4.543  -6.087  1.350   1.00 8.22   ? 3   A   A "H3'"  1 
ATOM   89  H  "H2'"  . A   A 1 3 ? -2.746  -7.379  2.397   1.00 7.79   ? 3   A   A "H2'"  1 
ATOM   90  H  "HO2'" . A   A 1 3 ? -2.929  -9.737  2.208   1.00 8.31   ? 3   A   A "HO2'" 1 
ATOM   91  H  "H1'"  . A   A 1 3 ? -2.337  -8.857  0.141   1.00 7.79   ? 3   A   A "H1'"  1 
ATOM   92  H  H8     . A   A 1 3 ? -3.643  -5.651  -1.244  1.00 7.76   ? 3   A   A H8     1 
ATOM   93  H  H61    . A   A 1 3 ? 0.478   -3.315  -1.827  1.00 6.70   ? 3   A   A H61    1 
ATOM   94  H  H62    . A   A 1 3 ? 2.112   -3.553  -1.269  1.00 6.92   ? 3   A   A H62    1 
ATOM   95  H  H2     . A   A 1 3 ? 2.042   -7.277  1.234   1.00 6.70   ? 3   A   A H2     1 
ATOM   96  P  P      . A   A 1 4 ? -5.646  -6.378  3.875   1.00 8.70   ? 4   A   A P      1 
ATOM   97  O  OP1    . A   A 1 4 ? -6.744  -6.819  4.741   1.00 9.70   ? 4   A   A OP1    1 
ATOM   98  O  OP2    . A   A 1 4 ? -5.545  -4.979  3.449   1.00 9.66   ? 4   A   A OP2    1 
ATOM   99  O  "O5'"  . A   A 1 4 ? -4.237  -6.663  4.582   1.00 7.99   ? 4   A   A "O5'"  1 
ATOM   100 C  "C5'"  . A   A 1 4 ? -4.000  -7.838  5.322   1.00 8.92   ? 4   A   A "C5'"  1 
ATOM   101 C  "C4'"  . A   A 1 4 ? -2.595  -7.793  5.880   1.00 8.74   ? 4   A   A "C4'"  1 
ATOM   102 O  "O4'"  . A   A 1 4 ? -1.640  -7.720  4.811   1.00 8.64   ? 4   A   A "O4'"  1 
ATOM   103 C  "C3'"  . A   A 1 4 ? -2.300  -6.562  6.721   1.00 8.64   ? 4   A   A "C3'"  1 
ATOM   104 O  "O3'"  . A   A 1 4 ? -2.782  -6.792  8.021   1.00 11.45  ? 4   A   A "O3'"  1 
ATOM   105 C  "C2'"  . A   A 1 4 ? -0.782  -6.498  6.629   1.00 8.71   ? 4   A   A "C2'"  1 
ATOM   106 O  "O2'"  . A   A 1 4 ? -0.144  -7.393  7.493   1.00 11.47  ? 4   A   A "O2'"  1 
ATOM   107 C  "C1'"  . A   A 1 4 ? -0.528  -6.878  5.164   1.00 8.53   ? 4   A   A "C1'"  1 
ATOM   108 N  N9     . A   A 1 4 ? -0.501  -5.757  4.240   1.00 7.71   ? 4   A   A N9     1 
ATOM   109 C  C8     . A   A 1 4 ? -1.571  -5.184  3.609   1.00 7.79   ? 4   A   A C8     1 
ATOM   110 N  N7     . A   A 1 4 ? -1.236  -4.220  2.793   1.00 7.41   ? 4   A   A N7     1 
ATOM   111 C  C5     . A   A 1 4 ? 0.145   -4.142  2.914   1.00 6.61   ? 4   A   A C5     1 
ATOM   112 C  C6     . A   A 1 4 ? 1.104   -3.295  2.316   1.00 6.90   ? 4   A   A C6     1 
ATOM   113 N  N6     . A   A 1 4 ? 0.793   -2.340  1.448   1.00 6.85   ? 4   A   A N6     1 
ATOM   114 N  N1     . A   A 1 4 ? 2.392   -3.484  2.638   1.00 7.08   ? 4   A   A N1     1 
ATOM   115 C  C2     . A   A 1 4 ? 2.697   -4.458  3.485   1.00 8.81   ? 4   A   A C2     1 
ATOM   116 N  N3     . A   A 1 4 ? 1.893   -5.327  4.093   1.00 8.31   ? 4   A   A N3     1 
ATOM   117 C  C4     . A   A 1 4 ? 0.612   -5.092  3.785   1.00 7.16   ? 4   A   A C4     1 
ATOM   118 H  "H5'"  . A   A 1 4 ? -4.119  -8.714  4.683   1.00 8.56   ? 4   A   A "H5'"  1 
ATOM   119 H  "H5''" . A   A 1 4 ? -4.719  -7.912  6.140   1.00 8.71   ? 4   A   A "H5''" 1 
ATOM   120 H  "H4'"  . A   A 1 4 ? -2.413  -8.691  6.485   1.00 8.76   ? 4   A   A "H4'"  1 
ATOM   121 H  "H3'"  . A   A 1 4 ? -2.732  -5.667  6.249   1.00 9.26   ? 4   A   A "H3'"  1 
ATOM   122 H  "H2'"  . A   A 1 4 ? -0.441  -5.471  6.806   1.00 8.71   ? 4   A   A "H2'"  1 
ATOM   123 H  "HO2'" . A   A 1 4 ? 0.826   -7.363  7.331   1.00 11.58  ? 4   A   A "HO2'" 1 
ATOM   124 H  "H1'"  . A   A 1 4 ? 0.411   -7.443  5.101   1.00 9.04   ? 4   A   A "H1'"  1 
ATOM   125 H  H8     . A   A 1 4 ? -2.592  -5.499  3.750   1.00 7.69   ? 4   A   A H8     1 
ATOM   126 H  H61    . A   A 1 4 ? -0.173  -2.179  1.201   1.00 6.77   ? 4   A   A H61    1 
ATOM   127 H  H62    . A   A 1 4 ? 1.517   -1.763  1.045   1.00 6.75   ? 4   A   A H62    1 
ATOM   128 H  H2     . A   A 1 4 ? 3.752   -4.571  3.703   1.00 8.24   ? 4   A   A H2     1 
HETATM 129 O  O2     . U5M A 1 5 ? 1.703   -0.614  5.569   1.00 9.51   ? 5   U5M A O2     1 
HETATM 130 C  C2     . U5M A 1 5 ? 0.576   -0.928  5.242   1.00 7.99   ? 5   U5M A C2     1 
HETATM 131 N  N3     . U5M A 1 5 ? -0.025  -0.513  4.072   1.00 7.99   ? 5   U5M A N3     1 
HETATM 132 C  C4     . U5M A 1 5 ? -1.271  -0.835  3.702   1.00 7.69   ? 5   U5M A C4     1 
HETATM 133 O  O4     . U5M A 1 5 ? -1.671  -0.444  2.586   1.00 9.25   ? 5   U5M A O4     1 
HETATM 134 C  C5     . U5M A 1 5 ? -2.055  -1.576  4.606   1.00 8.70   ? 5   U5M A C5     1 
HETATM 135 C  C6     . U5M A 1 5 ? -1.529  -1.982  5.777   1.00 8.62   ? 5   U5M A C6     1 
HETATM 136 N  N1     . U5M A 1 5 ? -0.242  -1.701  6.092   1.00 7.91   ? 5   U5M A N1     1 
HETATM 137 C  "C1'"  . U5M A 1 5 ? 0.434   -2.160  7.343   1.00 8.02   ? 5   U5M A "C1'"  1 
HETATM 138 O  "O4'"  . U5M A 1 5 ? -0.400  -3.173  7.890   1.00 9.02   ? 5   U5M A "O4'"  1 
HETATM 139 C  "C2'"  . U5M A 1 5 ? 0.546   -1.095  8.372   1.00 8.53   ? 5   U5M A "C2'"  1 
HETATM 140 F  "F2'"  . U5M A 1 5 ? 1.621   -1.417  9.208   1.00 10.42  ? 5   U5M A "F2'"  1 
HETATM 141 C  "C3'"  . U5M A 1 5 ? -0.739  -1.253  9.155   1.00 8.76   ? 5   U5M A "C3'"  1 
HETATM 142 O  "O3'"  . U5M A 1 5 ? -0.647  -0.707  10.460  1.00 8.88   ? 5   U5M A "O3'"  1 
HETATM 143 C  "C4'"  . U5M A 1 5 ? -0.838  -2.752  9.193   1.00 8.59   ? 5   U5M A "C4'"  1 
HETATM 144 C  "C5'"  . U5M A 1 5 ? -2.266  -3.276  9.340   1.00 9.84   ? 5   U5M A "C5'"  1 
HETATM 145 C  C5M    . U5M A 1 5 ? -2.860  -2.991  10.748  1.00 12.60  ? 5   U5M A C5M    1 
HETATM 146 O  "O5'"  . U5M A 1 5 ? -2.188  -4.689  9.190   1.00 9.92   ? 5   U5M A "O5'"  1 
HETATM 147 P  P      . U5M A 1 5 ? -3.492  -5.573  8.861   1.00 11.30  ? 5   U5M A P      1 
HETATM 148 O  OP1    . U5M A 1 5 ? -3.986  -6.226  10.094  1.00 14.97  ? 5   U5M A OP1    1 
HETATM 149 O  OP2    . U5M A 1 5 ? -4.368  -4.860  8.037   1.00 11.59  ? 5   U5M A OP2    1 
HETATM 150 H  H3     . U5M A 1 5 ? 0.526   0.020   3.434   1.00 7.87   ? 5   U5M A H3     1 
HETATM 151 H  H5     . U5M A 1 5 ? -3.067  -1.865  4.337   1.00 8.79   ? 5   U5M A H5     1 
HETATM 152 H  H6     . U5M A 1 5 ? -2.134  -2.610  6.427   1.00 8.25   ? 5   U5M A H6     1 
HETATM 153 H  "H1'"  . U5M A 1 5 ? 1.419   -2.577  7.130   1.00 8.08   ? 5   U5M A "H1'"  1 
HETATM 154 H  "H2'"  . U5M A 1 5 ? 0.648   -0.106  7.942   1.00 8.81   ? 5   U5M A "H2'"  1 
HETATM 155 H  "H3'"  . U5M A 1 5 ? -1.569  -0.864  8.576   1.00 9.16   ? 5   U5M A "H3'"  1 
HETATM 156 H  H6N    . U5M A 1 5 ? -0.678  -1.445  11.128  1.00 9.07   ? 5   U5M A H6N    1 
HETATM 157 H  "H4'"  . U5M A 1 5 ? -0.200  -3.158  9.976   1.00 9.14   ? 5   U5M A "H4'"  1 
HETATM 158 H  "H5'"  . U5M A 1 5 ? -2.904  -2.841  8.573   1.00 9.57   ? 5   U5M A "H5'"  1 
HETATM 159 H  H6L    . U5M A 1 5 ? -3.174  -3.921  11.217  1.00 11.67  ? 5   U5M A H6L    1 
HETATM 160 H  H6M    . U5M A 1 5 ? -3.721  -2.330  10.649  1.00 13.53  ? 5   U5M A H6M    1 
HETATM 161 H  H5M    . U5M A 1 5 ? -2.111  -2.518  11.381  1.00 11.63  ? 5   U5M A H5M    1 
ATOM   162 P  P      . U   A 1 6 ? -1.182  0.757   10.724  1.00 10.92  ? 6   U   A P      1 
ATOM   163 O  OP1    . U   A 1 6 ? -1.115  0.939   12.198  1.00 12.46  ? 6   U   A OP1    1 
ATOM   164 O  OP2    . U   A 1 6 ? -2.419  1.057   10.020  1.00 13.18  ? 6   U   A OP2    1 
ATOM   165 O  "O5'"  . U   A 1 6 ? -0.167  1.713   10.000  1.00 9.76   ? 6   U   A "O5'"  1 
ATOM   166 C  "C5'"  . U   A 1 6 ? 1.178   1.830   10.488  1.00 8.85   ? 6   U   A "C5'"  1 
ATOM   167 C  "C4'"  . U   A 1 6 ? 1.990   2.700   9.586   1.00 9.30   ? 6   U   A "C4'"  1 
ATOM   168 O  "O4'"  . U   A 1 6 ? 2.074   2.092   8.272   1.00 9.88   ? 6   U   A "O4'"  1 
ATOM   169 C  "C3'"  . U   A 1 6 ? 1.406   4.066   9.285   1.00 8.76   ? 6   U   A "C3'"  1 
ATOM   170 O  "O3'"  . U   A 1 6 ? 1.565   4.966   10.384  1.00 10.46  ? 6   U   A "O3'"  1 
ATOM   171 C  "C2'"  . U   A 1 6 ? 2.234   4.443   8.063   1.00 9.15   ? 6   U   A "C2'"  1 
ATOM   172 O  "O2'"  . U   A 1 6 ? 3.558   4.681   8.484   1.00 11.29  ? 6   U   A "O2'"  1 
ATOM   173 C  "C1'"  . U   A 1 6 ? 2.192   3.117   7.299   1.00 9.76   ? 6   U   A "C1'"  1 
ATOM   174 N  N1     . U   A 1 6 ? 1.047   3.045   6.376   1.00 8.27   ? 6   U   A N1     1 
ATOM   175 C  C2     . U   A 1 6 ? 1.209   3.678   5.158   1.00 8.57   ? 6   U   A C2     1 
ATOM   176 O  O2     . U   A 1 6 ? 2.173   4.346   4.910   1.00 9.94   ? 6   U   A O2     1 
ATOM   177 N  N3     . U   A 1 6 ? 0.180   3.515   4.272   1.00 8.25   ? 6   U   A N3     1 
ATOM   178 C  C4     . U   A 1 6 ? -0.969  2.788   4.476   1.00 8.78   ? 6   U   A C4     1 
ATOM   179 O  O4     . U   A 1 6 ? -1.800  2.693   3.575   1.00 9.70   ? 6   U   A O4     1 
ATOM   180 C  C5     . U   A 1 6 ? -1.090  2.223   5.769   1.00 9.36   ? 6   U   A C5     1 
ATOM   181 C  C6     . U   A 1 6 ? -0.101  2.359   6.655   1.00 10.06  ? 6   U   A C6     1 
ATOM   182 H  "H5'"  . U   A 1 6 ? 1.634   0.839   10.551  1.00 8.95   ? 6   U   A "H5'"  1 
ATOM   183 H  "H5''" . U   A 1 6 ? 1.155   2.259   11.489  1.00 8.80   ? 6   U   A "H5''" 1 
ATOM   184 H  "H4'"  . U   A 1 6 ? 2.994   2.818   10.017  1.00 9.05   ? 6   U   A "H4'"  1 
ATOM   185 H  "H3'"  . U   A 1 6 ? 0.353   3.965   8.992   1.00 9.12   ? 6   U   A "H3'"  1 
ATOM   186 H  "H2'"  . U   A 1 6 ? 1.798   5.265   7.489   1.00 9.54   ? 6   U   A "H2'"  1 
ATOM   187 H  "HO2'" . U   A 1 6 ? 4.108   4.851   7.700   1.00 11.45  ? 6   U   A "HO2'" 1 
ATOM   188 H  "H1'"  . U   A 1 6 ? 3.138   2.990   6.752   1.00 9.53   ? 6   U   A "H1'"  1 
ATOM   189 H  H3     . U   A 1 6 ? 0.282   3.976   3.350   1.00 8.23   ? 6   U   A H3     1 
ATOM   190 H  H5     . U   A 1 6 ? -1.946  1.607   6.003   1.00 9.42   ? 6   U   A H5     1 
ATOM   191 H  H6     . U   A 1 6 ? -0.192  1.834   7.594   1.00 9.46   ? 6   U   A H6     1 
ATOM   192 P  P      . C   A 1 7 ? 0.518   6.171   10.610  1.00 10.79  ? 7   C   A P      1 
ATOM   193 O  OP1    . C   A 1 7 ? 0.771   6.682   11.927  1.00 14.63  ? 7   C   A OP1    1 
ATOM   194 O  OP2    . C   A 1 7 ? -0.786  5.742   10.272  1.00 11.57  ? 7   C   A OP2    1 
ATOM   195 O  "O5'"  . C   A 1 7 ? 0.886   7.224   9.502   1.00 10.33  ? 7   C   A "O5'"  1 
ATOM   196 C  "C5'"  . C   A 1 7 ? 2.129   7.878   9.513   1.00 10.74  ? 7   C   A "C5'"  1 
ATOM   197 C  "C4'"  . C   A 1 7 ? 2.366   8.623   8.247   1.00 10.34  ? 7   C   A "C4'"  1 
ATOM   198 O  "O4'"  . C   A 1 7 ? 2.389   7.700   7.153   1.00 10.30  ? 7   C   A "O4'"  1 
ATOM   199 C  "C3'"  . C   A 1 7 ? 1.335   9.632   7.827   1.00 10.35  ? 7   C   A "C3'"  1 
ATOM   200 O  "O3'"  . C   A 1 7 ? 1.421   10.832  8.576   1.00 11.09  ? 7   C   A "O3'"  1 
ATOM   201 C  "C2'"  . C   A 1 7 ? 1.616   9.770   6.355   1.00 10.05  ? 7   C   A "C2'"  1 
ATOM   202 O  "O2'"  . C   A 1 7 ? 2.814   10.531  6.169   1.00 11.79  ? 7   C   A "O2'"  1 
ATOM   203 C  "C1'"  . C   A 1 7 ? 1.884   8.312   5.986   1.00 10.09  ? 7   C   A "C1'"  1 
ATOM   204 N  N1     . C   A 1 7 ? 0.689   7.629   5.515   1.00 9.72   ? 7   C   A N1     1 
ATOM   205 C  C2     . C   A 1 7 ? 0.231   7.897   4.220   1.00 8.55   ? 7   C   A C2     1 
ATOM   206 O  O2     . C   A 1 7 ? 0.892   8.667   3.520   1.00 10.16  ? 7   C   A O2     1 
ATOM   207 N  N3     . C   A 1 7 ? -0.866  7.274   3.783   1.00 9.35   ? 7   C   A N3     1 
ATOM   208 C  C4     . C   A 1 7 ? -1.541  6.454   4.596   1.00 8.92   ? 7   C   A C4     1 
ATOM   209 N  N4     . C   A 1 7 ? -2.623  5.853   4.108   1.00 10.42  ? 7   C   A N4     1 
ATOM   210 C  C5     . C   A 1 7 ? -1.120  6.209   5.940   1.00 9.76   ? 7   C   A C5     1 
ATOM   211 C  C6     . C   A 1 7 ? -0.037  6.849   6.359   1.00 10.46  ? 7   C   A C6     1 
ATOM   212 H  "H5'"  . C   A 1 7 ? 2.925   7.144   9.653   1.00 10.90  ? 7   C   A "H5'"  1 
ATOM   213 H  "H5''" . C   A 1 7 ? 2.163   8.573   10.354  1.00 10.20  ? 7   C   A "H5''" 1 
ATOM   214 H  "H4'"  . C   A 1 7 ? 3.339   9.127   8.324   1.00 10.02  ? 7   C   A "H4'"  1 
ATOM   215 H  "H3'"  . C   A 1 7 ? 0.342   9.180   7.942   1.00 10.27  ? 7   C   A "H3'"  1 
ATOM   216 H  "H2'"  . C   A 1 7 ? 0.756   10.177  5.812   1.00 10.19  ? 7   C   A "H2'"  1 
ATOM   217 H  "HO2'" . C   A 1 7 ? 3.015   10.566  5.226   1.00 11.73  ? 7   C   A "HO2'" 1 
ATOM   218 H  "H1'"  . C   A 1 7 ? 2.661   8.286   5.208   1.00 9.85   ? 7   C   A "H1'"  1 
ATOM   219 H  H41    . C   A 1 7 ? -2.927  6.038   3.165   1.00 9.62   ? 7   C   A H41    1 
ATOM   220 H  H42    . C   A 1 7 ? -3.164  5.236   4.698   1.00 9.98   ? 7   C   A H42    1 
ATOM   221 H  H5     . C   A 1 7 ? -1.663  5.539   6.592   1.00 10.54  ? 7   C   A H5     1 
ATOM   222 H  H6     . C   A 1 7 ? 0.316   6.651   7.357   1.00 10.36  ? 7   C   A H6     1 
ATOM   223 P  P      . G   A 1 8 ? 0.075   11.670  8.850   1.00 11.60  ? 8   G   A P      1 
ATOM   224 O  OP1    . G   A 1 8 ? 0.460   12.709  9.779   1.00 17.33  ? 8   G   A OP1    1 
ATOM   225 O  OP2    . G   A 1 8 ? -1.032  10.784  9.204   1.00 12.22  ? 8   G   A OP2    1 
ATOM   226 O  "O5'"  . G   A 1 8 ? -0.281  12.291  7.425   1.00 10.21  ? 8   G   A "O5'"  1 
ATOM   227 C  "C5'"  . G   A 1 8 ? 0.633   13.207  6.799   1.00 10.13  ? 8   G   A "C5'"  1 
ATOM   228 C  "C4'"  . G   A 1 8 ? 0.152   13.513  5.404   1.00 9.62   ? 8   G   A "C4'"  1 
ATOM   229 O  "O4'"  . G   A 1 8 ? 0.088   12.307  4.616   1.00 9.61   ? 8   G   A "O4'"  1 
ATOM   230 C  "C3'"  . G   A 1 8 ? -1.248  14.079  5.279   1.00 8.54   ? 8   G   A "C3'"  1 
ATOM   231 O  "O3'"  . G   A 1 8 ? -1.331  15.432  5.607   1.00 8.40   ? 8   G   A "O3'"  1 
ATOM   232 C  "C2'"  . G   A 1 8 ? -1.600  13.773  3.843   1.00 8.06   ? 8   G   A "C2'"  1 
ATOM   233 O  "O2'"  . G   A 1 8 ? -0.983  14.745  3.020   1.00 9.87   ? 8   G   A "O2'"  1 
ATOM   234 C  "C1'"  . G   A 1 8 ? -0.968  12.390  3.674   1.00 8.55   ? 8   G   A "C1'"  1 
ATOM   235 N  N9     . G   A 1 8 ? -1.915  11.295  3.912   1.00 8.46   ? 8   G   A N9     1 
ATOM   236 C  C8     . G   A 1 8 ? -2.026  10.498  5.024   1.00 7.78   ? 8   G   A C8     1 
ATOM   237 N  N7     . G   A 1 8 ? -2.956  9.582   4.899   1.00 8.14   ? 8   G   A N7     1 
ATOM   238 C  C5     . G   A 1 8 ? -3.488  9.795   3.629   1.00 7.41   ? 8   G   A C5     1 
ATOM   239 C  C6     . G   A 1 8 ? -4.490  9.107   2.915   1.00 7.58   ? 8   G   A C6     1 
ATOM   240 O  O6     . G   A 1 8 ? -5.117  8.117   3.264   1.00 8.97   ? 8   G   A O6     1 
ATOM   241 N  N1     . G   A 1 8 ? -4.739  9.690   1.680   1.00 8.29   ? 8   G   A N1     1 
ATOM   242 C  C2     . G   A 1 8 ? -4.105  10.795  1.191   1.00 8.26   ? 8   G   A C2     1 
ATOM   243 N  N2     . G   A 1 8 ? -4.471  11.212  -0.035  1.00 8.81   ? 8   G   A N2     1 
ATOM   244 N  N3     . G   A 1 8 ? -3.158  11.426  1.835   1.00 8.50   ? 8   G   A N3     1 
ATOM   245 C  C4     . G   A 1 8 ? -2.894  10.882  3.033   1.00 8.50   ? 8   G   A C4     1 
ATOM   246 H  "H5'"  . G   A 1 8 ? 1.633   12.774  6.760   1.00 10.11  ? 8   G   A "H5'"  1 
ATOM   247 H  "H5''" . G   A 1 8 ? 0.686   14.130  7.381   1.00 9.60   ? 8   G   A "H5''" 1 
ATOM   248 H  "H4'"  . G   A 1 8 ? 0.855   14.219  4.941   1.00 8.87   ? 8   G   A "H4'"  1 
ATOM   249 H  "H3'"  . G   A 1 8 ? -1.924  13.504  5.926   1.00 8.32   ? 8   G   A "H3'"  1 
ATOM   250 H  "HO3'" . G   A 1 8 ? -2.158  15.927  5.487   1.00 8.71   ? 8   G   A "HO3'" 1 
ATOM   251 H  "H2'"  . G   A 1 8 ? -2.687  13.732  3.697   1.00 8.15   ? 8   G   A "H2'"  1 
ATOM   252 H  "HO2'" . G   A 1 8 ? -1.134  14.512  2.086   1.00 9.97   ? 8   G   A "HO2'" 1 
ATOM   253 H  "H1'"  . G   A 1 8 ? -0.562  12.312  2.656   1.00 8.58   ? 8   G   A "H1'"  1 
ATOM   254 H  H8     . G   A 1 8 ? -1.379  10.566  5.886   1.00 7.90   ? 8   G   A H8     1 
ATOM   255 H  H1     . G   A 1 8 ? -5.491  9.277   1.112   1.00 8.25   ? 8   G   A H1     1 
ATOM   256 H  H21    . G   A 1 8 ? -5.199  10.736  -0.543  1.00 8.50   ? 8   G   A H21    1 
ATOM   257 H  H22    . G   A 1 8 ? -4.004  12.003  -0.456  1.00 8.02   ? 8   G   A H22    1 
HETATM 258 O  "O5'"  . CBV B 1 1 ? -9.346  5.429   -4.392  1.00 14.31  ? 1   CBV B "O5'"  1 
HETATM 259 C  "C5'"  . CBV B 1 1 ? -9.674  6.338   -5.379  1.00 13.53  ? 1   CBV B "C5'"  1 
HETATM 260 C  "C4'"  . CBV B 1 1 ? -9.031  7.573   -5.106  1.00 11.59  ? 1   CBV B "C4'"  1 
HETATM 261 O  "O4'"  . CBV B 1 1 ? -9.402  8.252   -3.837  1.00 11.43  ? 1   CBV B "O4'"  1 
HETATM 262 C  "C3'"  . CBV B 1 1 ? -7.485  7.643   -5.034  1.00 10.27  ? 1   CBV B "C3'"  1 
HETATM 263 O  "O3'"  . CBV B 1 1 ? -6.976  7.516   -6.398  1.00 11.04  ? 1   CBV B "O3'"  1 
HETATM 264 C  "C2'"  . CBV B 1 1 ? -7.226  8.870   -4.421  1.00 10.18  ? 1   CBV B "C2'"  1 
HETATM 265 O  "O2'"  . CBV B 1 1 ? -7.408  10.033  -5.281  1.00 13.03  ? 1   CBV B "O2'"  1 
HETATM 266 C  "C1'"  . CBV B 1 1 ? -8.314  8.871   -3.279  1.00 9.79   ? 1   CBV B "C1'"  1 
HETATM 267 N  N1     . CBV B 1 1 ? -7.834  8.219   -2.075  1.00 8.63   ? 1   CBV B N1     1 
HETATM 268 C  C2     . CBV B 1 1 ? -7.062  8.924   -1.172  1.00 8.82   ? 1   CBV B C2     1 
HETATM 269 O  O2     . CBV B 1 1 ? -6.700  10.053  -1.404  1.00 9.96   ? 1   CBV B O2     1 
HETATM 270 N  N3     . CBV B 1 1 ? -6.686  8.315   0.009   1.00 7.99   ? 1   CBV B N3     1 
HETATM 271 C  C4     . CBV B 1 1 ? -7.063  7.059   0.281   1.00 7.67   ? 1   CBV B C4     1 
HETATM 272 N  N4     . CBV B 1 1 ? -6.652  6.543   1.409   1.00 8.00   ? 1   CBV B N4     1 
HETATM 273 C  C5     . CBV B 1 1 ? -7.845  6.318   -0.640  1.00 8.39   ? 1   CBV B C5     1 
HETATM 274 C  C6     . CBV B 1 1 ? -8.226  6.960   -1.795  1.00 8.20   ? 1   CBV B C6     1 
HETATM 275 BR BR     . CBV B 1 1 ? -8.405  4.557   -0.278  1.00 9.93   ? 1   CBV B BR     1 
HETATM 276 H  "H5'1" . CBV B 1 1 ? -10.640 6.468   -5.393  1.00 2.02   ? 1   CBV B "H5'1" 1 
HETATM 277 H  "H5'2" . CBV B 1 1 ? -9.382  6.005   -6.234  1.00 12.28  ? 1   CBV B "H5'2" 1 
HETATM 278 H  "H4'"  . CBV B 1 1 ? -8.870  6.927   -4.389  1.00 10.66  ? 1   CBV B "H4'"  1 
HETATM 279 H  "H3'"  . CBV B 1 1 ? -7.130  6.915   -4.468  1.00 10.78  ? 1   CBV B "H3'"  1 
HETATM 280 H  "H2'"  . CBV B 1 1 ? -6.334  8.879   -4.037  1.00 10.15  ? 1   CBV B "H2'"  1 
HETATM 281 H  "HO2'" . CBV B 1 1 ? -7.683  9.731   -6.115  1.00 12.89  ? 1   CBV B "HO2'" 1 
HETATM 282 H  "H1'"  . CBV B 1 1 ? -8.554  9.782   -3.076  1.00 9.72   ? 1   CBV B "H1'"  1 
HETATM 283 H  HN41   . CBV B 1 1 ? -6.871  5.683   1.637   1.00 7.58   ? 1   CBV B HN41   1 
HETATM 284 H  HN42   . CBV B 1 1 ? -6.122  7.031   1.967   1.00 7.81   ? 1   CBV B HN42   1 
HETATM 285 H  H6     . CBV B 1 1 ? -8.799  6.465   -2.425  1.00 8.72   ? 1   CBV B H6     1 
ATOM   286 P  P      . G   B 1 2 ? -5.635  6.681   -6.652  1.00 10.70  ? 2   G   B P      1 
ATOM   287 O  OP1    . G   B 1 2 ? -5.452  6.641   -8.095  1.00 12.46  ? 2   G   B OP1    1 
ATOM   288 O  OP2    . G   B 1 2 ? -5.651  5.404   -5.887  1.00 12.42  ? 2   G   B OP2    1 
ATOM   289 O  "O5'"  . G   B 1 2 ? -4.531  7.597   -5.973  1.00 9.48   ? 2   G   B "O5'"  1 
ATOM   290 C  "C5'"  . G   B 1 2 ? -4.232  8.864   -6.566  1.00 9.17   ? 2   G   B "C5'"  1 
ATOM   291 C  "C4'"  . G   B 1 2 ? -3.218  9.570   -5.704  1.00 9.02   ? 2   G   B "C4'"  1 
ATOM   292 O  "O4'"  . G   B 1 2 ? -3.807  9.904   -4.427  1.00 9.38   ? 2   G   B "O4'"  1 
ATOM   293 C  "C3'"  . G   B 1 2 ? -1.973  8.810   -5.346  1.00 7.46   ? 2   G   B "C3'"  1 
ATOM   294 O  "O3'"  . G   B 1 2 ? -1.030  8.750   -6.438  1.00 8.16   ? 2   G   B "O3'"  1 
ATOM   295 C  "C2'"  . G   B 1 2 ? -1.462  9.621   -4.168  1.00 8.49   ? 2   G   B "C2'"  1 
ATOM   296 O  "O2'"  . G   B 1 2 ? -0.892  10.828  -4.622  1.00 10.44  ? 2   G   B "O2'"  1 
ATOM   297 C  "C1'"  . G   B 1 2 ? -2.787  9.895   -3.430  1.00 9.29   ? 2   G   B "C1'"  1 
ATOM   298 N  N9     . G   B 1 2 ? -3.106  8.830   -2.479  1.00 8.67   ? 2   G   B N9     1 
ATOM   299 C  C8     . G   B 1 2 ? -3.993  7.789   -2.619  1.00 8.81   ? 2   G   B C8     1 
ATOM   300 N  N7     . G   B 1 2 ? -4.054  7.019   -1.566  1.00 9.41   ? 2   G   B N7     1 
ATOM   301 C  C5     . G   B 1 2 ? -3.165  7.599   -0.671  1.00 8.75   ? 2   G   B C5     1 
ATOM   302 C  C6     . G   B 1 2 ? -2.772  7.189   0.624   1.00 8.07   ? 2   G   B C6     1 
ATOM   303 O  O6     . G   B 1 2 ? -3.198  6.240   1.285   1.00 8.97   ? 2   G   B O6     1 
ATOM   304 N  N1     . G   B 1 2 ? -1.772  7.993   1.129   1.00 7.27   ? 2   G   B N1     1 
ATOM   305 C  C2     . G   B 1 2 ? -1.216  9.051   0.488   1.00 7.72   ? 2   G   B C2     1 
ATOM   306 N  N2     . G   B 1 2 ? -0.228  9.697   1.127   1.00 8.46   ? 2   G   B N2     1 
ATOM   307 N  N3     . G   B 1 2 ? -1.581  9.452   -0.723  1.00 8.85   ? 2   G   B N3     1 
ATOM   308 C  C4     . G   B 1 2 ? -2.552  8.693   -1.230  1.00 8.79   ? 2   G   B C4     1 
ATOM   309 H  "H5'"  . G   B 1 2 ? -5.140  9.465   -6.643  1.00 9.34   ? 2   G   B "H5'"  1 
ATOM   310 H  "H5''" . G   B 1 2 ? -3.829  8.719   -7.570  1.00 9.23   ? 2   G   B "H5''" 1 
ATOM   311 H  "H4'"  . G   B 1 2 ? -2.922  10.494  -6.222  1.00 9.16   ? 2   G   B "H4'"  1 
ATOM   312 H  "H3'"  . G   B 1 2 ? -2.244  7.807   -4.990  1.00 8.22   ? 2   G   B "H3'"  1 
ATOM   313 H  "H2'"  . G   B 1 2 ? -0.779  9.031   -3.544  1.00 8.41   ? 2   G   B "H2'"  1 
ATOM   314 H  "HO2'" . G   B 1 2 ? -0.637  11.372  -3.872  1.00 10.60  ? 2   G   B "HO2'" 1 
ATOM   315 H  "H1'"  . G   B 1 2 ? -2.729  10.866  -2.922  1.00 9.01   ? 2   G   B "H1'"  1 
ATOM   316 H  H8     . G   B 1 2 ? -4.654  7.674   -3.465  1.00 8.63   ? 2   G   B H8     1 
ATOM   317 H  H1     . G   B 1 2 ? -1.416  7.758   2.074   1.00 7.39   ? 2   G   B H1     1 
ATOM   318 H  H21    . G   B 1 2 ? 0.034   9.435   2.065   1.00 8.24   ? 2   G   B H21    1 
ATOM   319 H  H22    . G   B 1 2 ? 0.186   10.517  0.707   1.00 7.91   ? 2   G   B H22    1 
ATOM   320 P  P      . A   B 1 3 ? -0.158  7.442   -6.614  1.00 8.89   ? 3   A   B P      1 
ATOM   321 O  OP1    . A   B 1 3 ? 0.549   7.621   -7.904  1.00 11.80  ? 3   A   B OP1    1 
ATOM   322 O  OP2    . A   B 1 3 ? -0.956  6.235   -6.363  1.00 9.19   ? 3   A   B OP2    1 
ATOM   323 O  "O5'"  . A   B 1 3 ? 0.874   7.494   -5.397  1.00 8.65   ? 3   A   B "O5'"  1 
ATOM   324 C  "C5'"  . A   B 1 3 ? 1.845   8.527   -5.391  1.00 9.24   ? 3   A   B "C5'"  1 
ATOM   325 C  "C4'"  . A   B 1 3 ? 2.574   8.459   -4.066  1.00 8.76   ? 3   A   B "C4'"  1 
ATOM   326 O  "O4'"  . A   B 1 3 ? 1.663   8.775   -2.986  1.00 9.16   ? 3   A   B "O4'"  1 
ATOM   327 C  "C3'"  . A   B 1 3 ? 3.202   7.154   -3.624  1.00 8.12   ? 3   A   B "C3'"  1 
ATOM   328 O  "O3'"  . A   B 1 3 ? 4.359   6.872   -4.378  1.00 7.93   ? 3   A   B "O3'"  1 
ATOM   329 C  "C2'"  . A   B 1 3 ? 3.428   7.441   -2.140  1.00 8.36   ? 3   A   B "C2'"  1 
ATOM   330 O  "O2'"  . A   B 1 3 ? 4.499   8.332   -1.997  1.00 9.91   ? 3   A   B "O2'"  1 
ATOM   331 C  "C1'"  . A   B 1 3 ? 2.082   8.104   -1.807  1.00 7.97   ? 3   A   B "C1'"  1 
ATOM   332 N  N9     . A   B 1 3 ? 1.070   7.089   -1.468  1.00 7.56   ? 3   A   B N9     1 
ATOM   333 C  C8     . A   B 1 3 ? 0.114   6.508   -2.265  1.00 7.09   ? 3   A   B C8     1 
ATOM   334 N  N7     . A   B 1 3 ? -0.577  5.580   -1.663  1.00 6.85   ? 3   A   B N7     1 
ATOM   335 C  C5     . A   B 1 3 ? -0.001  5.492   -0.398  1.00 6.65   ? 3   A   B C5     1 
ATOM   336 C  C6     . A   B 1 3 ? -0.301  4.722   0.738   1.00 6.74   ? 3   A   B C6     1 
ATOM   337 N  N6     . A   B 1 3 ? -1.267  3.803   0.781   1.00 7.47   ? 3   A   B N6     1 
ATOM   338 N  N1     . A   B 1 3 ? 0.490   4.877   1.824   1.00 7.76   ? 3   A   B N1     1 
ATOM   339 C  C2     . A   B 1 3 ? 1.465   5.765   1.781   1.00 8.17   ? 3   A   B C2     1 
ATOM   340 N  N3     . A   B 1 3 ? 1.802   6.597   0.802   1.00 7.74   ? 3   A   B N3     1 
ATOM   341 C  C4     . A   B 1 3 ? 1.001   6.430   -0.263  1.00 7.47   ? 3   A   B C4     1 
ATOM   342 H  "H5'"  . A   B 1 3 ? 1.362   9.501   -5.504  1.00 9.03   ? 3   A   B "H5'"  1 
ATOM   343 H  "H5''" . A   B 1 3 ? 2.547   8.389   -6.215  1.00 9.14   ? 3   A   B "H5''" 1 
ATOM   344 H  "H4'"  . A   B 1 3 ? 3.367   9.220   -4.097  1.00 8.71   ? 3   A   B "H4'"  1 
ATOM   345 H  "H3'"  . A   B 1 3 ? 2.463   6.348   -3.723  1.00 8.15   ? 3   A   B "H3'"  1 
ATOM   346 H  "H2'"  . A   B 1 3 ? 3.560   6.510   -1.577  1.00 8.24   ? 3   A   B "H2'"  1 
ATOM   347 H  "HO2'" . A   B 1 3 ? 4.600   8.572   -1.063  1.00 10.03  ? 3   A   B "HO2'" 1 
ATOM   348 H  "H1'"  . A   B 1 3 ? 2.214   8.813   -0.979  1.00 8.17   ? 3   A   B "H1'"  1 
ATOM   349 H  H8     . A   B 1 3 ? -0.101  6.833   -3.273  1.00 7.10   ? 3   A   B H8     1 
ATOM   350 H  H61    . A   B 1 3 ? -1.850  3.647   -0.028  1.00 7.29   ? 3   A   B H61    1 
ATOM   351 H  H62    . A   B 1 3 ? -1.406  3.253   1.617   1.00 7.24   ? 3   A   B H62    1 
ATOM   352 H  H2     . A   B 1 3 ? 2.030   5.877   2.697   1.00 7.83   ? 3   A   B H2     1 
ATOM   353 P  P      . A   B 1 4 ? 4.791   5.365   -4.595  1.00 8.96   ? 4   A   B P      1 
ATOM   354 O  OP1    . A   B 1 4 ? 5.910   5.416   -5.568  1.00 10.88  ? 4   A   B OP1    1 
ATOM   355 O  OP2    . A   B 1 4 ? 3.608   4.533   -4.900  1.00 10.52  ? 4   A   B OP2    1 
ATOM   356 O  "O5'"  . A   B 1 4 ? 5.305   4.908   -3.182  1.00 8.74   ? 4   A   B "O5'"  1 
ATOM   357 C  "C5'"  . A   B 1 4 ? 6.392   5.600   -2.555  1.00 8.78   ? 4   A   B "C5'"  1 
ATOM   358 C  "C4'"  . A   B 1 4 ? 6.535   5.125   -1.116  1.00 7.90   ? 4   A   B "C4'"  1 
ATOM   359 O  "O4'"  . A   B 1 4 ? 5.277   5.318   -0.395  1.00 8.61   ? 4   A   B "O4'"  1 
ATOM   360 C  "C3'"  . A   B 1 4 ? 6.846   3.672   -0.894  1.00 8.71   ? 4   A   B "C3'"  1 
ATOM   361 O  "O3'"  . A   B 1 4 ? 8.216   3.478   -1.119  1.00 8.86   ? 4   A   B "O3'"  1 
ATOM   362 C  "C2'"  . A   B 1 4 ? 6.411   3.461   0.544   1.00 9.76   ? 4   A   B "C2'"  1 
ATOM   363 O  "O2'"  . A   B 1 4 ? 7.370   4.054   1.382   1.00 10.14  ? 4   A   B "O2'"  1 
ATOM   364 C  "C1'"  . A   B 1 4 ? 5.122   4.281   0.567   1.00 8.59   ? 4   A   B "C1'"  1 
ATOM   365 N  N9     . A   B 1 4 ? 3.925   3.535   0.255   1.00 8.54   ? 4   A   B N9     1 
ATOM   366 C  C8     . A   B 1 4 ? 3.179   3.534   -0.908  1.00 9.34   ? 4   A   B C8     1 
ATOM   367 N  N7     . A   B 1 4 ? 2.116   2.764   -0.848  1.00 8.92   ? 4   A   B N7     1 
ATOM   368 C  C5     . A   B 1 4 ? 2.145   2.249   0.435   1.00 7.82   ? 4   A   B C5     1 
ATOM   369 C  C6     . A   B 1 4 ? 1.270   1.408   1.146   1.00 7.62   ? 4   A   B C6     1 
ATOM   370 N  N6     . A   B 1 4 ? 0.163   0.884   0.629   1.00 8.40   ? 4   A   B N6     1 
ATOM   371 N  N1     . A   B 1 4 ? 1.613   1.082   2.410   1.00 8.75   ? 4   A   B N1     1 
ATOM   372 C  C2     . A   B 1 4 ? 2.735   1.584   2.935   1.00 8.20   ? 4   A   B C2     1 
ATOM   373 N  N3     . A   B 1 4 ? 3.613   2.424   2.382   1.00 8.42   ? 4   A   B N3     1 
ATOM   374 C  C4     . A   B 1 4 ? 3.257   2.711   1.119   1.00 7.41   ? 4   A   B C4     1 
ATOM   375 H  "H5'"  . A   B 1 4 ? 6.221   6.676   -2.572  1.00 8.71   ? 4   A   B "H5'"  1 
ATOM   376 H  "H5''" . A   B 1 4 ? 7.317   5.397   -3.099  1.00 8.54   ? 4   A   B "H5''" 1 
ATOM   377 H  "H4'"  . A   B 1 4 ? 7.320   5.728   -0.640  1.00 8.00   ? 4   A   B "H4'"  1 
ATOM   378 H  "H3'"  . A   B 1 4 ? 6.220   3.060   -1.559  1.00 8.98   ? 4   A   B "H3'"  1 
ATOM   379 H  "H2'"  . A   B 1 4 ? 6.221   2.408   0.775   1.00 9.47   ? 4   A   B "H2'"  1 
ATOM   380 H  "HO2'" . A   B 1 4 ? 7.066   3.998   2.305   1.00 10.59  ? 4   A   B "HO2'" 1 
ATOM   381 H  "H1'"  . A   B 1 4 ? 5.018   4.728   1.565   1.00 8.91   ? 4   A   B "H1'"  1 
ATOM   382 H  H8     . A   B 1 4 ? 3.444   4.096   -1.792  1.00 9.11   ? 4   A   B H8     1 
ATOM   383 H  H61    . A   B 1 4 ? -0.096  1.091   -0.325  1.00 8.19   ? 4   A   B H61    1 
ATOM   384 H  H62    . A   B 1 4 ? -0.401  0.248   1.176   1.00 8.14   ? 4   A   B H62    1 
ATOM   385 H  H2     . A   B 1 4 ? 2.936   1.306   3.962   1.00 8.34   ? 4   A   B H2     1 
HETATM 386 O  O2     . U5M B 1 5 ? 6.029   -2.805  2.955   1.00 9.99   ? 5   U5M B O2     1 
HETATM 387 C  C2     . U5M B 1 5 ? 5.725   -1.945  2.121   1.00 7.21   ? 5   U5M B C2     1 
HETATM 388 N  N3     . U5M B 1 5 ? 4.512   -1.829  1.577   1.00 7.09   ? 5   U5M B N3     1 
HETATM 389 C  C4     . U5M B 1 5 ? 4.143   -0.966  0.583   1.00 6.94   ? 5   U5M B C4     1 
HETATM 390 O  O4     . U5M B 1 5 ? 2.967   -0.972  0.174   1.00 7.36   ? 5   U5M B O4     1 
HETATM 391 C  C5     . U5M B 1 5 ? 5.172   -0.147  0.094   1.00 6.77   ? 5   U5M B C5     1 
HETATM 392 C  C6     . U5M B 1 5 ? 6.398   -0.225  0.634   1.00 7.59   ? 5   U5M B C6     1 
HETATM 393 N  N1     . U5M B 1 5 ? 6.689   -1.099  1.644   1.00 7.06   ? 5   U5M B N1     1 
HETATM 394 C  "C1'"  . U5M B 1 5 ? 8.027   -1.131  2.313   1.00 7.89   ? 5   U5M B "C1'"  1 
HETATM 395 O  "O4'"  . U5M B 1 5 ? 8.674   0.136   2.092   1.00 8.76   ? 5   U5M B "O4'"  1 
HETATM 396 C  "C2'"  . U5M B 1 5 ? 8.897   -2.211  1.763   1.00 7.94   ? 5   U5M B "C2'"  1 
HETATM 397 F  "F2'"  . U5M B 1 5 ? 9.828   -2.522  2.793   1.00 10.36  ? 5   U5M B "F2'"  1 
HETATM 398 C  "C3'"  . U5M B 1 5 ? 9.619   -1.464  0.687   1.00 8.68   ? 5   U5M B "C3'"  1 
HETATM 399 O  "O3'"  . U5M B 1 5 ? 10.895  -2.103  0.305   1.00 9.12   ? 5   U5M B "O3'"  1 
HETATM 400 C  "C4'"  . U5M B 1 5 ? 9.931   -0.115  1.354   1.00 9.11   ? 5   U5M B "C4'"  1 
HETATM 401 C  "C5'"  . U5M B 1 5 ? 10.151  1.011   0.392   1.00 8.55   ? 5   U5M B "C5'"  1 
HETATM 402 C  C5M    . U5M B 1 5 ? 10.406  2.323   1.116   1.00 10.85  ? 5   U5M B C5M    1 
HETATM 403 O  "O5'"  . U5M B 1 5 ? 8.989   1.134   -0.470  1.00 8.39   ? 5   U5M B "O5'"  1 
HETATM 404 P  P      . U5M B 1 5 ? 8.870   2.120   -1.722  1.00 8.53   ? 5   U5M B P      1 
HETATM 405 O  OP1    . U5M B 1 5 ? 10.194  2.514   -2.225  1.00 10.19  ? 5   U5M B OP1    1 
HETATM 406 O  OP2    . U5M B 1 5 ? 7.878   1.497   -2.624  1.00 9.00   ? 5   U5M B OP2    1 
HETATM 407 H  H3     . U5M B 1 5 ? 3.817   -2.470  1.894   1.00 6.87   ? 5   U5M B H3     1 
HETATM 408 H  H5     . U5M B 1 5 ? 4.954   0.609   -0.654  1.00 7.16   ? 5   U5M B H5     1 
HETATM 409 H  H6     . U5M B 1 5 ? 7.143   0.477   0.302   1.00 7.61   ? 5   U5M B H6     1 
HETATM 410 H  "H1'"  . U5M B 1 5 ? 7.923   -1.272  3.388   1.00 8.26   ? 5   U5M B "H1'"  1 
HETATM 411 H  "H2'"  . U5M B 1 5 ? 8.333   -3.057  1.419   1.00 8.22   ? 5   U5M B "H2'"  1 
HETATM 412 H  "H3'"  . U5M B 1 5 ? 8.953   -1.320  -0.165  1.00 9.07   ? 5   U5M B "H3'"  1 
HETATM 413 H  H6N    . U5M B 1 5 ? 11.650  -1.525  0.570   1.00 9.13   ? 5   U5M B H6N    1 
HETATM 414 H  "H4'"  . U5M B 1 5 ? 10.779  -0.212  2.032   1.00 9.26   ? 5   U5M B "H4'"  1 
HETATM 415 H  "H5'"  . U5M B 1 5 ? 11.021  0.783   -0.227  1.00 8.79   ? 5   U5M B "H5'"  1 
HETATM 416 H  H6L    . U5M B 1 5 ? 9.525   2.952   1.061   1.00 10.21  ? 5   U5M B H6L    1 
HETATM 417 H  H6M    . U5M B 1 5 ? 11.243  2.837   0.642   1.00 10.74  ? 5   U5M B H6M    1 
HETATM 418 H  H5M    . U5M B 1 5 ? 10.647  2.132   2.163   1.00 10.43  ? 5   U5M B H5M    1 
ATOM   419 P  P      . U   B 1 6 ? 11.016  -3.115  -0.879  1.00 9.20   ? 6   U   B P      1 
ATOM   420 O  OP1    . U   B 1 6 ? 12.464  -3.349  -1.056  1.00 11.48  ? 6   U   B OP1    1 
ATOM   421 O  OP2    . U   B 1 6 ? 10.185  -2.689  -2.028  1.00 10.21  ? 6   U   B OP2    1 
ATOM   422 O  "O5'"  . U   B 1 6 ? 10.302  -4.462  -0.329  1.00 7.52   ? 6   U   B "O5'"  1 
ATOM   423 C  "C5'"  . U   B 1 6 ? 10.918  -5.240  0.719   1.00 7.89   ? 6   U   B "C5'"  1 
ATOM   424 C  "C4'"  . U   B 1 6 ? 9.881   -6.181  1.266   1.00 7.35   ? 6   U   B "C4'"  1 
ATOM   425 O  "O4'"  . U   B 1 6 ? 8.773   -5.396  1.786   1.00 7.16   ? 6   U   B "O4'"  1 
ATOM   426 C  "C3'"  . U   B 1 6 ? 9.183   -7.137  0.319   1.00 7.15   ? 6   U   B "C3'"  1 
ATOM   427 O  "O3'"  . U   B 1 6 ? 9.995   -8.238  0.056   1.00 8.61   ? 6   U   B "O3'"  1 
ATOM   428 C  "C2'"  . U   B 1 6 ? 7.934   -7.492  1.107   1.00 7.07   ? 6   U   B "C2'"  1 
ATOM   429 O  "O2'"  . U   B 1 6 ? 8.255   -8.372  2.142   1.00 7.59   ? 6   U   B "O2'"  1 
ATOM   430 C  "C1'"  . U   B 1 6 ? 7.566   -6.116  1.642   1.00 7.42   ? 6   U   B "C1'"  1 
ATOM   431 N  N1     . U   B 1 6 ? 6.645   -5.385  0.742   1.00 7.29   ? 6   U   B N1     1 
ATOM   432 C  C2     . U   B 1 6 ? 5.299   -5.657  0.873   1.00 7.76   ? 6   U   B C2     1 
ATOM   433 O  O2     . U   B 1 6 ? 4.879   -6.502  1.620   1.00 8.93   ? 6   U   B O2     1 
ATOM   434 N  N3     . U   B 1 6 ? 4.464   -4.936  0.054   1.00 6.67   ? 6   U   B N3     1 
ATOM   435 C  C4     . U   B 1 6 ? 4.845   -3.956  -0.857  1.00 7.23   ? 6   U   B C4     1 
ATOM   436 O  O4     . U   B 1 6 ? 3.979   -3.381  -1.518  1.00 7.45   ? 6   U   B O4     1 
ATOM   437 C  C5     . U   B 1 6 ? 6.251   -3.778  -0.989  1.00 6.73   ? 6   U   B C5     1 
ATOM   438 C  C6     . U   B 1 6 ? 7.085   -4.497  -0.212  1.00 7.12   ? 6   U   B C6     1 
ATOM   439 H  "H5'"  . U   B 1 6 ? 11.284  -4.583  1.510   1.00 7.94   ? 6   U   B "H5'"  1 
ATOM   440 H  "H5''" . U   B 1 6 ? 11.763  -5.806  0.319   1.00 7.66   ? 6   U   B "H5''" 1 
ATOM   441 H  "H4'"  . U   B 1 6 ? 10.345  -6.769  2.067   1.00 7.38   ? 6   U   B "H4'"  1 
ATOM   442 H  "H3'"  . U   B 1 6 ? 8.901   -6.610  -0.603  1.00 7.20   ? 6   U   B "H3'"  1 
ATOM   443 H  "H2'"  . U   B 1 6 ? 7.149   -7.872  0.447   1.00 7.18   ? 6   U   B "H2'"  1 
ATOM   444 H  "HO2'" . U   B 1 6 ? 7.454   -8.535  2.675   1.00 7.76   ? 6   U   B "HO2'" 1 
ATOM   445 H  "H1'"  . U   B 1 6 ? 7.107   -6.242  2.634   1.00 7.65   ? 6   U   B "H1'"  1 
ATOM   446 H  H3     . U   B 1 6 ? 3.447   -5.117  0.148   1.00 6.59   ? 6   U   B H3     1 
ATOM   447 H  H5     . U   B 1 6 ? 6.641   -3.033  -1.665  1.00 6.90   ? 6   U   B H5     1 
ATOM   448 H  H6     . U   B 1 6 ? 8.136   -4.269  -0.274  1.00 7.24   ? 6   U   B H6     1 
ATOM   449 P  P      . C   B 1 7 ? 9.816   -9.020  -1.335  1.00 11.19  ? 7   C   B P      1 
ATOM   450 O  OP1    . C   B 1 7 ? 10.806  -10.094 -1.273  1.00 14.73  ? 7   C   B OP1    1 
ATOM   451 O  OP2    . C   B 1 7 ? 9.778   -8.062  -2.464  1.00 13.20  ? 7   C   B OP2    1 
ATOM   452 O  "O5'"  . C   B 1 7 ? 8.334   -9.626  -1.352  1.00 10.19  ? 7   C   B "O5'"  1 
ATOM   453 C  "C5'"  . C   B 1 7 ? 8.031   -10.646 -0.426  1.00 9.56   ? 7   C   B "C5'"  1 
ATOM   454 C  "C4'"  . C   B 1 7 ? 6.540   -10.864 -0.391  1.00 9.55   ? 7   C   B "C4'"  1 
ATOM   455 O  "O4'"  . C   B 1 7 ? 5.883   -9.645  -0.012  1.00 8.29   ? 7   C   B "O4'"  1 
ATOM   456 C  "C3'"  . C   B 1 7 ? 5.776   -11.252 -1.656  1.00 8.15   ? 7   C   B "C3'"  1 
ATOM   457 O  "O3'"  . C   B 1 7 ? 5.975   -12.641 -1.949  1.00 8.99   ? 7   C   B "O3'"  1 
ATOM   458 C  "C2'"  . C   B 1 7 ? 4.356   -10.890 -1.301  1.00 7.99   ? 7   C   B "C2'"  1 
ATOM   459 O  "O2'"  . C   B 1 7 ? 3.899   -11.856 -0.366  1.00 8.45   ? 7   C   B "O2'"  1 
ATOM   460 C  "C1'"  . C   B 1 7 ? 4.576   -9.577  -0.564  1.00 7.45   ? 7   C   B "C1'"  1 
ATOM   461 N  N1     . C   B 1 7 ? 4.481   -8.441  -1.515  1.00 6.77   ? 7   C   B N1     1 
ATOM   462 C  C2     . C   B 1 7 ? 3.217   -8.050  -1.910  1.00 6.83   ? 7   C   B C2     1 
ATOM   463 O  O2     . C   B 1 7 ? 2.253   -8.696  -1.504  1.00 7.06   ? 7   C   B O2     1 
ATOM   464 N  N3     . C   B 1 7 ? 3.079   -7.015  -2.764  1.00 6.87   ? 7   C   B N3     1 
ATOM   465 C  C4     . C   B 1 7 ? 4.159   -6.406  -3.262  1.00 7.22   ? 7   C   B C4     1 
ATOM   466 N  N4     . C   B 1 7 ? 3.982   -5.374  -4.071  1.00 7.93   ? 7   C   B N4     1 
ATOM   467 C  C5     . C   B 1 7 ? 5.470   -6.773  -2.871  1.00 7.91   ? 7   C   B C5     1 
ATOM   468 C  C6     . C   B 1 7 ? 5.587   -7.806  -2.014  1.00 7.12   ? 7   C   B C6     1 
ATOM   469 H  "H5'"  . C   B 1 7 ? 8.392   -10.374 0.567   1.00 9.32   ? 7   C   B "H5'"  1 
ATOM   470 H  "H5''" . C   B 1 7 ? 8.530   -11.571 -0.724  1.00 9.07   ? 7   C   B "H5''" 1 
ATOM   471 H  "H4'"  . C   B 1 7 ? 6.342   -11.630 0.373   1.00 9.15   ? 7   C   B "H4'"  1 
ATOM   472 H  "H3'"  . C   B 1 7 ? 6.115   -10.619 -2.488  1.00 8.55   ? 7   C   B "H3'"  1 
ATOM   473 H  "H2'"  . C   B 1 7 ? 3.713   -10.788 -2.183  1.00 7.86   ? 7   C   B "H2'"  1 
ATOM   474 H  "HO2'" . C   B 1 7 ? 3.015   -11.610 -0.065  1.00 8.79   ? 7   C   B "HO2'" 1 
ATOM   475 H  "H1'"  . C   B 1 7 ? 3.835   -9.480  0.241   1.00 7.84   ? 7   C   B "H1'"  1 
ATOM   476 H  H41    . C   B 1 7 ? 3.053   -5.105  -4.358  1.00 7.56   ? 7   C   B H41    1 
ATOM   477 H  H42    . C   B 1 7 ? 4.783   -4.881  -4.442  1.00 7.57   ? 7   C   B H42    1 
ATOM   478 H  H5     . C   B 1 7 ? 6.340   -6.241  -3.238  1.00 7.66   ? 7   C   B H5     1 
ATOM   479 H  H6     . C   B 1 7 ? 6.575   -8.098  -1.695  1.00 7.22   ? 7   C   B H6     1 
ATOM   480 P  P      . G   B 1 8 ? 5.725   -13.165 -3.454  1.00 9.51   ? 8   G   B P      1 
ATOM   481 O  OP1    . G   B 1 8 ? 6.146   -14.563 -3.431  1.00 10.93  ? 8   G   B OP1    1 
ATOM   482 O  OP2    . G   B 1 8 ? 6.362   -12.224 -4.429  1.00 11.40  ? 8   G   B OP2    1 
ATOM   483 O  "O5'"  . G   B 1 8 ? 4.144   -13.032 -3.674  1.00 8.47   ? 8   G   B "O5'"  1 
ATOM   484 C  "C5'"  . G   B 1 8 ? 3.217   -13.851 -2.953  1.00 8.39   ? 8   G   B "C5'"  1 
ATOM   485 C  "C4'"  . G   B 1 8 ? 1.845   -13.643 -3.487  1.00 7.72   ? 8   G   B "C4'"  1 
ATOM   486 O  "O4'"  . G   B 1 8 ? 1.452   -12.252 -3.322  1.00 7.79   ? 8   G   B "O4'"  1 
ATOM   487 C  "C3'"  . G   B 1 8 ? 1.691   -13.854 -4.984  1.00 7.68   ? 8   G   B "C3'"  1 
ATOM   488 O  "O3'"  . G   B 1 8 ? 1.566   -15.218 -5.336  1.00 8.30   ? 8   G   B "O3'"  1 
ATOM   489 C  "C2'"  . G   B 1 8 ? 0.488   -13.002 -5.345  1.00 7.65   ? 8   G   B "C2'"  1 
ATOM   490 O  "O2'"  . G   B 1 8 ? -0.714  -13.685 -5.008  1.00 8.82   ? 8   G   B "O2'"  1 
ATOM   491 C  "C1'"  . G   B 1 8 ? 0.671   -11.814 -4.420  1.00 7.01   ? 8   G   B "C1'"  1 
ATOM   492 N  N9     . G   B 1 8 ? 1.367   -10.673 -5.035  1.00 6.91   ? 8   G   B N9     1 
ATOM   493 C  C8     . G   B 1 8 ? 2.680   -10.335 -4.836  1.00 7.36   ? 8   G   B C8     1 
ATOM   494 N  N7     . G   B 1 8 ? 2.998   -9.205  -5.408  1.00 7.32   ? 8   G   B N7     1 
ATOM   495 C  C5     . G   B 1 8 ? 1.816   -8.760  -5.977  1.00 6.83   ? 8   G   B C5     1 
ATOM   496 C  C6     . G   B 1 8 ? 1.509   -7.540  -6.657  1.00 6.62   ? 8   G   B C6     1 
ATOM   497 O  O6     . G   B 1 8 ? 2.257   -6.577  -6.888  1.00 7.78   ? 8   G   B O6     1 
ATOM   498 N  N1     . G   B 1 8 ? 0.198   -7.506  -7.073  1.00 6.95   ? 8   G   B N1     1 
ATOM   499 C  C2     . G   B 1 8 ? -0.718  -8.503  -6.859  1.00 6.96   ? 8   G   B C2     1 
ATOM   500 N  N2     . G   B 1 8 ? -1.958  -8.325  -7.345  1.00 8.19   ? 8   G   B N2     1 
ATOM   501 N  N3     . G   B 1 8 ? -0.460  -9.606  -6.190  1.00 7.00   ? 8   G   B N3     1 
ATOM   502 C  C4     . G   B 1 8 ? 0.811   -9.667  -5.781  1.00 6.71   ? 8   G   B C4     1 
ATOM   503 H  "H5'"  . G   B 1 8 ? 3.241   -13.608 -1.891  1.00 8.15   ? 8   G   B "H5'"  1 
ATOM   504 H  "H5''" . G   B 1 8 ? 3.493   -14.900 -3.065  1.00 8.37   ? 8   G   B "H5''" 1 
ATOM   505 H  "H4'"  . G   B 1 8 ? 1.147   -14.299 -2.952  1.00 7.35   ? 8   G   B "H4'"  1 
ATOM   506 H  "H3'"  . G   B 1 8 ? 2.566   -13.431 -5.496  1.00 7.63   ? 8   G   B "H3'"  1 
ATOM   507 H  "HO3'" . G   B 1 8 ? 1.371   -15.457 -6.271  1.00 8.49   ? 8   G   B "HO3'" 1 
ATOM   508 H  "H2'"  . G   B 1 8 ? 0.515   -12.686 -6.392  1.00 7.37   ? 8   G   B "H2'"  1 
ATOM   509 H  "HO2'" . G   B 1 8 ? -1.460  -13.111 -5.167  1.00 9.10   ? 8   G   B "HO2'" 1 
ATOM   510 H  "H1'"  . G   B 1 8 ? -0.318  -11.493 -4.063  1.00 7.04   ? 8   G   B "H1'"  1 
ATOM   511 H  H8     . G   B 1 8 ? 3.380   -10.918 -4.261  1.00 7.22   ? 8   G   B H8     1 
ATOM   512 H  H1     . G   B 1 8 ? -0.093  -6.702  -7.644  1.00 6.87   ? 8   G   B H1     1 
ATOM   513 H  H21    . G   B 1 8 ? -2.193  -7.488  -7.855  1.00 7.89   ? 8   G   B H21    1 
ATOM   514 H  H22    . G   B 1 8 ? -2.675  -9.014  -7.160  1.00 7.85   ? 8   G   B H22    1 
HETATM 515 CO CO     . NCO C 2 . ? -5.470  0.026   0.671   1.00 11.05  ? 101 NCO A CO     1 
HETATM 516 N  N1     . NCO C 2 . ? -4.407  -1.435  -0.147  1.00 13.73  ? 101 NCO A N1     1 
HETATM 517 N  N2     . NCO C 2 . ? -6.566  1.479   1.460   1.00 14.55  ? 101 NCO A N2     1 
HETATM 518 N  N3     . NCO C 2 . ? -7.151  -1.041  0.388   1.00 12.52  ? 101 NCO A N3     1 
HETATM 519 N  N4     . NCO C 2 . ? -5.704  0.881   -1.137  1.00 14.78  ? 101 NCO A N4     1 
HETATM 520 N  N5     . NCO C 2 . ? -3.768  1.059   0.962   1.00 10.59  ? 101 NCO A N5     1 
HETATM 521 N  N6     . NCO C 2 . ? -5.228  -0.787  2.477   1.00 11.60  ? 101 NCO A N6     1 
HETATM 522 H  HN11   . NCO C 2 . ? -3.759  -1.046  -0.852  1.00 14.35  ? 101 NCO A HN11   1 
HETATM 523 H  HN12   . NCO C 2 . ? -3.863  -1.926  0.579   1.00 14.47  ? 101 NCO A HN12   1 
HETATM 524 H  HN13   . NCO C 2 . ? -5.044  -2.105  -0.608  1.00 14.29  ? 101 NCO A HN13   1 
HETATM 525 H  HN21   . NCO C 2 . ? -5.942  2.191   1.884   1.00 14.30  ? 101 NCO A HN21   1 
HETATM 526 H  HN22   . NCO C 2 . ? -7.142  1.925   0.723   1.00 14.92  ? 101 NCO A HN22   1 
HETATM 527 H  HN23   . NCO C 2 . ? -7.186  1.091   2.194   1.00 15.90  ? 101 NCO A HN23   1 
HETATM 528 H  HN31   . NCO C 2 . ? -7.919  -0.641  0.949   1.00 13.65  ? 101 NCO A HN31   1 
HETATM 529 H  HN32   . NCO C 2 . ? -7.410  -1.018  -0.611  1.00 13.85  ? 101 NCO A HN32   1 
HETATM 530 H  HN33   . NCO C 2 . ? -6.995  -2.022  0.674   1.00 13.35  ? 101 NCO A HN33   1 
HETATM 531 H  HN41   . NCO C 2 . ? -6.706  1.062   -1.313  1.00 15.27  ? 101 NCO A HN41   1 
HETATM 532 H  HN42   . NCO C 2 . ? -5.186  1.773   -1.169  1.00 14.40  ? 101 NCO A HN42   1 
HETATM 533 H  HN43   . NCO C 2 . ? -5.342  0.249   -1.870  1.00 15.20  ? 101 NCO A HN43   1 
HETATM 534 H  HN51   . NCO C 2 . ? -3.930  2.062   0.752   1.00 12.80  ? 101 NCO A HN51   1 
HETATM 535 H  HN52   . NCO C 2 . ? -3.469  0.960   1.951   1.00 12.15  ? 101 NCO A HN52   1 
HETATM 536 H  HN53   . NCO C 2 . ? -3.024  0.693   0.340   1.00 11.84  ? 101 NCO A HN53   1 
HETATM 537 H  HN61   . NCO C 2 . ? -4.265  -1.145  2.571   1.00 13.16  ? 101 NCO A HN61   1 
HETATM 538 H  HN62   . NCO C 2 . ? -5.398  -0.070  3.200   1.00 12.75  ? 101 NCO A HN62   1 
HETATM 539 H  HN63   . NCO C 2 . ? -5.897  -1.564  2.604   1.00 13.27  ? 101 NCO A HN63   1 
HETATM 540 CO CO     . NCO D 2 . ? -8.686  -5.370  7.914   1.00 17.38  ? 102 NCO A CO     1 
HETATM 541 N  N1     . NCO D 2 . ? -6.990  -6.308  7.710   1.00 17.73  ? 102 NCO A N1     1 
HETATM 542 N  N2     . NCO D 2 . ? -10.424 -4.457  8.109   1.00 21.14  ? 102 NCO A N2     1 
HETATM 543 N  N3     . NCO D 2 . ? -9.659  -7.074  7.463   1.00 17.02  ? 102 NCO A N3     1 
HETATM 544 N  N4     . NCO D 2 . ? -8.572  -5.005  5.978   1.00 23.67  ? 102 NCO A N4     1 
HETATM 545 N  N5     . NCO D 2 . ? -7.761  -3.676  8.323   1.00 23.70  ? 102 NCO A N5     1 
HETATM 546 N  N6     . NCO D 2 . ? -8.832  -5.768  9.867   1.00 18.01  ? 102 NCO A N6     1 
HETATM 547 H  HN11   . NCO D 2 . ? -7.063  -7.018  6.960   1.00 18.21  ? 102 NCO A HN11   1 
HETATM 548 H  HN12   . NCO D 2 . ? -6.241  -5.636  7.469   1.00 18.15  ? 102 NCO A HN12   1 
HETATM 549 H  HN13   . NCO D 2 . ? -6.750  -6.780  8.600   1.00 18.25  ? 102 NCO A HN13   1 
HETATM 550 H  HN21   . NCO D 2 . ? -10.354 -3.724  8.833   1.00 20.99  ? 102 NCO A HN21   1 
HETATM 551 H  HN22   . NCO D 2 . ? -10.688 -4.017  7.213   1.00 20.53  ? 102 NCO A HN22   1 
HETATM 552 H  HN23   . NCO D 2 . ? -11.150 -5.136  8.381   1.00 18.23  ? 102 NCO A HN23   1 
HETATM 553 H  HN31   . NCO D 2 . ? -10.481 -7.184  8.078   1.00 16.17  ? 102 NCO A HN31   1 
HETATM 554 H  HN32   . NCO D 2 . ? -9.970  -7.044  6.478   1.00 16.82  ? 102 NCO A HN32   1 
HETATM 555 H  HN33   . NCO D 2 . ? -9.029  -7.881  7.598   1.00 18.60  ? 102 NCO A HN33   1 
HETATM 556 H  HN41   . NCO D 2 . ? -9.523  -4.920  5.580   1.00 21.21  ? 102 NCO A HN41   1 
HETATM 557 H  HN42   . NCO D 2 . ? -8.055  -4.122  5.823   1.00 22.88  ? 102 NCO A HN42   1 
HETATM 558 H  HN43   . NCO D 2 . ? -8.078  -5.778  5.503   1.00 20.44  ? 102 NCO A HN43   1 
HETATM 559 H  HN51   . NCO D 2 . ? -8.375  -2.881  8.077   1.00 22.12  ? 102 NCO A HN51   1 
HETATM 560 H  HN52   . NCO D 2 . ? -7.539  -3.638  9.334   1.00 22.39  ? 102 NCO A HN52   1 
HETATM 561 H  HN53   . NCO D 2 . ? -6.885  -3.609  7.776   1.00 21.37  ? 102 NCO A HN53   1 
HETATM 562 H  HN61   . NCO D 2 . ? -9.228  -6.715  9.998   1.00 18.14  ? 102 NCO A HN61   1 
HETATM 563 H  HN62   . NCO D 2 . ? -7.893  -5.728  10.301  1.00 18.23  ? 102 NCO A HN62   1 
HETATM 564 H  HN63   . NCO D 2 . ? -9.448  -5.074  10.323  1.00 18.42  ? 102 NCO A HN63   1 
HETATM 565 CO CO     . NCO E 2 . ? -1.835  2.680   -6.463  1.00 11.50  ? 101 NCO B CO     1 
HETATM 566 N  N1     . NCO E 2 . ? -0.802  1.266   -7.400  1.00 13.26  ? 101 NCO B N1     1 
HETATM 567 N  N2     . NCO E 2 . ? -2.811  4.168   -5.512  1.00 9.85   ? 101 NCO B N2     1 
HETATM 568 N  N3     . NCO E 2 . ? -3.432  1.914   -7.095  1.00 14.84  ? 101 NCO B N3     1 
HETATM 569 N  N4     . NCO E 2 . ? -1.673  3.864   -8.055  1.00 12.41  ? 101 NCO B N4     1 
HETATM 570 N  N5     . NCO E 2 . ? -0.152  3.508   -5.765  1.00 12.11  ? 101 NCO B N5     1 
HETATM 571 N  N6     . NCO E 2 . ? -1.939  1.518   -4.845  1.00 12.25  ? 101 NCO B N6     1 
HETATM 572 H  HN11   . NCO E 2 . ? -0.909  0.359   -6.919  1.00 12.90  ? 101 NCO B HN11   1 
HETATM 573 H  HN12   . NCO E 2 . ? 0.198   1.526   -7.422  1.00 12.70  ? 101 NCO B HN12   1 
HETATM 574 H  HN13   . NCO E 2 . ? -1.149  1.179   -8.370  1.00 12.97  ? 101 NCO B HN13   1 
HETATM 575 H  HN21   . NCO E 2 . ? -2.981  3.905   -4.526  1.00 10.45  ? 101 NCO B HN21   1 
HETATM 576 H  HN22   . NCO E 2 . ? -3.721  4.352   -5.984  1.00 10.29  ? 101 NCO B HN22   1 
HETATM 577 H  HN23   . NCO E 2 . ? -2.240  5.034   -5.544  1.00 9.77   ? 101 NCO B HN23   1 
HETATM 578 H  HN31   . NCO E 2 . ? -3.494  2.016   -8.130  1.00 14.35  ? 101 NCO B HN31   1 
HETATM 579 H  HN32   . NCO E 2 . ? -4.248  2.381   -6.648  1.00 13.41  ? 101 NCO B HN32   1 
HETATM 580 H  HN33   . NCO E 2 . ? -3.442  0.903   -6.847  1.00 13.45  ? 101 NCO B HN33   1 
HETATM 581 H  HN41   . NCO E 2 . ? -1.487  4.834   -7.751  1.00 12.10  ? 101 NCO B HN41   1 
HETATM 582 H  HN42   . NCO E 2 . ? -2.547  3.847   -8.604  1.00 12.63  ? 101 NCO B HN42   1 
HETATM 583 H  HN43   . NCO E 2 . ? -0.891  3.537   -8.648  1.00 12.35  ? 101 NCO B HN43   1 
HETATM 584 H  HN51   . NCO E 2 . ? -0.357  4.040   -4.902  1.00 12.71  ? 101 NCO B HN51   1 
HETATM 585 H  HN52   . NCO E 2 . ? 0.248   4.144   -6.476  1.00 12.40  ? 101 NCO B HN52   1 
HETATM 586 H  HN53   . NCO E 2 . ? 0.534   2.765   -5.547  1.00 11.60  ? 101 NCO B HN53   1 
HETATM 587 H  HN61   . NCO E 2 . ? -1.884  0.521   -5.113  1.00 11.96  ? 101 NCO B HN61   1 
HETATM 588 H  HN62   . NCO E 2 . ? -1.155  1.746   -4.207  1.00 12.05  ? 101 NCO B HN62   1 
HETATM 589 H  HN63   . NCO E 2 . ? -2.837  1.684   -4.357  1.00 12.67  ? 101 NCO B HN63   1 
HETATM 590 CO CO     . NCO F 2 . ? 5.700   0.981   -8.379  1.00 14.47  ? 102 NCO B CO     1 
HETATM 591 N  N1     . NCO F 2 . ? 5.765   -0.336  -9.897  1.00 14.89  ? 102 NCO B N1     1 
HETATM 592 N  N2     . NCO F 2 . ? 5.587   2.287   -6.906  1.00 20.09  ? 102 NCO B N2     1 
HETATM 593 N  N3     . NCO F 2 . ? 3.734   0.986   -8.507  1.00 18.05  ? 102 NCO B N3     1 
HETATM 594 N  N4     . NCO F 2 . ? 5.724   2.445   -9.714  1.00 19.99  ? 102 NCO B N4     1 
HETATM 595 N  N5     . NCO F 2 . ? 7.699   1.042   -8.262  1.00 21.53  ? 102 NCO B N5     1 
HETATM 596 N  N6     . NCO F 2 . ? 5.725   -0.487  -7.060  1.00 27.69  ? 102 NCO B N6     1 
HETATM 597 H  HN11   . NCO F 2 . ? 5.453   0.121   -10.773 1.00 15.63  ? 102 NCO B HN11   1 
HETATM 598 H  HN12   . NCO F 2 . ? 6.737   -0.677  -10.016 1.00 15.87  ? 102 NCO B HN12   1 
HETATM 599 H  HN13   . NCO F 2 . ? 5.146   -1.140  -9.689  1.00 15.39  ? 102 NCO B HN13   1 
HETATM 600 H  HN21   . NCO F 2 . ? 5.835   1.821   -6.004  1.00 19.34  ? 102 NCO B HN21   1 
HETATM 601 H  HN22   . NCO F 2 . ? 6.249   3.077   -7.082  1.00 19.49  ? 102 NCO B HN22   1 
HETATM 602 H  HN23   . NCO F 2 . ? 4.611   2.657   -6.850  1.00 19.02  ? 102 NCO B HN23   1 
HETATM 603 H  HN31   . NCO F 2 . ? 3.413   1.916   -8.834  1.00 18.82  ? 102 NCO B HN31   1 
HETATM 604 H  HN32   . NCO F 2 . ? 3.425   0.261   -9.179  1.00 17.78  ? 102 NCO B HN32   1 
HETATM 605 H  HN33   . NCO F 2 . ? 3.321   0.794   -7.576  1.00 16.12  ? 102 NCO B HN33   1 
HETATM 606 H  HN41   . NCO F 2 . ? 4.980   2.287   -10.421 1.00 19.18  ? 102 NCO B HN41   1 
HETATM 607 H  HN42   . NCO F 2 . ? 5.553   3.352   -9.236  1.00 19.02  ? 102 NCO B HN42   1 
HETATM 608 H  HN43   . NCO F 2 . ? 6.647   2.472   -10.186 1.00 18.34  ? 102 NCO B HN43   1 
HETATM 609 H  HN51   . NCO F 2 . ? 7.994   1.903   -7.772  1.00 19.87  ? 102 NCO B HN51   1 
HETATM 610 H  HN52   . NCO F 2 . ? 8.042   0.217   -7.743  1.00 20.04  ? 102 NCO B HN52   1 
HETATM 611 H  HN53   . NCO F 2 . ? 8.105   1.036   -9.212  1.00 19.49  ? 102 NCO B HN53   1 
HETATM 612 H  HN61   . NCO F 2 . ? 5.925   -1.400  -7.564  1.00 24.62  ? 102 NCO B HN61   1 
HETATM 613 H  HN62   . NCO F 2 . ? 6.489   -0.306  -6.340  1.00 25.30  ? 102 NCO B HN62   1 
HETATM 614 H  HN63   . NCO F 2 . ? 4.780   -0.540  -6.573  1.00 24.02  ? 102 NCO B HN63   1 
HETATM 615 O  O      . HOH G 3 . ? -2.332  -7.015  11.866  1.00 27.85  ? 201 HOH A O      1 
HETATM 616 O  O      . HOH G 3 . ? 1.996   -2.056  -5.103  1.00 24.04  ? 202 HOH A O      1 
HETATM 617 O  O      . HOH G 3 . ? -9.192  -4.716  1.462   1.00 23.00  ? 203 HOH A O      1 
HETATM 618 O  O      . HOH G 3 . ? -2.299  16.184  7.964   1.00 14.84  ? 204 HOH A O      1 
HETATM 619 O  O      . HOH G 3 . ? 3.112   -7.139  5.636   1.00 26.19  ? 205 HOH A O      1 
HETATM 620 O  O      . HOH G 3 . ? 5.149   5.905   6.717   1.00 26.02  ? 206 HOH A O      1 
HETATM 621 O  O      . HOH G 3 . ? -3.360  -3.328  -2.626  1.00 18.75  ? 207 HOH A O      1 
HETATM 622 O  O      . HOH G 3 . ? 3.021   10.873  3.515   1.00 18.79  ? 208 HOH A O      1 
HETATM 623 O  O      . HOH G 3 . ? -6.741  -6.682  -9.109  1.00 18.02  ? 209 HOH A O      1 
HETATM 624 O  O      . HOH G 3 . ? -7.372  -3.081  2.886   1.00 17.22  ? 210 HOH A O      1 
HETATM 625 O  O      . HOH G 3 . ? -2.653  14.134  0.992   1.00 23.65  ? 211 HOH A O      1 
HETATM 626 O  O      . HOH G 3 . ? 0.177   5.531   14.299  1.00 29.38  ? 212 HOH A O      1 
HETATM 627 O  O      . HOH G 3 . ? 4.320   12.149  7.740   1.00 27.74  ? 213 HOH A O      1 
HETATM 628 O  O      . HOH G 3 . ? 0.028   -6.833  10.156  1.00 23.40  ? 214 HOH A O      1 
HETATM 629 O  O      . HOH G 3 . ? -1.891  -1.229  -6.264  1.00 15.16  ? 215 HOH A O      1 
HETATM 630 O  O      . HOH G 3 . ? -9.953  -5.944  -2.649  1.00 34.07  ? 216 HOH A O      1 
HETATM 631 O  O      . HOH G 3 . ? -1.794  -10.816 3.215   1.00 9.20   ? 217 HOH A O      1 
HETATM 632 O  O      . HOH G 3 . ? 0.596   -9.988  6.891   1.00 23.95  ? 218 HOH A O      1 
HETATM 633 O  O      . HOH G 3 . ? -3.661  -9.407  -4.021  1.00 20.69  ? 219 HOH A O      1 
HETATM 634 O  O      . HOH G 3 . ? -7.517  -0.518  -3.169  1.00 27.51  ? 220 HOH A O      1 
HETATM 635 O  O      . HOH G 3 . ? 4.778   5.078   4.325   1.00 24.58  ? 221 HOH A O      1 
HETATM 636 O  O      . HOH G 3 . ? -4.634  -3.424  5.679   1.00 21.67  ? 222 HOH A O      1 
HETATM 637 O  O      . HOH G 3 . ? -3.767  -3.368  1.978   1.00 12.50  ? 223 HOH A O      1 
HETATM 638 O  O      . HOH G 3 . ? -4.214  8.014   6.843   1.00 20.64  ? 224 HOH A O      1 
HETATM 639 O  O      . HOH G 3 . ? -4.386  1.735   4.077   1.00 23.88  ? 225 HOH A O      1 
HETATM 640 O  O      . HOH G 3 . ? -8.558  -8.215  -3.442  1.00 25.75  ? 226 HOH A O      1 
HETATM 641 O  O      . HOH G 3 . ? -1.706  -1.178  13.955  1.00 13.17  ? 227 HOH A O      1 
HETATM 642 O  O      . HOH G 3 . ? 0.435   -9.631  2.246   1.00 9.91   ? 228 HOH A O      1 
HETATM 643 O  O      . HOH G 3 . ? -4.332  -9.005  9.809   1.00 25.14  ? 229 HOH A O      1 
HETATM 644 O  O      . HOH G 3 . ? -1.624  -1.903  -0.208  1.00 14.61  ? 230 HOH A O      1 
HETATM 645 O  O      . HOH G 3 . ? -3.346  0.318   7.449   1.00 31.25  ? 231 HOH A O      1 
HETATM 646 O  O      . HOH G 3 . ? -2.544  3.967   8.890   1.00 20.73  ? 232 HOH A O      1 
HETATM 647 O  O      . HOH G 3 . ? -3.785  -1.234  -3.225  1.00 26.08  ? 233 HOH A O      1 
HETATM 648 O  O      . HOH G 3 . ? 1.306   11.942  12.428  1.00 86.92  ? 234 HOH A O      1 
HETATM 649 O  O      . HOH G 3 . ? -0.421  -1.866  -2.723  1.00 20.26  ? 235 HOH A O      1 
HETATM 650 O  O      . HOH G 3 . ? -7.769  0.406   3.940   1.00 24.85  ? 236 HOH A O      1 
HETATM 651 O  O      . HOH G 3 . ? -2.048  1.054   -1.490  1.00 14.66  ? 237 HOH A O      1 
HETATM 652 O  O      . HOH G 3 . ? -4.942  1.661   -4.352  1.00 16.06  ? 238 HOH A O      1 
HETATM 653 O  O      . HOH G 3 . ? -4.032  4.563   6.442   1.00 21.62  ? 239 HOH A O      1 
HETATM 654 O  O      . HOH G 3 . ? -6.935  -8.487  9.812   1.00 53.06  ? 240 HOH A O      1 
HETATM 655 O  O      . HOH G 3 . ? -2.305  -10.630 -2.071  1.00 10.53  ? 241 HOH A O      1 
HETATM 656 O  O      . HOH G 3 . ? -12.029 -5.992  5.692   1.00 31.19  ? 242 HOH A O      1 
HETATM 657 O  O      . HOH G 3 . ? -3.064  13.210  -2.070  1.00 16.02  ? 243 HOH A O      1 
HETATM 658 O  O      . HOH G 3 . ? -10.004 -0.103  2.283   1.00 28.19  ? 244 HOH A O      1 
HETATM 659 O  O      . HOH G 3 . ? -1.654  -11.255 5.919   1.00 13.20  ? 245 HOH A O      1 
HETATM 660 O  O      . HOH G 3 . ? -2.854  14.372  9.805   1.00 22.16  ? 246 HOH A O      1 
HETATM 661 O  O      . HOH G 3 . ? -6.707  14.156  -0.803  1.00 20.82  ? 247 HOH A O      1 
HETATM 662 O  O      . HOH G 3 . ? 2.087   -9.220  4.385   1.00 25.26  ? 248 HOH A O      1 
HETATM 663 O  O      . HOH G 3 . ? -10.259 -4.937  -5.258  1.00 38.72  ? 249 HOH A O      1 
HETATM 664 O  O      . HOH G 3 . ? -6.168  -2.205  11.810  1.00 69.88  ? 250 HOH A O      1 
HETATM 665 O  O      . HOH G 3 . ? -4.328  15.319  -0.911  1.00 23.75  ? 251 HOH A O      1 
HETATM 666 O  O      . HOH G 3 . ? -4.362  -1.593  13.870  1.00 34.83  ? 252 HOH A O      1 
HETATM 667 O  O      . HOH G 3 . ? -2.399  -11.092 10.225  1.00 114.19 ? 253 HOH A O      1 
HETATM 668 O  O      . HOH G 3 . ? 1.108   14.468  14.427  1.00 43.64  ? 254 HOH A O      1 
HETATM 669 O  O      . HOH G 3 . ? -2.461  10.670  14.597  1.00 21.29  ? 255 HOH A O      1 
HETATM 670 O  O      . HOH G 3 . ? -12.342 -2.740  -7.684  1.00 40.39  ? 256 HOH A O      1 
HETATM 671 O  O      . HOH G 3 . ? -1.522  -13.880 6.627   1.00 15.40  ? 257 HOH A O      1 
HETATM 672 O  O      . HOH G 3 . ? -5.799  17.679  -1.590  1.00 28.89  ? 258 HOH A O      1 
HETATM 673 O  O      . HOH G 3 . ? -1.501  -14.142 8.981   1.00 30.21  ? 259 HOH A O      1 
HETATM 674 O  O      . HOH H 3 . ? 13.423  -4.952  -2.784  1.00 28.82  ? 201 HOH B O      1 
HETATM 675 O  O      . HOH H 3 . ? 6.323   -9.574  3.289   1.00 48.92  ? 202 HOH B O      1 
HETATM 676 O  O      . HOH H 3 . ? -6.428  12.293  -4.511  1.00 32.99  ? 203 HOH B O      1 
HETATM 677 O  O      . HOH H 3 . ? -3.555  6.983   -9.811  1.00 29.82  ? 204 HOH B O      1 
HETATM 678 O  O      . HOH H 3 . ? -2.863  -13.147 -6.351  1.00 20.20  ? 205 HOH B O      1 
HETATM 679 O  O      . HOH H 3 . ? 3.277   1.999   -4.413  1.00 17.96  ? 206 HOH B O      1 
HETATM 680 O  O      . HOH H 3 . ? 7.068   3.055   3.800   1.00 25.30  ? 207 HOH B O      1 
HETATM 681 O  O      . HOH H 3 . ? 8.522   4.778   -5.587  1.00 15.21  ? 208 HOH B O      1 
HETATM 682 O  O      . HOH H 3 . ? 5.165   -16.883 -2.473  1.00 24.36  ? 209 HOH B O      1 
HETATM 683 O  O      . HOH H 3 . ? 4.396   -1.769  -3.637  1.00 16.76  ? 210 HOH B O      1 
HETATM 684 O  O      . HOH H 3 . ? 1.382   -10.908 0.040   1.00 9.51   ? 211 HOH B O      1 
HETATM 685 O  O      . HOH H 3 . ? 14.145  -5.495  -1.055  1.00 21.31  ? 212 HOH B O      1 
HETATM 686 O  O      . HOH H 3 . ? 5.668   8.587   0.454   1.00 21.39  ? 213 HOH B O      1 
HETATM 687 O  O      . HOH H 3 . ? 2.027   -0.349  -2.310  1.00 14.71  ? 214 HOH B O      1 
HETATM 688 O  O      . HOH H 3 . ? 3.682   -2.296  -7.023  1.00 31.89  ? 215 HOH B O      1 
HETATM 689 O  O      . HOH H 3 . ? 7.922   -1.347  -2.782  1.00 13.78  ? 216 HOH B O      1 
HETATM 690 O  O      . HOH H 3 . ? -0.564  12.028  -7.060  1.00 20.49  ? 217 HOH B O      1 
HETATM 691 O  O      . HOH H 3 . ? -0.036  12.463  -2.599  1.00 21.09  ? 218 HOH B O      1 
HETATM 692 O  O      . HOH H 3 . ? -5.006  4.450   -1.745  1.00 12.70  ? 219 HOH B O      1 
HETATM 693 O  O      . HOH H 3 . ? -1.730  -13.347 -2.475  1.00 9.31   ? 220 HOH B O      1 
HETATM 694 O  O      . HOH H 3 . ? -7.482  12.446  -2.540  1.00 20.56  ? 221 HOH B O      1 
HETATM 695 O  O      . HOH H 3 . ? -4.639  3.910   0.893   1.00 13.91  ? 222 HOH B O      1 
HETATM 696 O  O      . HOH H 3 . ? 4.884   -5.967  -7.512  1.00 18.27  ? 223 HOH B O      1 
HETATM 697 O  O      . HOH H 3 . ? 8.262   2.024   -5.336  1.00 17.90  ? 224 HOH B O      1 
HETATM 698 O  O      . HOH H 3 . ? 2.442   3.724   -7.309  1.00 18.39  ? 225 HOH B O      1 
HETATM 699 O  O      . HOH H 3 . ? 5.182   0.917   -3.126  1.00 19.46  ? 226 HOH B O      1 
HETATM 700 O  O      . HOH H 3 . ? 12.914  1.855   -2.002  1.00 52.67  ? 227 HOH B O      1 
HETATM 701 O  O      . HOH H 3 . ? 10.982  -12.083 0.701   1.00 19.86  ? 228 HOH B O      1 
HETATM 702 O  O      . HOH H 3 . ? -2.471  3.680   -2.498  1.00 10.86  ? 229 HOH B O      1 
HETATM 703 O  O      . HOH H 3 . ? 0.518   2.145   -3.086  1.00 15.40  ? 230 HOH B O      1 
HETATM 704 O  O      . HOH H 3 . ? 0.429   10.241  -8.944  1.00 22.43  ? 231 HOH B O      1 
HETATM 705 O  O      . HOH H 3 . ? -6.646  3.810   -3.783  1.00 17.99  ? 232 HOH B O      1 
HETATM 706 O  O      . HOH H 3 . ? 5.882   -9.548  -5.224  1.00 17.18  ? 233 HOH B O      1 
HETATM 707 O  O      . HOH H 3 . ? -7.810  5.963   -9.510  1.00 23.97  ? 234 HOH B O      1 
HETATM 708 O  O      . HOH H 3 . ? -3.993  -10.192 -6.711  1.00 31.33  ? 235 HOH B O      1 
HETATM 709 O  O      . HOH H 3 . ? 1.105   11.820  -0.228  1.00 23.01  ? 236 HOH B O      1 
HETATM 710 O  O      . HOH H 3 . ? 9.551   5.741   0.620   1.00 13.00  ? 237 HOH B O      1 
HETATM 711 O  O      . HOH H 3 . ? 3.631   8.292   2.253   1.00 22.14  ? 238 HOH B O      1 
HETATM 712 O  O      . HOH H 3 . ? 8.155   -8.127  -4.861  1.00 17.39  ? 239 HOH B O      1 
HETATM 713 O  O      . HOH H 3 . ? 7.479   -4.599  4.721   1.00 17.04  ? 240 HOH B O      1 
HETATM 714 O  O      . HOH H 3 . ? -4.651  3.947   -8.874  1.00 22.94  ? 241 HOH B O      1 
HETATM 715 O  O      . HOH H 3 . ? 6.407   -4.058  -5.062  1.00 27.05  ? 242 HOH B O      1 
HETATM 716 O  O      . HOH H 3 . ? 11.261  2.640   -4.965  1.00 42.30  ? 243 HOH B O      1 
HETATM 717 O  O      . HOH H 3 . ? 6.884   -13.408 -7.073  1.00 16.93  ? 244 HOH B O      1 
HETATM 718 O  O      . HOH H 3 . ? -10.902 2.935   -4.119  1.00 22.06  ? 245 HOH B O      1 
HETATM 719 O  O      . HOH H 3 . ? 8.896   -5.125  -3.201  1.00 22.60  ? 246 HOH B O      1 
HETATM 720 O  O      . HOH H 3 . ? 1.729   0.509   -5.962  1.00 20.33  ? 247 HOH B O      1 
HETATM 721 O  O      . HOH H 3 . ? 12.703  -7.528  -3.169  1.00 52.72  ? 248 HOH B O      1 
HETATM 722 O  O      . HOH H 3 . ? -6.695  4.123   3.278   1.00 16.73  ? 249 HOH B O      1 
HETATM 723 O  O      . HOH H 3 . ? 3.541   7.423   -8.529  1.00 20.60  ? 250 HOH B O      1 
HETATM 724 O  O      . HOH H 3 . ? 3.416   11.171  -1.458  1.00 25.47  ? 251 HOH B O      1 
HETATM 725 O  O      . HOH H 3 . ? -8.751  2.349   -3.188  1.00 23.29  ? 252 HOH B O      1 
HETATM 726 O  O      . HOH H 3 . ? 6.422   0.506   4.593   1.00 23.18  ? 253 HOH B O      1 
HETATM 727 O  O      . HOH H 3 . ? -0.047  -13.262 -0.302  1.00 8.79   ? 254 HOH B O      1 
HETATM 728 O  O      . HOH H 3 . ? 10.578  0.383   -6.289  1.00 44.21  ? 255 HOH B O      1 
HETATM 729 O  O      . HOH H 3 . ? -4.122  13.604  -4.705  1.00 19.93  ? 256 HOH B O      1 
HETATM 730 O  O      . HOH H 3 . ? 5.543   7.269   2.866   1.00 33.70  ? 257 HOH B O      1 
HETATM 731 O  O      . HOH H 3 . ? 7.918   7.896   1.585   1.00 18.23  ? 258 HOH B O      1 
HETATM 732 O  O      . HOH H 3 . ? -3.061  13.167  -7.181  1.00 26.47  ? 259 HOH B O      1 
HETATM 733 O  O      . HOH H 3 . ? 5.993   -6.563  5.576   1.00 28.20  ? 260 HOH B O      1 
HETATM 734 O  O      . HOH H 3 . ? 15.762  -5.774  -1.554  1.00 25.62  ? 261 HOH B O      1 
HETATM 735 O  O      . HOH H 3 . ? 9.475   -14.182 -0.336  1.00 27.58  ? 262 HOH B O      1 
HETATM 736 O  O      . HOH H 3 . ? 12.625  1.079   -5.417  1.00 18.43  ? 263 HOH B O      1 
HETATM 737 O  O      . HOH H 3 . ? 11.516  5.550   2.461   1.00 21.09  ? 264 HOH B O      1 
HETATM 738 O  O      . HOH H 3 . ? 6.700   11.072  1.397   1.00 38.12  ? 265 HOH B O      1 
HETATM 739 O  O      . HOH H 3 . ? 17.830  -3.376  -1.235  1.00 38.31  ? 266 HOH B O      1 
HETATM 740 O  O      . HOH H 3 . ? -5.503  16.239  -4.157  1.00 30.51  ? 267 HOH B O      1 
# 
loop_
_atom_site_anisotrop.id 
_atom_site_anisotrop.type_symbol 
_atom_site_anisotrop.pdbx_label_atom_id 
_atom_site_anisotrop.pdbx_label_alt_id 
_atom_site_anisotrop.pdbx_label_comp_id 
_atom_site_anisotrop.pdbx_label_asym_id 
_atom_site_anisotrop.pdbx_label_seq_id 
_atom_site_anisotrop.pdbx_PDB_ins_code 
_atom_site_anisotrop.U[1][1] 
_atom_site_anisotrop.U[2][2] 
_atom_site_anisotrop.U[3][3] 
_atom_site_anisotrop.U[1][2] 
_atom_site_anisotrop.U[1][3] 
_atom_site_anisotrop.U[2][3] 
_atom_site_anisotrop.pdbx_auth_seq_id 
_atom_site_anisotrop.pdbx_auth_comp_id 
_atom_site_anisotrop.pdbx_auth_asym_id 
_atom_site_anisotrop.pdbx_auth_atom_id 
1   O  "O5'"  . CBV A 1 ? 0.1490 0.1123 0.1419 0.0089  -0.0262 0.0070  1   CBV A "O5'"  
2   C  "C5'"  . CBV A 1 ? 0.1438 0.1176 0.0857 0.0040  -0.0130 0.0220  1   CBV A "C5'"  
3   C  "C4'"  . CBV A 1 ? 0.1183 0.1166 0.1005 -0.0029 -0.0285 0.0052  1   CBV A "C4'"  
4   O  "O4'"  . CBV A 1 ? 0.1446 0.1191 0.0828 0.0179  -0.0161 0.0056  1   CBV A "O4'"  
5   C  "C3'"  . CBV A 1 ? 0.1051 0.1029 0.0971 0.0137  -0.0309 -0.0118 1   CBV A "C3'"  
6   O  "O3'"  . CBV A 1 ? 0.1227 0.1077 0.1180 0.0133  -0.0192 0.0098  1   CBV A "O3'"  
7   C  "C2'"  . CBV A 1 ? 0.0974 0.1053 0.1173 0.0040  -0.0105 0.0002  1   CBV A "C2'"  
8   O  "O2'"  . CBV A 1 ? 0.1200 0.1330 0.1324 -0.0035 -0.0358 -0.0080 1   CBV A "O2'"  
9   C  "C1'"  . CBV A 1 ? 0.1170 0.0922 0.0892 0.0177  -0.0163 -0.0147 1   CBV A "C1'"  
10  N  N1     . CBV A 1 ? 0.1056 0.1115 0.0777 -0.0063 -0.0038 -0.0035 1   CBV A N1     
11  C  C2     . CBV A 1 ? 0.1125 0.1100 0.0851 0.0032  -0.0022 -0.0110 1   CBV A C2     
12  O  O2     . CBV A 1 ? 0.1359 0.1045 0.0964 -0.0142 -0.0074 -0.0011 1   CBV A O2     
13  N  N3     . CBV A 1 ? 0.1138 0.0849 0.0757 0.0038  0.0169  -0.0128 1   CBV A N3     
14  C  C4     . CBV A 1 ? 0.1006 0.0857 0.0753 0.0112  0.0205  -0.0063 1   CBV A C4     
15  N  N4     . CBV A 1 ? 0.1082 0.0728 0.0996 0.0142  0.0038  0.0086  1   CBV A N4     
16  C  C5     . CBV A 1 ? 0.1056 0.0818 0.0874 0.0207  0.0210  -0.0093 1   CBV A C5     
17  C  C6     . CBV A 1 ? 0.1025 0.0917 0.0775 0.0220  0.0236  0.0057  1   CBV A C6     
18  BR BR     . CBV A 1 ? 0.1276 0.1040 0.1360 0.0052  0.0144  0.0104  1   CBV A BR     
19  H  "H5'1" . CBV A 1 ? 0.0255 0.0255 0.0255 0.0000  0.0000  0.0000  1   CBV A "H5'1" 
20  H  "H5'2" . CBV A 1 ? 0.1414 0.1147 0.0977 0.0017  -0.0181 0.0116  1   CBV A "H5'2" 
21  H  "H4'"  . CBV A 1 ? 0.1145 0.1138 0.0970 0.0037  -0.0235 0.0050  1   CBV A "H4'"  
22  H  "H3'"  . CBV A 1 ? 0.1017 0.1066 0.1046 0.0047  -0.0266 -0.0046 1   CBV A "H3'"  
23  H  "H2'"  . CBV A 1 ? 0.1062 0.1021 0.1094 0.0042  -0.0112 -0.0051 1   CBV A "H2'"  
24  H  "HO2'" . CBV A 1 ? 0.1309 0.1309 0.1309 0.0000  0.0000  0.0000  1   CBV A "HO2'" 
25  H  "H1'"  . CBV A 1 ? 0.1015 0.0962 0.0862 0.0069  -0.0112 -0.0114 1   CBV A "H1'"  
26  H  HN41   . CBV A 1 ? 0.0960 0.0808 0.0908 0.0125  0.0048  -0.0014 1   CBV A HN41   
27  H  HN42   . CBV A 1 ? 0.1015 0.0705 0.0898 0.0152  0.0075  0.0013  1   CBV A HN42   
28  H  H6     . CBV A 1 ? 0.1056 0.0888 0.0849 0.0175  0.0108  0.0018  1   CBV A H6     
29  P  P      . G   A 2 ? 0.1379 0.1266 0.1195 0.0242  0.0102  0.0073  2   G   A P      
30  O  OP1    . G   A 2 ? 0.1558 0.1619 0.1442 0.0748  0.0323  0.0225  2   G   A OP1    
31  O  OP2    . G   A 2 ? 0.1491 0.1328 0.1214 0.0059  0.0099  0.0011  2   G   A OP2    
32  O  "O5'"  . G   A 2 ? 0.0962 0.1077 0.1216 0.0153  -0.0035 0.0135  2   G   A "O5'"  
33  C  "C5'"  . G   A 2 ? 0.0903 0.1273 0.1108 -0.0055 -0.0097 0.0288  2   G   A "C5'"  
34  C  "C4'"  . G   A 2 ? 0.0976 0.1201 0.0947 0.0012  -0.0063 0.0127  2   G   A "C4'"  
35  O  "O4'"  . G   A 2 ? 0.1022 0.1164 0.0875 0.0022  -0.0158 -0.0005 2   G   A "O4'"  
36  C  "C3'"  . G   A 2 ? 0.0677 0.1065 0.1000 -0.0139 -0.0112 0.0036  2   G   A "C3'"  
37  O  "O3'"  . G   A 2 ? 0.0757 0.1405 0.1172 0.0080  0.0057  0.0056  2   G   A "O3'"  
38  C  "C2'"  . G   A 2 ? 0.0887 0.1013 0.1062 -0.0042 0.0021  0.0003  2   G   A "C2'"  
39  O  "O2'"  . G   A 2 ? 0.1155 0.1138 0.1156 -0.0218 0.0008  0.0015  2   G   A "O2'"  
40  C  "C1'"  . G   A 2 ? 0.0870 0.1012 0.1052 -0.0040 -0.0166 0.0054  2   G   A "C1'"  
41  N  N9     . G   A 2 ? 0.0759 0.0765 0.1054 0.0043  0.0038  -0.0065 2   G   A N9     
42  C  C8     . G   A 2 ? 0.0985 0.0930 0.0809 0.0164  0.0084  0.0059  2   G   A C8     
43  N  N7     . G   A 2 ? 0.0851 0.0878 0.1012 0.0156  0.0118  -0.0040 2   G   A N7     
44  C  C5     . G   A 2 ? 0.0785 0.0803 0.0793 0.0181  0.0041  -0.0061 2   G   A C5     
45  C  C6     . G   A 2 ? 0.0928 0.0760 0.0732 0.0056  0.0065  -0.0128 2   G   A C6     
46  O  O6     . G   A 2 ? 0.0987 0.0801 0.0964 -0.0052 0.0177  0.0056  2   G   A O6     
47  N  N1     . G   A 2 ? 0.0685 0.0780 0.0711 0.0139  0.0090  0.0004  2   G   A N1     
48  C  C2     . G   A 2 ? 0.0825 0.0654 0.0678 0.0105  0.0023  -0.0173 2   G   A C2     
49  N  N2     . G   A 2 ? 0.0929 0.0807 0.0893 0.0179  -0.0006 -0.0006 2   G   A N2     
50  N  N3     . G   A 2 ? 0.0698 0.0839 0.0835 0.0149  0.0007  -0.0022 2   G   A N3     
51  C  C4     . G   A 2 ? 0.0731 0.0907 0.0746 0.0135  0.0052  -0.0101 2   G   A C4     
52  H  "H5'"  . G   A 2 ? 0.1006 0.1191 0.1093 -0.0020 -0.0051 0.0140  2   G   A "H5'"  
53  H  "H5''" . G   A 2 ? 0.1072 0.1095 0.1054 0.0007  -0.0102 0.0121  2   G   A "H5''" 
54  H  "H4'"  . G   A 2 ? 0.1005 0.1184 0.0991 0.0001  -0.0062 0.0117  2   G   A "H4'"  
55  H  "H3'"  . G   A 2 ? 0.0875 0.0984 0.1063 -0.0136 -0.0051 0.0010  2   G   A "H3'"  
56  H  "H2'"  . G   A 2 ? 0.0937 0.1039 0.1060 -0.0043 -0.0002 0.0031  2   G   A "H2'"  
57  H  "HO2'" . G   A 2 ? 0.1160 0.1160 0.1160 0.0000  0.0000  0.0000  2   G   A "HO2'" 
58  H  "H1'"  . G   A 2 ? 0.0912 0.1073 0.1036 0.0004  -0.0053 0.0018  2   G   A "H1'"  
59  H  H8     . G   A 2 ? 0.0892 0.0892 0.0883 0.0106  0.0036  0.0026  2   G   A H8     
60  H  H1     . G   A 2 ? 0.0693 0.0731 0.0719 0.0064  0.0037  -0.0068 2   G   A H1     
61  H  H21    . G   A 2 ? 0.0876 0.0752 0.0836 0.0091  0.0026  -0.0081 2   G   A H21    
62  H  H22    . G   A 2 ? 0.0903 0.0814 0.0837 0.0161  0.0014  -0.0089 2   G   A H22    
63  P  P      . A   A 3 ? 0.1052 0.1644 0.1114 0.0046  0.0071  -0.0042 3   A   A P      
64  O  OP1    . A   A 3 ? 0.1201 0.2392 0.1434 0.0055  0.0237  -0.0074 3   A   A OP1    
65  O  OP2    . A   A 3 ? 0.1510 0.1481 0.1291 -0.0044 0.0047  -0.0179 3   A   A OP2    
66  O  "O5'"  . A   A 3 ? 0.1054 0.1422 0.0972 -0.0291 0.0020  0.0209  3   A   A "O5'"  
67  C  "C5'"  . A   A 3 ? 0.1088 0.1289 0.1180 -0.0221 -0.0037 0.0124  3   A   A "C5'"  
68  C  "C4'"  . A   A 3 ? 0.0911 0.1152 0.1007 -0.0171 0.0032  -0.0012 3   A   A "C4'"  
69  O  "O4'"  . A   A 3 ? 0.1061 0.1163 0.0745 -0.0341 0.0110  -0.0273 3   A   A "O4'"  
70  C  "C3'"  . A   A 3 ? 0.0934 0.1242 0.0826 -0.0157 0.0062  0.0030  3   A   A "C3'"  
71  O  "O3'"  . A   A 3 ? 0.0899 0.1077 0.1012 -0.0248 0.0168  0.0021  3   A   A "O3'"  
72  C  "C2'"  . A   A 3 ? 0.0928 0.1056 0.0881 -0.0209 0.0071  -0.0008 3   A   A "C2'"  
73  O  "O2'"  . A   A 3 ? 0.1052 0.1010 0.1030 -0.0283 -0.0118 -0.0077 3   A   A "O2'"  
74  C  "C1'"  . A   A 3 ? 0.0949 0.1080 0.0912 -0.0221 -0.0019 -0.0184 3   A   A "C1'"  
75  N  N9     . A   A 3 ? 0.0879 0.1078 0.0801 -0.0165 0.0070  -0.0082 3   A   A N9     
76  C  C8     . A   A 3 ? 0.0783 0.1190 0.0915 -0.0202 -0.0069 -0.0048 3   A   A C8     
77  N  N7     . A   A 3 ? 0.0736 0.1193 0.0943 -0.0041 0.0000  0.0148  3   A   A N7     
78  C  C5     . A   A 3 ? 0.0759 0.0850 0.0785 -0.0051 0.0056  -0.0176 3   A   A C5     
79  C  C6     . A   A 3 ? 0.0732 0.0874 0.0767 -0.0030 0.0104  -0.0182 3   A   A C6     
80  N  N6     . A   A 3 ? 0.0925 0.0876 0.0897 -0.0003 -0.0122 -0.0043 3   A   A N6     
81  N  N1     . A   A 3 ? 0.0828 0.0798 0.0839 0.0011  0.0069  -0.0077 3   A   A N1     
82  C  C2     . A   A 3 ? 0.0782 0.0861 0.1058 0.0115  0.0108  -0.0049 3   A   A C2     
83  N  N3     . A   A 3 ? 0.0782 0.0849 0.1014 -0.0013 0.0179  -0.0129 3   A   A N3     
84  C  C4     . A   A 3 ? 0.0813 0.0805 0.0904 -0.0071 0.0056  -0.0261 3   A   A C4     
85  H  "H5'"  . A   A 3 ? 0.1065 0.1250 0.1146 -0.0131 0.0035  0.0105  3   A   A "H5'"  
86  H  "H5''" . A   A 3 ? 0.1140 0.1224 0.1104 -0.0143 -0.0025 0.0049  3   A   A "H5''" 
87  H  "H4'"  . A   A 3 ? 0.1005 0.1137 0.0911 -0.0167 0.0000  -0.0008 3   A   A "H4'"  
88  H  "H3'"  . A   A 3 ? 0.0969 0.1208 0.0947 -0.0126 0.0032  0.0002  3   A   A "H3'"  
89  H  "H2'"  . A   A 3 ? 0.0970 0.1072 0.0916 -0.0180 0.0036  -0.0045 3   A   A "H2'"  
90  H  "HO2'" . A   A 3 ? 0.1053 0.1053 0.1053 0.0000  0.0000  0.0000  3   A   A "HO2'" 
91  H  "H1'"  . A   A 3 ? 0.0951 0.1067 0.0940 -0.0216 0.0014  -0.0106 3   A   A "H1'"  
92  H  H8     . A   A 3 ? 0.0796 0.1216 0.0935 -0.0064 -0.0037 0.0022  3   A   A H8     
93  H  H61    . A   A 3 ? 0.0857 0.0840 0.0848 0.0004  -0.0030 -0.0045 3   A   A H61    
94  H  H62    . A   A 3 ? 0.0894 0.0876 0.0860 0.0013  -0.0028 -0.0068 3   A   A H62    
95  H  H2     . A   A 3 ? 0.0801 0.0846 0.0896 0.0053  0.0079  -0.0052 3   A   A H2     
96  P  P      . A   A 4 ? 0.0987 0.1179 0.1140 -0.0195 0.0270  0.0009  4   A   A P      
97  O  OP1    . A   A 4 ? 0.1078 0.1448 0.1159 -0.0302 0.0412  0.0055  4   A   A OP1    
98  O  OP2    . A   A 4 ? 0.1041 0.1141 0.1489 -0.0057 0.0365  0.0127  4   A   A OP2    
99  O  "O5'"  . A   A 4 ? 0.1029 0.1095 0.0913 -0.0211 0.0096  0.0044  4   A   A "O5'"  
100 C  "C5'"  . A   A 4 ? 0.1307 0.1175 0.0908 -0.0392 -0.0008 0.0134  4   A   A "C5'"  
101 C  "C4'"  . A   A 4 ? 0.1204 0.1027 0.1091 -0.0266 0.0183  0.0058  4   A   A "C4'"  
102 O  "O4'"  . A   A 4 ? 0.1247 0.0920 0.1116 -0.0379 0.0141  -0.0133 4   A   A "O4'"  
103 C  "C3'"  . A   A 4 ? 0.1237 0.1150 0.0892 -0.0412 0.0032  0.0067  4   A   A "C3'"  
104 O  "O3'"  . A   A 4 ? 0.1691 0.1459 0.1199 -0.0439 0.0104  0.0151  4   A   A "O3'"  
105 C  "C2'"  . A   A 4 ? 0.1174 0.1136 0.0999 -0.0307 -0.0011 -0.0028 4   A   A "C2'"  
106 O  "O2'"  . A   A 4 ? 0.1620 0.1475 0.1261 0.0025  -0.0201 0.0258  4   A   A "O2'"  
107 C  "C1'"  . A   A 4 ? 0.1188 0.1016 0.1038 -0.0279 0.0027  -0.0047 4   A   A "C1'"  
108 N  N9     . A   A 4 ? 0.0880 0.0903 0.1144 -0.0156 0.0117  0.0059  4   A   A N9     
109 C  C8     . A   A 4 ? 0.0965 0.0976 0.1018 -0.0259 0.0070  -0.0080 4   A   A C8     
110 N  N7     . A   A 4 ? 0.0881 0.0932 0.1000 0.0009  0.0234  -0.0151 4   A   A N7     
111 C  C5     . A   A 4 ? 0.0852 0.0794 0.0865 0.0006  0.0144  -0.0189 4   A   A C5     
112 C  C6     . A   A 4 ? 0.0886 0.0897 0.0839 -0.0042 0.0140  -0.0248 4   A   A C6     
113 N  N6     . A   A 4 ? 0.0752 0.0921 0.0929 -0.0053 -0.0021 -0.0158 4   A   A N6     
114 N  N1     . A   A 4 ? 0.0784 0.0999 0.0908 -0.0164 0.0022  -0.0006 4   A   A N1     
115 C  C2     . A   A 4 ? 0.0862 0.1411 0.1070 -0.0002 0.0025  0.0233  4   A   A C2     
116 N  N3     . A   A 4 ? 0.0809 0.1144 0.1202 -0.0080 0.0063  0.0060  4   A   A N3     
117 C  C4     . A   A 4 ? 0.0833 0.0799 0.1089 0.0005  0.0198  -0.0156 4   A   A C4     
118 H  "H5'"  . A   A 4 ? 0.1152 0.1144 0.0956 -0.0221 0.0107  0.0090  4   A   A "H5'"  
119 H  "H5''" . A   A 4 ? 0.1228 0.1099 0.0981 -0.0217 0.0033  0.0031  4   A   A "H5''" 
120 H  "H4'"  . A   A 4 ? 0.1233 0.1015 0.1081 -0.0298 0.0093  0.0029  4   A   A "H4'"  
121 H  "H3'"  . A   A 4 ? 0.1274 0.1151 0.1093 -0.0307 0.0056  0.0027  4   A   A "H3'"  
122 H  "H2'"  . A   A 4 ? 0.1227 0.1095 0.0987 -0.0249 -0.0002 -0.0009 4   A   A "H2'"  
123 H  "HO2'" . A   A 4 ? 0.1465 0.1465 0.1465 0.0000  0.0000  0.0000  4   A   A "HO2'" 
124 H  "H1'"  . A   A 4 ? 0.1193 0.1089 0.1150 -0.0248 0.0069  -0.0014 4   A   A "H1'"  
125 H  H8     . A   A 4 ? 0.0921 0.0980 0.1019 -0.0139 0.0123  -0.0047 4   A   A H8     
126 H  H61    . A   A 4 ? 0.0763 0.0911 0.0898 0.0018  0.0025  -0.0135 4   A   A H61    
127 H  H62    . A   A 4 ? 0.0825 0.0879 0.0859 -0.0010 0.0029  -0.0117 4   A   A H62    
128 H  H2     . A   A 4 ? 0.0871 0.1239 0.1019 -0.0006 0.0019  0.0123  4   A   A H2     
129 O  O2     . U5M A 5 ? 0.1194 0.1318 0.1103 -0.0211 -0.0025 0.0114  5   U5M A O2     
130 C  C2     . U5M A 5 ? 0.1043 0.1090 0.0902 -0.0068 0.0000  -0.0186 5   U5M A C2     
131 N  N3     . U5M A 5 ? 0.1057 0.1135 0.0841 0.0030  0.0083  -0.0133 5   U5M A N3     
132 C  C4     . U5M A 5 ? 0.1048 0.1117 0.0758 0.0003  0.0012  -0.0213 5   U5M A C4     
133 O  O4     . U5M A 5 ? 0.1247 0.1250 0.1016 0.0040  0.0061  -0.0019 5   U5M A O4     
134 C  C5     . U5M A 5 ? 0.1013 0.1367 0.0926 -0.0081 -0.0043 -0.0035 5   U5M A C5     
135 C  C6     . U5M A 5 ? 0.1195 0.1204 0.0877 -0.0389 -0.0016 -0.0095 5   U5M A C6     
136 N  N1     . U5M A 5 ? 0.1102 0.1050 0.0854 -0.0111 0.0021  -0.0022 5   U5M A N1     
137 C  "C1'"  . U5M A 5 ? 0.0932 0.1133 0.0980 -0.0189 0.0069  -0.0006 5   U5M A "C1'"  
138 O  "O4'"  . U5M A 5 ? 0.1331 0.1070 0.1026 -0.0281 0.0175  -0.0029 5   U5M A "O4'"  
139 C  "C2'"  . U5M A 5 ? 0.1301 0.1077 0.0862 -0.0111 -0.0165 -0.0002 5   U5M A "C2'"  
140 F  "F2'"  . U5M A 5 ? 0.1417 0.1123 0.1418 -0.0205 -0.0287 0.0051  5   U5M A "F2'"  
141 C  "C3'"  . U5M A 5 ? 0.1371 0.1181 0.0774 -0.0192 -0.0124 -0.0053 5   U5M A "C3'"  
142 O  "O3'"  . U5M A 5 ? 0.1286 0.1223 0.0864 -0.0052 -0.0082 -0.0183 5   U5M A "O3'"  
143 C  "C4'"  . U5M A 5 ? 0.1342 0.1069 0.0851 -0.0325 0.0020  -0.0077 5   U5M A "C4'"  
144 C  "C5'"  . U5M A 5 ? 0.1271 0.1418 0.1047 -0.0235 -0.0149 -0.0033 5   U5M A "C5'"  
145 C  C5M    . U5M A 5 ? 0.1645 0.1815 0.1328 -0.0663 0.0305  -0.0173 5   U5M A C5M    
146 O  "O5'"  . U5M A 5 ? 0.1416 0.1313 0.1042 -0.0460 0.0000  -0.0005 5   U5M A "O5'"  
147 P  P      . U5M A 5 ? 0.1552 0.1690 0.1051 -0.0542 0.0171  -0.0260 5   U5M A P      
148 O  OP1    . U5M A 5 ? 0.2307 0.2285 0.1094 -0.1081 0.0637  -0.0267 5   U5M A OP1    
149 O  OP2    . U5M A 5 ? 0.1504 0.1482 0.1415 -0.0283 0.0234  -0.0448 5   U5M A OP2    
150 H  H3     . U5M A 5 ? 0.1067 0.1052 0.0871 0.0007  0.0048  -0.0126 5   U5M A H3     
151 H  H5     . U5M A 5 ? 0.1047 0.1317 0.0975 -0.0123 -0.0028 -0.0086 5   U5M A H5     
152 H  H6     . U5M A 5 ? 0.1136 0.1139 0.0857 -0.0234 -0.0019 -0.0023 5   U5M A H6     
153 H  "H1'"  . U5M A 5 ? 0.1014 0.1085 0.0967 -0.0110 0.0070  0.0002  5   U5M A "H1'"  
154 H  "H2'"  . U5M A 5 ? 0.1280 0.1073 0.0994 -0.0133 -0.0098 0.0004  5   U5M A "H2'"  
155 H  "H3'"  . U5M A 5 ? 0.1322 0.1203 0.0954 -0.0116 -0.0088 -0.0047 5   U5M A "H3'"  
156 H  H6N    . U5M A 5 ? 0.1149 0.1149 0.1149 0.0000  0.0000  0.0000  5   U5M A H6N    
157 H  "H4'"  . U5M A 5 ? 0.1362 0.1176 0.0932 -0.0242 -0.0018 -0.0070 5   U5M A "H4'"  
158 H  "H5'"  . U5M A 5 ? 0.1316 0.1355 0.0964 -0.0259 -0.0099 -0.0026 5   U5M A "H5'"  
159 H  H6L    . U5M A 5 ? 0.1575 0.1668 0.1190 -0.0392 0.0051  -0.0099 5   U5M A H6L    
160 H  H6M    . U5M A 5 ? 0.1746 0.1870 0.1523 -0.0526 0.0170  -0.0162 5   U5M A H6M    
161 H  H5M    . U5M A 5 ? 0.1545 0.1635 0.1237 -0.0351 0.0136  -0.0081 5   U5M A H5M    
162 P  P      . U   A 6 ? 0.1589 0.1556 0.1006 -0.0048 -0.0138 -0.0294 6   U   A P      
163 O  OP1    . U   A 6 ? 0.2090 0.1528 0.1116 -0.0158 0.0074  -0.0267 6   U   A OP1    
164 O  OP2    . U   A 6 ? 0.1553 0.1852 0.1600 0.0169  -0.0048 -0.0510 6   U   A OP2    
165 O  "O5'"  . U   A 6 ? 0.1577 0.1268 0.0862 0.0049  -0.0292 0.0009  6   U   A "O5'"  
166 C  "C5'"  . U   A 6 ? 0.1531 0.0883 0.0949 -0.0043 -0.0243 0.0094  6   U   A "C5'"  
167 C  "C4'"  . U   A 6 ? 0.1490 0.0840 0.1202 0.0090  -0.0207 0.0217  6   U   A "C4'"  
168 O  "O4'"  . U   A 6 ? 0.1782 0.0911 0.1060 0.0296  -0.0127 0.0032  6   U   A "O4'"  
169 C  "C3'"  . U   A 6 ? 0.1602 0.0807 0.0918 0.0170  -0.0223 0.0067  6   U   A "C3'"  
170 O  "O3'"  . U   A 6 ? 0.1953 0.0965 0.1055 0.0224  -0.0265 0.0060  6   U   A "O3'"  
171 C  "C2'"  . U   A 6 ? 0.1463 0.0918 0.1093 0.0000  -0.0129 0.0198  6   U   A "C2'"  
172 O  "O2'"  . U   A 6 ? 0.1566 0.1225 0.1499 0.0099  -0.0243 0.0197  6   U   A "O2'"  
173 C  "C1'"  . U   A 6 ? 0.1627 0.1139 0.0940 0.0363  0.0017  0.0117  6   U   A "C1'"  
174 N  N1     . U   A 6 ? 0.1235 0.1089 0.0817 0.0177  0.0004  -0.0020 6   U   A N1     
175 C  C2     . U   A 6 ? 0.1296 0.1076 0.0884 0.0224  0.0122  -0.0051 6   U   A C2     
176 O  O2     . U   A 6 ? 0.1375 0.1413 0.0987 0.0072  -0.0055 -0.0030 6   U   A O2     
177 N  N3     . U   A 6 ? 0.1318 0.0962 0.0853 0.0170  0.0131  -0.0083 6   U   A N3     
178 C  C4     . U   A 6 ? 0.1592 0.0750 0.0993 -0.0075 0.0170  -0.0234 6   U   A C4     
179 O  O4     . U   A 6 ? 0.1449 0.1111 0.1127 -0.0275 -0.0025 -0.0006 6   U   A O4     
180 C  C5     . U   A 6 ? 0.1734 0.0763 0.1057 -0.0097 0.0011  -0.0079 6   U   A C5     
181 C  C6     . U   A 6 ? 0.1570 0.1125 0.1126 0.0032  0.0042  0.0144  6   U   A C6     
182 H  "H5'"  . U   A 6 ? 0.1470 0.0949 0.0980 0.0035  -0.0174 0.0000  6   U   A "H5'"  
183 H  "H5''" . U   A 6 ? 0.1443 0.0890 0.1010 0.0072  -0.0169 0.0031  6   U   A "H5''" 
184 H  "H4'"  . U   A 6 ? 0.1494 0.0831 0.1111 0.0031  -0.0183 0.0106  6   U   A "H4'"  
185 H  "H3'"  . U   A 6 ? 0.1573 0.0862 0.1031 0.0047  -0.0184 0.0079  6   U   A "H3'"  
186 H  "H2'"  . U   A 6 ? 0.1477 0.0992 0.1156 0.0189  -0.0157 0.0100  6   U   A "H2'"  
187 H  "HO2'" . U   A 6 ? 0.1449 0.1449 0.1449 0.0000  0.0000  0.0000  6   U   A "HO2'" 
188 H  "H1'"  . U   A 6 ? 0.1471 0.1125 0.1023 0.0180  -0.0055 0.0129  6   U   A "H1'"  
189 H  H3     . U   A 6 ? 0.1310 0.0953 0.0863 0.0123  0.0134  -0.0091 6   U   A H3     
190 H  H5     . U   A 6 ? 0.1518 0.0982 0.1079 -0.0057 -0.0039 -0.0099 6   U   A H5     
191 H  H6     . U   A 6 ? 0.1494 0.1137 0.0961 0.0017  0.0037  -0.0009 6   U   A H6     
192 P  P      . C   A 7 ? 0.2021 0.1030 0.1047 0.0107  -0.0018 0.0048  7   C   A P      
193 O  OP1    . C   A 7 ? 0.3354 0.1155 0.1047 0.0149  -0.0020 -0.0024 7   C   A OP1    
194 O  OP2    . C   A 7 ? 0.2115 0.1041 0.1238 0.0284  0.0299  -0.0045 7   C   A OP2    
195 O  "O5'"  . C   A 7 ? 0.1841 0.0966 0.1116 0.0032  -0.0013 0.0163  7   C   A "O5'"  
196 C  "C5'"  . C   A 7 ? 0.1808 0.1161 0.1111 -0.0027 -0.0152 0.0225  7   C   A "C5'"  
197 C  "C4'"  . C   A 7 ? 0.1352 0.1311 0.1262 0.0000  0.0015  0.0310  7   C   A "C4'"  
198 O  "O4'"  . C   A 7 ? 0.1638 0.1030 0.1245 0.0431  0.0008  0.0347  7   C   A "O4'"  
199 C  "C3'"  . C   A 7 ? 0.1402 0.1121 0.1408 0.0142  0.0068  0.0274  7   C   A "C3'"  
200 O  "O3'"  . C   A 7 ? 0.1692 0.1054 0.1465 0.0028  -0.0318 0.0315  7   C   A "O3'"  
201 C  "C2'"  . C   A 7 ? 0.1389 0.1109 0.1320 0.0187  0.0151  0.0293  7   C   A "C2'"  
202 O  "O2'"  . C   A 7 ? 0.1390 0.1441 0.1647 0.0121  0.0106  0.0455  7   C   A "O2'"  
203 C  "C1'"  . C   A 7 ? 0.1503 0.1302 0.1029 0.0477  0.0076  0.0216  7   C   A "C1'"  
204 N  N1     . C   A 7 ? 0.1529 0.0957 0.1209 0.0439  -0.0181 0.0176  7   C   A N1     
205 C  C2     . C   A 7 ? 0.1170 0.0891 0.1189 0.0371  0.0119  -0.0012 7   C   A C2     
206 O  O2     . C   A 7 ? 0.1417 0.1186 0.1258 0.0168  0.0180  0.0193  7   C   A O2     
207 N  N3     . C   A 7 ? 0.1280 0.1021 0.1250 0.0383  0.0319  0.0035  7   C   A N3     
208 C  C4     . C   A 7 ? 0.1409 0.0733 0.1247 0.0377  0.0201  -0.0136 7   C   A C4     
209 N  N4     . C   A 7 ? 0.1683 0.1055 0.1223 0.0133  -0.0086 0.0032  7   C   A N4     
210 C  C5     . C   A 7 ? 0.1490 0.1032 0.1183 0.0507  -0.0171 -0.0092 7   C   A C5     
211 C  C6     . C   A 7 ? 0.1658 0.0953 0.1364 0.0225  -0.0093 0.0029  7   C   A C6     
212 H  "H5'"  . C   A 7 ? 0.1707 0.1192 0.1240 -0.0016 -0.0037 0.0160  7   C   A "H5'"  
213 H  "H5''" . C   A 7 ? 0.1568 0.1135 0.1173 0.0049  -0.0027 0.0193  7   C   A "H5''" 
214 H  "H4'"  . C   A 7 ? 0.1355 0.1194 0.1258 0.0052  -0.0050 0.0269  7   C   A "H4'"  
215 H  "H3'"  . C   A 7 ? 0.1403 0.1140 0.1357 0.0082  -0.0070 0.0210  7   C   A "H3'"  
216 H  "H2'"  . C   A 7 ? 0.1316 0.1233 0.1323 0.0123  0.0072  0.0162  7   C   A "H2'"  
217 H  "HO2'" . C   A 7 ? 0.1485 0.1485 0.1485 0.0000  0.0000  0.0000  7   C   A "HO2'" 
218 H  "H1'"  . C   A 7 ? 0.1421 0.1170 0.1150 0.0340  0.0093  0.0246  7   C   A "H1'"  
219 H  H41    . C   A 7 ? 0.1481 0.1017 0.1155 0.0167  0.0002  -0.0092 7   C   A H41    
220 H  H42    . C   A 7 ? 0.1496 0.1036 0.1260 0.0173  0.0015  -0.0090 7   C   A H42    
221 H  H5     . C   A 7 ? 0.1554 0.1074 0.1375 0.0394  -0.0060 -0.0107 7   C   A H5     
222 H  H6     . C   A 7 ? 0.1569 0.1042 0.1325 0.0225  -0.0063 -0.0021 7   C   A H6     
223 P  P      . G   A 8 ? 0.1876 0.1015 0.1517 -0.0007 0.0073  0.0009  8   G   A P      
224 O  OP1    . G   A 8 ? 0.3393 0.1351 0.1840 -0.0375 -0.0425 0.0138  8   G   A OP1    
225 O  OP2    . G   A 8 ? 0.1780 0.1172 0.1691 0.0181  0.0373  0.0069  8   G   A OP2    
226 O  "O5'"  . G   A 8 ? 0.1347 0.0822 0.1710 -0.0039 -0.0138 0.0040  8   G   A "O5'"  
227 C  "C5'"  . G   A 8 ? 0.1296 0.0667 0.1886 -0.0213 -0.0235 0.0102  8   G   A "C5'"  
228 C  "C4'"  . G   A 8 ? 0.0986 0.0873 0.1794 -0.0190 -0.0013 0.0100  8   G   A "C4'"  
229 O  "O4'"  . G   A 8 ? 0.0919 0.0877 0.1853 -0.0053 0.0202  -0.0001 8   G   A "O4'"  
230 C  "C3'"  . G   A 8 ? 0.1091 0.0791 0.1362 -0.0168 0.0053  -0.0023 8   G   A "C3'"  
231 O  "O3'"  . G   A 8 ? 0.1117 0.0838 0.1238 -0.0029 0.0114  -0.0062 8   G   A "O3'"  
232 C  "C2'"  . G   A 8 ? 0.0828 0.0988 0.1244 -0.0022 0.0292  -0.0018 8   G   A "C2'"  
233 O  "O2'"  . G   A 8 ? 0.1145 0.1087 0.1520 -0.0170 0.0357  0.0135  8   G   A "O2'"  
234 C  "C1'"  . G   A 8 ? 0.1041 0.0878 0.1329 -0.0028 0.0327  -0.0053 8   G   A "C1'"  
235 N  N9     . G   A 8 ? 0.1049 0.0922 0.1244 -0.0102 0.0240  -0.0154 8   G   A N9     
236 C  C8     . G   A 8 ? 0.0965 0.0872 0.1121 -0.0006 0.0089  -0.0289 8   G   A C8     
237 N  N7     . G   A 8 ? 0.1145 0.0677 0.1271 -0.0148 0.0205  -0.0218 8   G   A N7     
238 C  C5     . G   A 8 ? 0.0874 0.0813 0.1130 0.0025  0.0244  -0.0238 8   G   A C5     
239 C  C6     . G   A 8 ? 0.1019 0.0980 0.0879 0.0131  0.0268  -0.0264 8   G   A C6     
240 O  O6     . G   A 8 ? 0.1257 0.0918 0.1232 -0.0075 0.0305  -0.0118 8   G   A O6     
241 N  N1     . G   A 8 ? 0.1045 0.0878 0.1225 0.0092  0.0272  -0.0118 8   G   A N1     
242 C  C2     . G   A 8 ? 0.0988 0.1021 0.1129 0.0126  0.0279  -0.0217 8   G   A C2     
243 N  N2     . G   A 8 ? 0.1129 0.0961 0.1258 -0.0053 0.0124  0.0021  8   G   A N2     
244 N  N3     . G   A 8 ? 0.1016 0.0901 0.1310 -0.0046 0.0256  -0.0140 8   G   A N3     
245 C  C4     . G   A 8 ? 0.1077 0.0890 0.1261 0.0263  0.0280  -0.0184 8   G   A C4     
246 H  "H5'"  . G   A 8 ? 0.1344 0.0803 0.1695 -0.0137 -0.0107 0.0040  8   G   A "H5'"  
247 H  "H5''" . G   A 8 ? 0.1142 0.0798 0.1706 -0.0053 -0.0016 0.0029  8   G   A "H5''" 
248 H  "H4'"  . G   A 8 ? 0.1011 0.0828 0.1531 -0.0106 -0.0043 0.0140  8   G   A "H4'"  
249 H  "H3'"  . G   A 8 ? 0.0995 0.0928 0.1241 -0.0039 0.0058  0.0034  8   G   A "H3'"  
250 H  "HO3'" . G   A 8 ? 0.1103 0.1103 0.1103 0.0000  0.0000  0.0000  8   G   A "HO3'" 
251 H  "H2'"  . G   A 8 ? 0.0865 0.0945 0.1285 -0.0072 0.0210  -0.0024 8   G   A "H2'"  
252 H  "HO2'" . G   A 8 ? 0.1263 0.1263 0.1263 0.0000  0.0000  0.0000  8   G   A "HO2'" 
253 H  "H1'"  . G   A 8 ? 0.0996 0.0972 0.1293 -0.0082 0.0282  -0.0003 8   G   A "H1'"  
254 H  H8     . G   A 8 ? 0.1004 0.0868 0.1127 -0.0004 0.0064  -0.0185 8   G   A H8     
255 H  H1     . G   A 8 ? 0.0988 0.0981 0.1166 0.0110  0.0284  -0.0135 8   G   A H1     
256 H  H21    . G   A 8 ? 0.1047 0.0983 0.1199 0.0019  0.0156  -0.0039 8   G   A H21    
257 H  H22    . G   A 8 ? 0.1001 0.0933 0.1112 0.0016  0.0096  -0.0003 8   G   A H22    
258 O  "O5'"  . CBV B 1 ? 0.1785 0.2121 0.1531 -0.0681 -0.0139 0.0087  1   CBV B "O5'"  
259 C  "C5'"  . CBV B 1 ? 0.1083 0.2764 0.1295 -0.0120 0.0037  0.0186  1   CBV B "C5'"  
260 C  "C4'"  . CBV B 1 ? 0.0934 0.2345 0.1125 -0.0038 -0.0237 0.0487  1   CBV B "C4'"  
261 O  "O4'"  . CBV B 1 ? 0.0793 0.1958 0.1590 -0.0006 -0.0124 0.0277  1   CBV B "O4'"  
262 C  "C3'"  . CBV B 1 ? 0.0881 0.1603 0.1418 0.0086  0.0064  -0.0055 1   CBV B "C3'"  
263 O  "O3'"  . CBV B 1 ? 0.1055 0.1928 0.1209 -0.0186 -0.0182 0.0090  1   CBV B "O3'"  
264 C  "C2'"  . CBV B 1 ? 0.0919 0.1501 0.1448 0.0113  0.0038  0.0286  1   CBV B "C2'"  
265 O  "O2'"  . CBV B 1 ? 0.1272 0.1857 0.1819 0.0060  0.0101  0.0467  1   CBV B "O2'"  
266 C  "C1'"  . CBV B 1 ? 0.1133 0.1329 0.1258 0.0181  -0.0046 0.0253  1   CBV B "C1'"  
267 N  N1     . CBV B 1 ? 0.0889 0.1133 0.1257 0.0147  0.0038  0.0111  1   CBV B N1     
268 C  C2     . CBV B 1 ? 0.0886 0.1176 0.1289 0.0213  0.0319  -0.0102 1   CBV B C2     
269 O  O2     . CBV B 1 ? 0.1161 0.0973 0.1651 0.0035  0.0157  0.0134  1   CBV B O2     
270 N  N3     . CBV B 1 ? 0.0888 0.1099 0.1048 0.0071  0.0169  -0.0194 1   CBV B N3     
271 C  C4     . CBV B 1 ? 0.0773 0.1047 0.1094 0.0171  0.0082  -0.0188 1   CBV B C4     
272 N  N4     . CBV B 1 ? 0.1092 0.0883 0.1064 0.0082  0.0068  -0.0196 1   CBV B N4     
273 C  C5     . CBV B 1 ? 0.0813 0.1251 0.1120 0.0160  0.0036  -0.0350 1   CBV B C5     
274 C  C6     . CBV B 1 ? 0.0722 0.1240 0.1153 -0.0124 0.0203  -0.0027 1   CBV B C6     
275 BR BR     . CBV B 1 ? 0.1195 0.1275 0.1303 -0.0025 -0.0064 -0.0045 1   CBV B BR     
276 H  "H5'1" . CBV B 1 ? 0.0255 0.0255 0.0255 0.0000  0.0000  0.0000  1   CBV B "H5'1" 
277 H  "H5'2" . CBV B 1 ? 0.1085 0.2153 0.1425 -0.0009 0.0011  0.0112  1   CBV B "H5'2" 
278 H  "H4'"  . CBV B 1 ? 0.0980 0.1892 0.1180 -0.0020 -0.0072 0.0323  1   CBV B "H4'"  
279 H  "H3'"  . CBV B 1 ? 0.1000 0.1751 0.1344 -0.0064 0.0008  0.0111  1   CBV B "H3'"  
280 H  "H2'"  . CBV B 1 ? 0.0979 0.1496 0.1381 0.0095  -0.0012 0.0195  1   CBV B "H2'"  
281 H  "HO2'" . CBV B 1 ? 0.1632 0.1632 0.1632 0.0000  0.0000  0.0000  1   CBV B "HO2'" 
282 H  "H1'"  . CBV B 1 ? 0.0998 0.1352 0.1341 0.0151  0.0002  0.0179  1   CBV B "H1'"  
283 H  HN41   . CBV B 1 ? 0.0967 0.0936 0.0977 0.0098  0.0068  -0.0114 1   CBV B HN41   
284 H  HN42   . CBV B 1 ? 0.0954 0.0961 0.1050 0.0081  0.0069  -0.0153 1   CBV B HN42   
285 H  H6     . CBV B 1 ? 0.0922 0.1252 0.1140 -0.0019 0.0087  -0.0080 1   CBV B H6     
286 P  P      . G   B 2 ? 0.1049 0.1677 0.1339 -0.0146 -0.0044 -0.0095 2   G   B P      
287 O  OP1    . G   B 2 ? 0.1359 0.1986 0.1386 -0.0244 -0.0008 -0.0260 2   G   B OP1    
288 O  OP2    . G   B 2 ? 0.1367 0.1651 0.1699 -0.0278 0.0052  -0.0033 2   G   B OP2    
289 O  "O5'"  . G   B 2 ? 0.1047 0.1309 0.1247 -0.0146 0.0043  -0.0072 2   G   B "O5'"  
290 C  "C5'"  . G   B 2 ? 0.1178 0.1244 0.1062 -0.0080 -0.0209 0.0150  2   G   B "C5'"  
291 C  "C4'"  . G   B 2 ? 0.0989 0.1411 0.1027 0.0109  -0.0149 0.0208  2   G   B "C4'"  
292 O  "O4'"  . G   B 2 ? 0.1252 0.1290 0.1020 0.0152  -0.0103 -0.0052 2   G   B "O4'"  
293 C  "C3'"  . G   B 2 ? 0.0908 0.1050 0.0878 0.0038  -0.0160 0.0042  2   G   B "C3'"  
294 O  "O3'"  . G   B 2 ? 0.1137 0.1046 0.0916 -0.0018 -0.0130 0.0164  2   G   B "O3'"  
295 C  "C2'"  . G   B 2 ? 0.1283 0.0820 0.1121 0.0052  -0.0288 0.0116  2   G   B "C2'"  
296 O  "O2'"  . G   B 2 ? 0.1504 0.1086 0.1375 -0.0072 -0.0286 0.0233  2   G   B "O2'"  
297 C  "C1'"  . G   B 2 ? 0.1343 0.1069 0.1116 0.0166  -0.0207 0.0027  2   G   B "C1'"  
298 N  N9     . G   B 2 ? 0.1185 0.1061 0.1048 0.0174  -0.0013 -0.0034 2   G   B N9     
299 C  C8     . G   B 2 ? 0.1034 0.1281 0.1032 0.0240  0.0080  -0.0079 2   G   B C8     
300 N  N7     . G   B 2 ? 0.1164 0.1315 0.1096 0.0316  0.0167  -0.0138 2   G   B N7     
301 C  C5     . G   B 2 ? 0.1185 0.1045 0.1093 0.0095  0.0280  -0.0188 2   G   B C5     
302 C  C6     . G   B 2 ? 0.0982 0.0883 0.1201 0.0387  0.0275  -0.0250 2   G   B C6     
303 O  O6     . G   B 2 ? 0.1195 0.1181 0.1032 0.0114  0.0184  -0.0072 2   G   B O6     
304 N  N1     . G   B 2 ? 0.0865 0.0935 0.0961 0.0202  0.0258  -0.0146 2   G   B N1     
305 C  C2     . G   B 2 ? 0.1191 0.0796 0.0945 0.0245  0.0295  -0.0193 2   G   B C2     
306 N  N2     . G   B 2 ? 0.1473 0.0680 0.1061 0.0137  0.0056  -0.0082 2   G   B N2     
307 N  N3     . G   B 2 ? 0.1504 0.0836 0.1023 0.0355  -0.0041 -0.0256 2   G   B N3     
308 C  C4     . G   B 2 ? 0.1204 0.1130 0.1002 0.0368  0.0145  -0.0222 2   G   B C4     
309 H  "H5'"  . G   B 2 ? 0.1145 0.1287 0.1117 -0.0057 -0.0069 0.0062  2   G   B "H5'"  
310 H  "H5''" . G   B 2 ? 0.1102 0.1232 0.1173 -0.0009 -0.0118 0.0036  2   G   B "H5''" 
311 H  "H4'"  . G   B 2 ? 0.1081 0.1292 0.1107 0.0021  -0.0112 0.0065  2   G   B "H4'"  
312 H  "H3'"  . G   B 2 ? 0.1033 0.1083 0.1008 0.0000  -0.0103 0.0071  2   G   B "H3'"  
313 H  "H2'"  . G   B 2 ? 0.1147 0.0930 0.1118 0.0051  -0.0244 0.0119  2   G   B "H2'"  
314 H  "HO2'" . G   B 2 ? 0.1342 0.1342 0.1342 0.0000  0.0000  0.0000  2   G   B "HO2'" 
315 H  "H1'"  . G   B 2 ? 0.1240 0.1081 0.1102 0.0120  -0.0118 0.0023  2   G   B "H1'"  
316 H  H8     . G   B 2 ? 0.1043 0.1181 0.1054 0.0125  0.0079  -0.0069 2   G   B H8     
317 H  H1     . G   B 2 ? 0.0985 0.0848 0.0975 0.0245  0.0246  -0.0130 2   G   B H1     
318 H  H21    . G   B 2 ? 0.1323 0.0787 0.1020 0.0165  0.0091  -0.0137 2   G   B H21    
319 H  H22    . G   B 2 ? 0.1267 0.0730 0.1007 0.0132  0.0074  -0.0129 2   G   B H22    
320 P  P      . A   B 3 ? 0.1124 0.1194 0.1059 -0.0062 0.0023  -0.0005 3   A   B P      
321 O  OP1    . A   B 3 ? 0.1530 0.1729 0.1224 -0.0158 0.0225  0.0116  3   A   B OP1    
322 O  OP2    . A   B 3 ? 0.1339 0.1118 0.1034 -0.0030 0.0047  -0.0095 3   A   B OP2    
323 O  "O5'"  . A   B 3 ? 0.0892 0.1132 0.1261 -0.0189 0.0001  0.0095  3   A   B "O5'"  
324 C  "C5'"  . A   B 3 ? 0.1021 0.1202 0.1289 -0.0215 -0.0051 0.0236  3   A   B "C5'"  
325 C  "C4'"  . A   B 3 ? 0.1115 0.0944 0.1269 -0.0207 -0.0189 0.0288  3   A   B "C4'"  
326 O  "O4'"  . A   B 3 ? 0.1030 0.1050 0.1397 0.0046  -0.0244 0.0133  3   A   B "O4'"  
327 C  "C3'"  . A   B 3 ? 0.0899 0.0996 0.1190 -0.0176 0.0137  0.0118  3   A   B "C3'"  
328 O  "O3'"  . A   B 3 ? 0.0864 0.1039 0.1110 -0.0114 0.0024  0.0150  3   A   B "O3'"  
329 C  "C2'"  . A   B 3 ? 0.1000 0.0937 0.1238 -0.0043 -0.0058 0.0198  3   A   B "C2'"  
330 O  "O2'"  . A   B 3 ? 0.0988 0.1089 0.1688 -0.0196 -0.0027 0.0240  3   A   B "O2'"  
331 C  "C1'"  . A   B 3 ? 0.0930 0.0960 0.1138 -0.0121 -0.0172 0.0062  3   A   B "C1'"  
332 N  N9     . A   B 3 ? 0.0869 0.0931 0.1069 0.0004  -0.0072 -0.0043 3   A   B N9     
333 C  C8     . A   B 3 ? 0.0925 0.0742 0.1026 0.0078  -0.0268 0.0159  3   A   B C8     
334 N  N7     . A   B 3 ? 0.0865 0.0754 0.0984 0.0122  -0.0087 0.0070  3   A   B N7     
335 C  C5     . A   B 3 ? 0.0782 0.0821 0.0923 0.0119  0.0106  -0.0087 3   A   B C5     
336 C  C6     . A   B 3 ? 0.0748 0.0877 0.0936 0.0227  0.0124  -0.0080 3   A   B C6     
337 N  N6     . A   B 3 ? 0.0916 0.0884 0.1035 0.0076  0.0065  0.0037  3   A   B N6     
338 N  N1     . A   B 3 ? 0.0961 0.1018 0.0966 0.0095  0.0085  -0.0101 3   A   B N1     
339 C  C2     . A   B 3 ? 0.1096 0.1067 0.0941 0.0112  0.0051  -0.0237 3   A   B C2     
340 N  N3     . A   B 3 ? 0.1091 0.0959 0.0889 0.0097  0.0045  -0.0276 3   A   B N3     
341 C  C4     . A   B 3 ? 0.0926 0.0960 0.0952 0.0108  -0.0061 -0.0142 3   A   B C4     
342 H  "H5'"  . A   B 3 ? 0.1032 0.1180 0.1219 -0.0192 -0.0029 0.0109  3   A   B "H5'"  
343 H  "H5''" . A   B 3 ? 0.1075 0.1104 0.1292 -0.0154 -0.0056 0.0089  3   A   B "H5''" 
344 H  "H4'"  . A   B 3 ? 0.1042 0.0987 0.1281 -0.0185 -0.0086 0.0224  3   A   B "H4'"  
345 H  "H3'"  . A   B 3 ? 0.0976 0.0943 0.1177 -0.0157 -0.0008 0.0126  3   A   B "H3'"  
346 H  "H2'"  . A   B 3 ? 0.0981 0.0906 0.1242 -0.0081 -0.0028 0.0172  3   A   B "H2'"  
347 H  "HO2'" . A   B 3 ? 0.1270 0.1270 0.1270 0.0000  0.0000  0.0000  3   A   B "HO2'" 
348 H  "H1'"  . A   B 3 ? 0.0968 0.0950 0.1187 -0.0017 -0.0108 0.0013  3   A   B "H1'"  
349 H  H8     . A   B 3 ? 0.0909 0.0878 0.0911 0.0025  -0.0168 0.0062  3   A   B H8     
350 H  H61    . A   B 3 ? 0.0882 0.0878 0.1008 0.0096  0.0104  -0.0009 3   A   B H61    
351 H  H62    . A   B 3 ? 0.0895 0.0873 0.0983 0.0109  0.0087  -0.0003 3   A   B H62    
352 H  H2     . A   B 3 ? 0.1024 0.1003 0.0948 0.0077  0.0059  -0.0171 3   A   B H2     
353 P  P      . A   B 4 ? 0.1076 0.1194 0.1133 -0.0198 0.0147  0.0064  4   A   B P      
354 O  OP1    . A   B 4 ? 0.1234 0.1666 0.1231 -0.0069 0.0054  0.0023  4   A   B OP1    
355 O  OP2    . A   B 4 ? 0.1283 0.1196 0.1517 -0.0201 0.0127  -0.0171 4   A   B OP2    
356 O  "O5'"  . A   B 4 ? 0.1067 0.0897 0.1354 -0.0175 0.0120  0.0104  4   A   B "O5'"  
357 C  "C5'"  . A   B 4 ? 0.1143 0.1050 0.1141 -0.0104 0.0095  0.0095  4   A   B "C5'"  
358 C  "C4'"  . A   B 4 ? 0.1106 0.0797 0.1097 -0.0063 -0.0083 0.0072  4   A   B "C4'"  
359 O  "O4'"  . A   B 4 ? 0.1340 0.0721 0.1210 0.0116  0.0174  0.0031  4   A   B "O4'"  
360 C  "C3'"  . A   B 4 ? 0.1054 0.0913 0.1341 0.0083  0.0251  0.0081  4   A   B "C3'"  
361 O  "O3'"  . A   B 4 ? 0.1122 0.0923 0.1321 0.0097  0.0085  0.0264  4   A   B "O3'"  
362 C  "C2'"  . A   B 4 ? 0.1385 0.1147 0.1176 0.0085  -0.0045 0.0272  4   A   B "C2'"  
363 O  "O2'"  . A   B 4 ? 0.1419 0.1263 0.1168 0.0131  -0.0025 0.0208  4   A   B "O2'"  
364 C  "C1'"  . A   B 4 ? 0.1292 0.0804 0.1165 0.0020  0.0068  0.0112  4   A   B "C1'"  
365 N  N9     . A   B 4 ? 0.1351 0.0664 0.1229 0.0010  0.0264  0.0026  4   A   B N9     
366 C  C8     . A   B 4 ? 0.1304 0.0937 0.1305 0.0041  0.0092  0.0126  4   A   B C8     
367 N  N7     . A   B 4 ? 0.1092 0.1037 0.1261 0.0138  0.0132  0.0121  4   A   B N7     
368 C  C5     . A   B 4 ? 0.1093 0.0735 0.1141 0.0294  0.0213  0.0013  4   A   B C5     
369 C  C6     . A   B 4 ? 0.0948 0.0760 0.1188 0.0101  0.0098  -0.0060 4   A   B C6     
370 N  N6     . A   B 4 ? 0.0989 0.1042 0.1158 0.0210  0.0078  0.0134  4   A   B N6     
371 N  N1     . A   B 4 ? 0.1176 0.1053 0.1097 0.0058  0.0280  -0.0119 4   A   B N1     
372 C  C2     . A   B 4 ? 0.1031 0.1026 0.1058 0.0054  0.0276  0.0057  4   A   B C2     
373 N  N3     . A   B 4 ? 0.1204 0.0983 0.1011 -0.0067 0.0143  -0.0034 4   A   B N3     
374 C  C4     . A   B 4 ? 0.1033 0.0629 0.1152 0.0104  0.0256  0.0014  4   A   B C4     
375 H  "H5'"  . A   B 4 ? 0.1091 0.1051 0.1167 -0.0093 0.0057  0.0050  4   A   B "H5'"  
376 H  "H5''" . A   B 4 ? 0.1110 0.0976 0.1158 -0.0077 0.0057  0.0063  4   A   B "H5''" 
377 H  "H4'"  . A   B 4 ? 0.1039 0.0842 0.1159 -0.0073 -0.0009 0.0037  4   A   B "H4'"  
378 H  "H3'"  . A   B 4 ? 0.1150 0.0973 0.1287 0.0063  0.0112  0.0171  4   A   B "H3'"  
379 H  "H2'"  . A   B 4 ? 0.1249 0.1096 0.1254 0.0054  0.0028  0.0115  4   A   B "H2'"  
380 H  "HO2'" . A   B 4 ? 0.1340 0.1340 0.1340 0.0000  0.0000  0.0000  4   A   B "HO2'" 
381 H  "H1'"  . A   B 4 ? 0.1344 0.0878 0.1163 0.0025  0.0092  0.0098  4   A   B "H1'"  
382 H  H8     . A   B 4 ? 0.1239 0.0967 0.1254 0.0047  0.0150  0.0060  4   A   B H8     
383 H  H61    . A   B 4 ? 0.0995 0.1013 0.1104 0.0134  0.0076  0.0022  4   A   B H61    
384 H  H62    . A   B 4 ? 0.0967 0.0988 0.1136 0.0147  0.0070  0.0021  4   A   B H62    
385 H  H2     . A   B 4 ? 0.1090 0.1024 0.1051 0.0058  0.0202  0.0002  4   A   B H2     
386 O  O2     . U5M B 5 ? 0.1256 0.1421 0.1120 -0.0192 -0.0099 0.0402  5   U5M B O2     
387 C  C2     . U5M B 5 ? 0.0794 0.1039 0.0904 -0.0075 0.0044  0.0090  5   U5M B C2     
388 N  N3     . U5M B 5 ? 0.0804 0.0890 0.0998 -0.0053 0.0043  0.0028  5   U5M B N3     
389 C  C4     . U5M B 5 ? 0.0863 0.0877 0.0893 0.0062  0.0024  -0.0039 5   U5M B C4     
390 O  O4     . U5M B 5 ? 0.0827 0.1006 0.0962 0.0033  0.0143  -0.0032 5   U5M B O4     
391 C  C5     . U5M B 5 ? 0.0846 0.0819 0.0906 0.0107  -0.0040 0.0105  5   U5M B C5     
392 C  C6     . U5M B 5 ? 0.0985 0.0652 0.1247 -0.0046 -0.0320 0.0104  5   U5M B C6     
393 N  N1     . U5M B 5 ? 0.0825 0.0908 0.0950 -0.0151 0.0029  0.0045  5   U5M B N1     
394 C  "C1'"  . U5M B 5 ? 0.0882 0.0967 0.1148 -0.0099 -0.0154 0.0099  5   U5M B "C1'"  
395 O  "O4'"  . U5M B 5 ? 0.1168 0.1006 0.1154 -0.0251 -0.0087 0.0079  5   U5M B "O4'"  
396 C  "C2'"  . U5M B 5 ? 0.0713 0.1167 0.1136 -0.0100 -0.0194 0.0225  5   U5M B "C2'"  
397 F  "F2'"  . U5M B 5 ? 0.1125 0.1442 0.1370 -0.0107 -0.0395 0.0464  5   U5M B "F2'"  
398 C  "C3'"  . U5M B 5 ? 0.1019 0.0916 0.1362 0.0034  -0.0017 0.0223  5   U5M B "C3'"  
399 O  "O3'"  . U5M B 5 ? 0.0803 0.1051 0.1614 -0.0039 -0.0159 0.0339  5   U5M B "O3'"  
400 C  "C4'"  . U5M B 5 ? 0.1297 0.0998 0.1166 -0.0164 -0.0082 0.0167  5   U5M B "C4'"  
401 C  "C5'"  . U5M B 5 ? 0.0941 0.0868 0.1438 0.0043  -0.0024 0.0168  5   U5M B "C5'"  
402 C  C5M    . U5M B 5 ? 0.1431 0.1134 0.1557 0.0091  -0.0197 0.0104  5   U5M B C5M    
403 O  "O5'"  . U5M B 5 ? 0.1035 0.0854 0.1298 -0.0045 -0.0180 0.0276  5   U5M B "O5'"  
404 P  P      . U5M B 5 ? 0.1088 0.0974 0.1179 0.0048  0.0102  0.0137  5   U5M B P      
405 O  OP1    . U5M B 5 ? 0.1264 0.1081 0.1524 0.0034  0.0161  0.0268  5   U5M B OP1    
406 O  OP2    . U5M B 5 ? 0.1186 0.1095 0.1137 0.0163  -0.0002 -0.0010 5   U5M B OP2    
407 H  H3     . U5M B 5 ? 0.0795 0.0913 0.0903 -0.0034 0.0037  0.0048  5   U5M B H3     
408 H  H5     . U5M B 5 ? 0.0913 0.0825 0.0980 0.0064  -0.0123 0.0128  5   U5M B H5     
409 H  H6     . U5M B 5 ? 0.0975 0.0810 0.1108 -0.0023 -0.0133 0.0088  5   U5M B H6     
410 H  "H1'"  . U5M B 5 ? 0.0939 0.1047 0.1154 -0.0118 -0.0085 0.0087  5   U5M B "H1'"  
411 H  "H2'"  . U5M B 5 ? 0.0927 0.1039 0.1155 -0.0068 -0.0138 0.0183  5   U5M B "H2'"  
412 H  "H3'"  . U5M B 5 ? 0.1026 0.1035 0.1384 -0.0020 -0.0056 0.0199  5   U5M B "H3'"  
413 H  H6N    . U5M B 5 ? 0.1156 0.1156 0.1156 0.0000  0.0000  0.0000  5   U5M B H6N    
414 H  "H4'"  . U5M B 5 ? 0.1210 0.1026 0.1281 -0.0061 -0.0065 0.0142  5   U5M B "H4'"  
415 H  "H5'"  . U5M B 5 ? 0.1064 0.0925 0.1348 0.0055  -0.0007 0.0116  5   U5M B "H5'"  
416 H  H6L    . U5M B 5 ? 0.1336 0.1126 0.1417 0.0047  -0.0080 0.0052  5   U5M B H6L    
417 H  H6M    . U5M B 5 ? 0.1391 0.1169 0.1519 0.0126  -0.0130 0.0053  5   U5M B H6M    
418 H  H5M    . U5M B 5 ? 0.1303 0.1179 0.1480 0.0016  -0.0086 0.0012  5   U5M B H5M    
419 P  P      . U   B 6 ? 0.0885 0.1155 0.1456 0.0062  0.0042  0.0272  6   U   B P      
420 O  OP1    . U   B 6 ? 0.0958 0.1465 0.1938 0.0140  0.0381  0.0305  6   U   B OP1    
421 O  OP2    . U   B 6 ? 0.1215 0.1335 0.1328 0.0307  0.0105  0.0424  6   U   B OP2    
422 O  "O5'"  . U   B 6 ? 0.0766 0.0929 0.1163 -0.0036 -0.0007 0.0095  6   U   B "O5'"  
423 C  "C5'"  . U   B 6 ? 0.0790 0.1080 0.1125 0.0026  -0.0165 0.0126  6   U   B "C5'"  
424 C  "C4'"  . U   B 6 ? 0.0915 0.0849 0.1027 0.0063  -0.0102 0.0045  6   U   B "C4'"  
425 O  "O4'"  . U   B 6 ? 0.0892 0.0756 0.1070 -0.0074 -0.0013 0.0106  6   U   B "O4'"  
426 C  "C3'"  . U   B 6 ? 0.0868 0.0852 0.0993 0.0158  -0.0144 0.0112  6   U   B "C3'"  
427 O  "O3'"  . U   B 6 ? 0.1089 0.0832 0.1350 0.0054  -0.0143 -0.0131 6   U   B "O3'"  
428 C  "C2'"  . U   B 6 ? 0.0831 0.0777 0.1079 0.0068  -0.0217 0.0040  6   U   B "C2'"  
429 O  "O2'"  . U   B 6 ? 0.1012 0.0811 0.1058 0.0058  -0.0304 0.0082  6   U   B "O2'"  
430 C  "C1'"  . U   B 6 ? 0.0738 0.0892 0.1189 0.0016  -0.0028 0.0120  6   U   B "C1'"  
431 N  N1     . U   B 6 ? 0.0723 0.0933 0.1114 0.0051  -0.0016 0.0172  6   U   B N1     
432 C  C2     . U   B 6 ? 0.0796 0.1063 0.1086 -0.0012 0.0014  0.0069  6   U   B C2     
433 O  O2     . U   B 6 ? 0.0903 0.1098 0.1392 0.0003  0.0017  0.0370  6   U   B O2     
434 N  N3     . U   B 6 ? 0.0570 0.0765 0.1199 -0.0035 0.0003  0.0084  6   U   B N3     
435 C  C4     . U   B 6 ? 0.0868 0.0806 0.1072 -0.0046 0.0006  -0.0022 6   U   B C4     
436 O  O4     . U   B 6 ? 0.0907 0.0791 0.1131 0.0032  -0.0132 0.0044  6   U   B O4     
437 C  C5     . U   B 6 ? 0.0753 0.0723 0.1077 -0.0134 -0.0025 0.0095  6   U   B C5     
438 C  C6     . U   B 6 ? 0.0885 0.0991 0.0828 -0.0002 0.0044  0.0089  6   U   B C6     
439 H  "H5'"  . U   B 6 ? 0.0932 0.0975 0.1110 0.0037  -0.0072 0.0091  6   U   B "H5'"  
440 H  "H5''" . U   B 6 ? 0.0938 0.0933 0.1040 0.0001  -0.0102 0.0036  6   U   B "H5''" 
441 H  "H4'"  . U   B 6 ? 0.0891 0.0863 0.1049 0.0044  -0.0096 0.0081  6   U   B "H4'"  
442 H  "H3'"  . U   B 6 ? 0.0912 0.0859 0.0960 0.0097  -0.0148 0.0091  6   U   B "H3'"  
443 H  "H2'"  . U   B 6 ? 0.0879 0.0822 0.1027 0.0046  -0.0204 0.0038  6   U   B "H2'"  
444 H  "HO2'" . U   B 6 ? 0.0983 0.0983 0.0983 0.0000  0.0000  0.0000  6   U   B "HO2'" 
445 H  "H1'"  . U   B 6 ? 0.0811 0.0955 0.1139 0.0015  -0.0049 0.0094  6   U   B "H1'"  
446 H  H3     . U   B 6 ? 0.0587 0.0812 0.1105 -0.0039 0.0059  0.0032  6   U   B H3     
447 H  H5     . U   B 6 ? 0.0800 0.0827 0.0994 -0.0093 -0.0009 0.0123  6   U   B H5     
448 H  H6     . U   B 6 ? 0.0882 0.0900 0.0967 -0.0022 -0.0015 0.0096  6   U   B H6     
449 P  P      . C   B 7 ? 0.1182 0.1427 0.1642 -0.0031 0.0151  -0.0360 7   C   B P      
450 O  OP1    . C   B 7 ? 0.1336 0.1819 0.2438 0.0007  -0.0097 -0.0665 7   C   B OP1    
451 O  OP2    . C   B 7 ? 0.1472 0.2014 0.1526 -0.0707 0.0538  -0.0432 7   C   B OP2    
452 O  "O5'"  . C   B 7 ? 0.1094 0.1279 0.1497 -0.0071 -0.0060 -0.0025 7   C   B "O5'"  
453 C  "C5'"  . C   B 7 ? 0.1281 0.1154 0.1198 0.0364  -0.0216 -0.0211 7   C   B "C5'"  
454 C  "C4'"  . C   B 7 ? 0.1159 0.0869 0.1600 0.0060  -0.0399 -0.0006 7   C   B "C4'"  
455 O  "O4'"  . C   B 7 ? 0.1039 0.0861 0.1248 -0.0004 -0.0306 -0.0032 7   C   B "O4'"  
456 C  "C3'"  . C   B 7 ? 0.1018 0.0748 0.1329 -0.0017 -0.0069 -0.0043 7   C   B "C3'"  
457 O  "O3'"  . C   B 7 ? 0.1089 0.0923 0.1402 0.0034  -0.0135 -0.0007 7   C   B "O3'"  
458 C  "C2'"  . C   B 7 ? 0.1163 0.0800 0.1071 0.0079  -0.0105 -0.0031 7   C   B "C2'"  
459 O  "O2'"  . C   B 7 ? 0.1184 0.0816 0.1211 -0.0036 -0.0120 -0.0068 7   C   B "O2'"  
460 C  "C1'"  . C   B 7 ? 0.0893 0.0776 0.1160 -0.0083 -0.0254 0.0014  7   C   B "C1'"  
461 N  N1     . C   B 7 ? 0.0736 0.0762 0.1074 -0.0046 -0.0185 0.0041  7   C   B N1     
462 C  C2     . C   B 7 ? 0.0803 0.0801 0.0990 0.0073  0.0054  -0.0076 7   C   B C2     
463 O  O2     . C   B 7 ? 0.0854 0.0847 0.0982 -0.0052 -0.0084 0.0046  7   C   B O2     
464 N  N3     . C   B 7 ? 0.0790 0.0862 0.0956 -0.0029 0.0042  0.0042  7   C   B N3     
465 C  C4     . C   B 7 ? 0.0967 0.0823 0.0956 -0.0037 -0.0056 0.0009  7   C   B C4     
466 N  N4     . C   B 7 ? 0.0877 0.1012 0.1122 -0.0040 -0.0001 0.0119  7   C   B N4     
467 C  C5     . C   B 7 ? 0.0801 0.1190 0.1013 -0.0038 0.0040  0.0025  7   C   B C5     
468 C  C6     . C   B 7 ? 0.0708 0.0982 0.1014 -0.0074 -0.0129 -0.0001 7   C   B C6     
469 H  "H5'"  . C   B 7 ? 0.1245 0.1066 0.1227 0.0074  -0.0198 -0.0141 7   C   B "H5'"  
470 H  "H5''" . C   B 7 ? 0.1186 0.0988 0.1272 0.0216  -0.0187 -0.0129 7   C   B "H5''" 
471 H  "H4'"  . C   B 7 ? 0.1144 0.0930 0.1405 0.0086  -0.0257 -0.0095 7   C   B "H4'"  
472 H  "H3'"  . C   B 7 ? 0.1100 0.0874 0.1274 0.0015  -0.0106 0.0005  7   C   B "H3'"  
473 H  "H2'"  . C   B 7 ? 0.1070 0.0803 0.1112 0.0017  -0.0103 -0.0027 7   C   B "H2'"  
474 H  "HO2'" . C   B 7 ? 0.1113 0.1113 0.1113 0.0000  0.0000  0.0000  7   C   B "HO2'" 
475 H  "H1'"  . C   B 7 ? 0.0964 0.0869 0.1144 -0.0017 -0.0222 0.0004  7   C   B "H1'"  
476 H  H41    . C   B 7 ? 0.0914 0.0961 0.0998 -0.0008 -0.0023 0.0060  7   C   B H41    
477 H  H42    . C   B 7 ? 0.0889 0.0960 0.1026 -0.0027 0.0004  0.0091  7   C   B H42    
478 H  H5     . C   B 7 ? 0.0874 0.1035 0.1002 -0.0044 0.0026  0.0046  7   C   B H5     
479 H  H6     . C   B 7 ? 0.0763 0.0962 0.1016 0.0015  -0.0117 0.0024  7   C   B H6     
480 P  P      . G   B 8 ? 0.1313 0.0923 0.1377 -0.0059 0.0086  -0.0001 8   G   B P      
481 O  OP1    . G   B 8 ? 0.1648 0.0963 0.1539 0.0058  0.0222  0.0019  8   G   B OP1    
482 O  OP2    . G   B 8 ? 0.1379 0.1324 0.1624 -0.0225 0.0333  0.0090  8   G   B OP2    
483 O  "O5'"  . G   B 8 ? 0.1173 0.0890 0.1153 -0.0265 -0.0212 0.0073  8   G   B "O5'"  
484 C  "C5'"  . G   B 8 ? 0.1324 0.0809 0.1054 -0.0228 -0.0094 0.0066  8   G   B "C5'"  
485 C  "C4'"  . G   B 8 ? 0.1118 0.0884 0.0932 -0.0172 0.0108  0.0086  8   G   B "C4'"  
486 O  "O4'"  . G   B 8 ? 0.1233 0.0790 0.0936 -0.0098 0.0006  0.0067  8   G   B "O4'"  
487 C  "C3'"  . G   B 8 ? 0.1266 0.0684 0.0968 -0.0229 0.0044  0.0054  8   G   B "C3'"  
488 O  "O3'"  . G   B 8 ? 0.1223 0.0800 0.1132 -0.0030 -0.0188 -0.0174 8   G   B "O3'"  
489 C  "C2'"  . G   B 8 ? 0.1253 0.0914 0.0738 -0.0201 0.0112  0.0069  8   G   B "C2'"  
490 O  "O2'"  . G   B 8 ? 0.1150 0.1126 0.1076 -0.0157 0.0092  0.0071  8   G   B "O2'"  
491 C  "C1'"  . G   B 8 ? 0.0936 0.0765 0.0960 0.0017  0.0034  0.0054  8   G   B "C1'"  
492 N  N9     . G   B 8 ? 0.1075 0.0757 0.0792 0.0048  0.0098  -0.0110 8   G   B N9     
493 C  C8     . G   B 8 ? 0.1031 0.0818 0.0946 0.0083  0.0045  -0.0045 8   G   B C8     
494 N  N7     . G   B 8 ? 0.1283 0.0757 0.0742 -0.0001 0.0099  -0.0017 8   G   B N7     
495 C  C5     . G   B 8 ? 0.1065 0.0740 0.0786 -0.0025 0.0139  -0.0025 8   G   B C5     
496 C  C6     . G   B 8 ? 0.1110 0.0658 0.0746 0.0082  0.0240  -0.0161 8   G   B C6     
497 O  O6     . G   B 8 ? 0.1099 0.0828 0.1028 -0.0013 0.0258  0.0018  8   G   B O6     
498 N  N1     . G   B 8 ? 0.1163 0.0725 0.0753 0.0015  0.0123  -0.0088 8   G   B N1     
499 C  C2     . G   B 8 ? 0.1110 0.0842 0.0690 -0.0028 0.0057  -0.0190 8   G   B C2     
500 N  N2     . G   B 8 ? 0.1164 0.1024 0.0922 -0.0007 0.0025  -0.0090 8   G   B N2     
501 N  N3     . G   B 8 ? 0.1082 0.0779 0.0798 0.0050  0.0096  -0.0106 8   G   B N3     
502 C  C4     . G   B 8 ? 0.1072 0.0774 0.0701 0.0052  0.0142  -0.0086 8   G   B C4     
503 H  "H5'"  . G   B 8 ? 0.1190 0.0841 0.1065 -0.0139 -0.0058 0.0024  8   G   B "H5'"  
504 H  "H5''" . G   B 8 ? 0.1248 0.0876 0.1057 -0.0156 0.0007  0.0013  8   G   B "H5''" 
505 H  "H4'"  . G   B 8 ? 0.1050 0.0864 0.0878 -0.0183 0.0003  0.0079  8   G   B "H4'"  
506 H  "H3'"  . G   B 8 ? 0.1108 0.0893 0.0898 -0.0139 0.0013  0.0022  8   G   B "H3'"  
507 H  "HO3'" . G   B 8 ? 0.1075 0.1075 0.1075 0.0000  0.0000  0.0000  8   G   B "HO3'" 
508 H  "H2'"  . G   B 8 ? 0.1144 0.0918 0.0736 -0.0114 0.0066  0.0039  8   G   B "H2'"  
509 H  "HO2'" . G   B 8 ? 0.1151 0.1151 0.1151 0.0000  0.0000  0.0000  8   G   B "HO2'" 
510 H  "H1'"  . G   B 8 ? 0.0958 0.0818 0.0897 -0.0026 0.0075  0.0029  8   G   B "H1'"  
511 H  H8     . G   B 8 ? 0.1064 0.0794 0.0885 0.0046  0.0028  -0.0047 8   G   B H8     
512 H  H1     . G   B 8 ? 0.1116 0.0731 0.0762 0.0037  0.0114  -0.0104 8   G   B H1     
513 H  H21    . G   B 8 ? 0.1129 0.0990 0.0878 -0.0002 0.0027  -0.0133 8   G   B H21    
514 H  H22    . G   B 8 ? 0.1134 0.0992 0.0857 0.0014  0.0020  -0.0132 8   G   B H22    
515 CO CO     . NCO C . ? 0.1275 0.1380 0.1541 -0.0029 -0.0148 0.0122  101 NCO A CO     
516 N  N1     . NCO C . ? 0.1475 0.2154 0.1584 -0.0081 0.0056  -0.0306 101 NCO A N1     
517 N  N2     . NCO C . ? 0.1388 0.1587 0.2550 0.0068  -0.0248 -0.0227 101 NCO A N2     
518 N  N3     . NCO C . ? 0.1628 0.1452 0.1675 -0.0021 -0.0287 -0.0226 101 NCO A N3     
519 N  N4     . NCO C . ? 0.1745 0.1909 0.1960 -0.0688 -0.0250 0.0503  101 NCO A N4     
520 N  N5     . NCO C . ? 0.1130 0.1557 0.1336 -0.0141 -0.0060 -0.0030 101 NCO A N5     
521 N  N6     . NCO C . ? 0.1349 0.1619 0.1436 0.0013  0.0071  -0.0031 101 NCO A N6     
522 H  HN11   . NCO C . ? 0.1681 0.1966 0.1804 -0.0106 0.0135  -0.0157 101 NCO A HN11   
523 H  HN12   . NCO C . ? 0.1674 0.2015 0.1809 0.0034  -0.0021 -0.0254 101 NCO A HN12   
524 H  HN13   . NCO C . ? 0.2052 0.1726 0.1648 -0.0060 -0.0018 -0.0286 101 NCO A HN13   
525 H  HN21   . NCO C . ? 0.2034 0.1402 0.1995 0.0059  -0.0153 -0.0287 101 NCO A HN21   
526 H  HN22   . NCO C . ? 0.1672 0.1759 0.2238 0.0108  -0.0152 -0.0212 101 NCO A HN22   
527 H  HN23   . NCO C . ? 0.1870 0.1880 0.2293 0.0127  -0.0088 -0.0136 101 NCO A HN23   
528 H  HN31   . NCO C . ? 0.1434 0.1889 0.1860 -0.0072 -0.0104 0.0088  101 NCO A HN31   
529 H  HN32   . NCO C . ? 0.1749 0.1871 0.1642 -0.0068 -0.0231 -0.0203 101 NCO A HN32   
530 H  HN33   . NCO C . ? 0.1620 0.1475 0.1977 -0.0047 -0.0169 -0.0161 101 NCO A HN33   
531 H  HN41   . NCO C . ? 0.1927 0.1911 0.1963 0.0017  -0.0079 0.0356  101 NCO A HN41   
532 H  HN42   . NCO C . ? 0.2020 0.1433 0.2016 -0.0335 -0.0075 0.0257  101 NCO A HN42   
533 H  HN43   . NCO C . ? 0.1759 0.1903 0.2112 -0.0331 -0.0216 0.0462  101 NCO A HN43   
534 H  HN51   . NCO C . ? 0.1392 0.1552 0.1918 -0.0129 -0.0202 0.0011  101 NCO A HN51   
535 H  HN52   . NCO C . ? 0.1279 0.1862 0.1475 0.0021  -0.0262 -0.0099 101 NCO A HN52   
536 H  HN53   . NCO C . ? 0.1118 0.1842 0.1536 -0.0162 0.0089  0.0125  101 NCO A HN53   
537 H  HN61   . NCO C . ? 0.1515 0.1782 0.1703 0.0196  -0.0056 0.0136  101 NCO A HN61   
538 H  HN62   . NCO C . ? 0.1807 0.1578 0.1461 -0.0222 -0.0223 -0.0076 101 NCO A HN62   
539 H  HN63   . NCO C . ? 0.1794 0.1531 0.1715 -0.0073 0.0186  0.0079  101 NCO A HN63   
540 CO CO     . NCO D . ? 0.1610 0.2730 0.2263 -0.0075 0.0531  0.0279  102 NCO A CO     
541 N  N1     . NCO D . ? 0.1519 0.2721 0.2498 -0.0151 -0.0157 -0.0091 102 NCO A N1     
542 N  N2     . NCO D . ? 0.1871 0.3407 0.2753 -0.0342 0.1050  0.0207  102 NCO A N2     
543 N  N3     . NCO D . ? 0.1875 0.2938 0.1650 -0.0308 0.0140  0.0132  102 NCO A N3     
544 N  N4     . NCO D . ? 0.2648 0.3931 0.2415 0.0554  0.0635  0.0606  102 NCO A N4     
545 N  N5     . NCO D . ? 0.3467 0.2468 0.3070 -0.0273 0.0678  0.0397  102 NCO A N5     
546 N  N6     . NCO D . ? 0.1918 0.2684 0.2242 -0.0282 0.0250  0.0299  102 NCO A N6     
547 H  HN11   . NCO D . ? 0.1899 0.2664 0.2355 -0.0125 0.0084  0.0007  102 NCO A HN11   
548 H  HN12   . NCO D . ? 0.1952 0.2533 0.2410 -0.0099 0.0234  0.0115  102 NCO A HN12   
549 H  HN13   . NCO D . ? 0.1779 0.2699 0.2455 -0.0081 0.0115  -0.0009 102 NCO A HN13   
550 H  HN21   . NCO D . ? 0.2248 0.3037 0.2689 -0.0214 0.0561  0.0334  102 NCO A HN21   
551 H  HN22   . NCO D . ? 0.1996 0.2921 0.2885 -0.0147 0.0671  0.0108  102 NCO A HN22   
552 H  HN23   . NCO D . ? 0.1788 0.2818 0.2321 -0.0149 0.0481  0.0318  102 NCO A HN23   
553 H  HN31   . NCO D . ? 0.1907 0.2295 0.1939 -0.0241 0.0242  0.0069  102 NCO A HN31   
554 H  HN32   . NCO D . ? 0.1907 0.2739 0.1744 -0.0085 0.0045  0.0085  102 NCO A HN32   
555 H  HN33   . NCO D . ? 0.1999 0.2801 0.2267 -0.0258 0.0173  0.0114  102 NCO A HN33   
556 H  HN41   . NCO D . ? 0.2562 0.3141 0.2355 -0.0088 0.0474  0.0187  102 NCO A HN41   
557 H  HN42   . NCO D . ? 0.2557 0.3681 0.2454 0.0373  0.0259  0.0125  102 NCO A HN42   
558 H  HN43   . NCO D . ? 0.2290 0.3251 0.2226 -0.0063 0.0309  0.0338  102 NCO A HN43   
559 H  HN51   . NCO D . ? 0.2781 0.2827 0.2796 -0.0229 0.0397  0.0103  102 NCO A HN51   
560 H  HN52   . NCO D . ? 0.2659 0.2671 0.3175 -0.0022 0.0382  0.0171  102 NCO A HN52   
561 H  HN53   . NCO D . ? 0.2777 0.2560 0.2781 -0.0037 0.0112  0.0087  102 NCO A HN53   
562 H  HN61   . NCO D . ? 0.2119 0.2477 0.2294 -0.0123 0.0162  0.0185  102 NCO A HN61   
563 H  HN62   . NCO D . ? 0.2027 0.2702 0.2197 0.0004  0.0163  0.0238  102 NCO A HN62   
564 H  HN63   . NCO D . ? 0.2048 0.2684 0.2265 -0.0194 0.0230  0.0253  102 NCO A HN63   
565 CO CO     . NCO E . ? 0.1765 0.1218 0.1384 0.0081  -0.0216 -0.0167 101 NCO B CO     
566 N  N1     . NCO E . ? 0.1643 0.1715 0.1678 0.0024  0.0119  0.0054  101 NCO B N1     
567 N  N2     . NCO E . ? 0.1207 0.1049 0.1486 -0.0193 -0.0159 -0.0107 101 NCO B N2     
568 N  N3     . NCO E . ? 0.1461 0.1873 0.2302 0.0251  0.0411  0.0773  101 NCO B N3     
569 N  N4     . NCO E . ? 0.1739 0.1509 0.1466 -0.0049 0.0203  -0.0170 101 NCO B N4     
570 N  N5     . NCO E . ? 0.1029 0.1384 0.2189 -0.0012 -0.0218 -0.0086 101 NCO B N5     
571 N  N6     . NCO E . ? 0.1870 0.1360 0.1420 0.0096  -0.0349 -0.0113 101 NCO B N6     
572 H  HN11   . NCO E . ? 0.1669 0.1591 0.1639 0.0041  0.0014  -0.0045 101 NCO B HN11   
573 H  HN12   . NCO E . ? 0.1637 0.1552 0.1635 0.0043  0.0016  -0.0015 101 NCO B HN12   
574 H  HN13   . NCO E . ? 0.1669 0.1539 0.1716 0.0046  0.0059  0.0000  101 NCO B HN13   
575 H  HN21   . NCO E . ? 0.1363 0.1131 0.1475 -0.0099 -0.0147 -0.0089 101 NCO B HN21   
576 H  HN22   . NCO E . ? 0.1303 0.1142 0.1465 -0.0032 -0.0156 -0.0053 101 NCO B HN22   
577 H  HN23   . NCO E . ? 0.1303 0.0994 0.1413 -0.0158 -0.0114 -0.0036 101 NCO B HN23   
578 H  HN31   . NCO E . ? 0.1585 0.1732 0.2137 0.0184  0.0142  0.0220  101 NCO B HN31   
579 H  HN32   . NCO E . ? 0.1556 0.1634 0.1903 0.0178  0.0117  0.0260  101 NCO B HN32   
580 H  HN33   . NCO E . ? 0.1517 0.1701 0.1888 0.0128  0.0119  0.0303  101 NCO B HN33   
581 H  HN41   . NCO E . ? 0.1650 0.1483 0.1463 -0.0031 0.0076  -0.0092 101 NCO B HN41   
582 H  HN42   . NCO E . ? 0.1792 0.1498 0.1506 0.0000  0.0137  -0.0118 101 NCO B HN42   
583 H  HN43   . NCO E . ? 0.1627 0.1599 0.1463 0.0003  0.0143  -0.0065 101 NCO B HN43   
584 H  HN51   . NCO E . ? 0.1396 0.1454 0.1977 -0.0050 -0.0243 0.0008  101 NCO B HN51   
585 H  HN52   . NCO E . ? 0.1395 0.1440 0.1876 0.0065  -0.0214 -0.0108 101 NCO B HN52   
586 H  HN53   . NCO E . ? 0.1328 0.1327 0.1752 0.0065  -0.0196 -0.0089 101 NCO B HN53   
587 H  HN61   . NCO E . ? 0.1753 0.1357 0.1435 0.0029  -0.0227 -0.0094 101 NCO B HN61   
588 H  HN62   . NCO E . ? 0.1695 0.1362 0.1521 0.0002  -0.0265 -0.0110 101 NCO B HN62   
589 H  HN63   . NCO E . ? 0.1838 0.1465 0.1510 0.0028  -0.0300 -0.0033 101 NCO B HN63   
590 CO CO     . NCO F . ? 0.1855 0.2059 0.1583 -0.0136 0.0031  -0.0209 102 NCO B CO     
591 N  N1     . NCO F . ? 0.2102 0.1425 0.2130 0.0059  0.0097  0.0344  102 NCO B N1     
592 N  N2     . NCO F . ? 0.2423 0.2784 0.2424 0.0091  -0.0020 -0.0816 102 NCO B N2     
593 N  N3     . NCO F . ? 0.2111 0.2837 0.1909 -0.0437 0.0550  -0.0032 102 NCO B N3     
594 N  N4     . NCO F . ? 0.1803 0.2095 0.3696 0.0062  0.0024  0.0452  102 NCO B N4     
595 N  N5     . NCO F . ? 0.2446 0.3249 0.2484 -0.0024 -0.0254 -0.0525 102 NCO B N5     
596 N  N6     . NCO F . ? 0.4602 0.2949 0.2968 -0.0458 0.0248  0.0975  102 NCO B N6     
597 H  HN11   . NCO F . ? 0.2037 0.2091 0.1809 0.0057  -0.0104 -0.0017 102 NCO B HN11   
598 H  HN12   . NCO F . ? 0.2039 0.1922 0.2067 0.0053  0.0021  0.0148  102 NCO B HN12   
599 H  HN13   . NCO F . ? 0.2108 0.1688 0.2052 -0.0144 0.0141  0.0125  102 NCO B HN13   
600 H  HN21   . NCO F . ? 0.2452 0.2357 0.2537 -0.0056 0.0241  -0.0425 102 NCO B HN21   
601 H  HN22   . NCO F . ? 0.2544 0.2682 0.2175 0.0168  0.0059  -0.0405 102 NCO B HN22   
602 H  HN23   . NCO F . ? 0.2401 0.2585 0.2238 0.0013  0.0045  -0.0301 102 NCO B HN23   
603 H  HN31   . NCO F . ? 0.2131 0.2723 0.2294 -0.0324 0.0250  -0.0146 102 NCO B HN31   
604 H  HN32   . NCO F . ? 0.2227 0.2512 0.2018 -0.0218 0.0287  0.0065  102 NCO B HN32   
605 H  HN33   . NCO F . ? 0.2065 0.2237 0.1818 -0.0237 0.0394  -0.0017 102 NCO B HN33   
606 H  HN41   . NCO F . ? 0.2311 0.2228 0.2747 0.0098  0.0187  0.0157  102 NCO B HN41   
607 H  HN42   . NCO F . ? 0.2039 0.2454 0.2733 0.0010  0.0062  0.0245  102 NCO B HN42   
608 H  HN43   . NCO F . ? 0.2114 0.2154 0.2700 0.0060  0.0084  0.0134  102 NCO B HN43   
609 H  HN51   . NCO F . ? 0.2433 0.2802 0.2313 -0.0053 -0.0025 -0.0173 102 NCO B HN51   
610 H  HN52   . NCO F . ? 0.2402 0.2892 0.2319 -0.0312 0.0112  -0.0334 102 NCO B HN52   
611 H  HN53   . NCO F . ? 0.2329 0.2574 0.2504 -0.0082 -0.0178 -0.0173 102 NCO B HN53   
612 H  HN61   . NCO F . ? 0.3336 0.3385 0.2634 -0.0227 0.0124  0.0504  102 NCO B HN61   
613 H  HN62   . NCO F . ? 0.3449 0.2863 0.3300 -0.0221 0.0517  0.0387  102 NCO B HN62   
614 H  HN63   . NCO F . ? 0.3751 0.2755 0.2623 -0.0089 -0.0337 0.0152  102 NCO B HN63   
615 O  O      . HOH G . ? 0.4491 0.2359 0.3732 -0.0587 -0.0978 -0.0149 201 HOH A O      
616 O  O      . HOH G . ? 0.4138 0.1693 0.3302 -0.0710 -0.1925 0.0368  202 HOH A O      
617 O  O      . HOH G . ? 0.2556 0.3606 0.2576 -0.0490 0.0436  -0.0082 203 HOH A O      
618 O  O      . HOH G . ? 0.2129 0.1981 0.1525 -0.0112 -0.0029 -0.0177 204 HOH A O      
619 O  O      . HOH G . ? 0.2438 0.3868 0.3646 -0.0229 0.0108  0.1073  205 HOH A O      
620 O  O      . HOH G . ? 0.2609 0.4485 0.2794 0.0620  0.0620  0.1611  206 HOH A O      
621 O  O      . HOH G . ? 0.2211 0.2791 0.2122 -0.0001 -0.0365 0.0087  207 HOH A O      
622 O  O      . HOH G . ? 0.2390 0.2554 0.2195 -0.0189 0.0172  0.0921  208 HOH A O      
623 O  O      . HOH G . ? 0.2748 0.1793 0.2303 -0.0342 -0.0600 0.0104  209 HOH A O      
624 O  O      . HOH G . ? 0.1808 0.2306 0.2430 0.0134  0.0163  0.0528  210 HOH A O      
625 O  O      . HOH G . ? 0.5451 0.2209 0.1324 -0.1715 -0.0365 0.0412  211 HOH A O      
626 O  O      . HOH G . ? 0.5542 0.2870 0.2751 -0.0452 0.1149  0.0292  212 HOH A O      
627 O  O      . HOH G . ? 0.1831 0.3699 0.5009 -0.0715 -0.0407 0.0377  213 HOH A O      
628 O  O      . HOH G . ? 0.3443 0.3121 0.2326 -0.0020 -0.0646 -0.0404 214 HOH A O      
629 O  O      . HOH G . ? 0.2155 0.1872 0.1734 -0.0081 0.0262  -0.0313 215 HOH A O      
630 O  O      . HOH G . ? 0.2295 0.4802 0.5848 -0.0278 -0.0786 -0.1667 216 HOH A O      
631 O  O      . HOH G . ? 0.1126 0.0995 0.1373 -0.0025 -0.0059 -0.0111 217 HOH A O      
632 O  O      . HOH G . ? 0.2943 0.2209 0.3947 -0.0541 -0.1622 -0.0358 218 HOH A O      
633 O  O      . HOH G . ? 0.2837 0.2459 0.2564 0.0471  0.0079  0.0275  219 HOH A O      
634 O  O      . HOH G . ? 0.2555 0.5854 0.2042 -0.0543 0.0081  -0.0807 220 HOH A O      
635 O  O      . HOH G . ? 0.1973 0.4799 0.2569 -0.1254 -0.0048 0.0546  221 HOH A O      
636 O  O      . HOH G . ? 0.3102 0.2063 0.3068 -0.0806 0.0162  -0.0296 222 HOH A O      
637 O  O      . HOH G . ? 0.1299 0.1494 0.1956 -0.0224 -0.0221 0.0264  223 HOH A O      
638 O  O      . HOH G . ? 0.2852 0.3064 0.1925 -0.0327 0.0750  0.0677  224 HOH A O      
639 O  O      . HOH G . ? 0.2824 0.3516 0.2733 -0.1506 0.1035  -0.1407 225 HOH A O      
640 O  O      . HOH G . ? 0.1624 0.2376 0.5784 -0.0511 -0.0429 -0.0998 226 HOH A O      
641 O  O      . HOH G . ? 0.1654 0.1693 0.1652 -0.0139 -0.0275 -0.0067 227 HOH A O      
642 O  O      . HOH G . ? 0.1238 0.1060 0.1468 -0.0104 0.0195  0.0071  228 HOH A O      
643 O  O      . HOH G . ? 0.5100 0.2022 0.2429 -0.1133 0.0465  0.0015  229 HOH A O      
644 O  O      . HOH G . ? 0.1612 0.2129 0.1808 -0.0065 -0.0169 -0.0166 230 HOH A O      
645 O  O      . HOH G . ? 0.3469 0.5041 0.3364 0.1227  0.0154  0.0171  231 HOH A O      
646 O  O      . HOH G . ? 0.2701 0.2945 0.2232 0.0303  -0.0464 -0.0226 232 HOH A O      
647 O  O      . HOH G . ? 0.4163 0.4155 0.1593 0.2152  -0.0424 -0.0636 233 HOH A O      
648 O  O      . HOH G . ? 2.0863 0.6351 0.5812 -0.2852 0.1973  -0.2295 234 HOH A O      
649 O  O      . HOH G . ? 0.2823 0.2246 0.2626 0.0363  -0.0414 0.0055  235 HOH A O      
650 O  O      . HOH G . ? 0.2626 0.3190 0.3625 0.1141  0.0597  -0.0051 236 HOH A O      
651 O  O      . HOH G . ? 0.2012 0.1985 0.1574 0.0038  0.0070  -0.0122 237 HOH A O      
652 O  O      . HOH G . ? 0.2207 0.1921 0.1971 -0.0059 -0.0020 -0.0078 238 HOH A O      
653 O  O      . HOH G . ? 0.2327 0.3719 0.2167 -0.0116 0.0232  0.0778  239 HOH A O      
654 O  O      . HOH G . ? 0.4253 1.2988 0.2919 0.1672  -0.0161 0.1489  240 HOH A O      
655 O  O      . HOH G . ? 0.1453 0.1049 0.1498 -0.0146 0.0443  0.0137  241 HOH A O      
656 O  O      . HOH G . ? 0.5158 0.3240 0.3451 -0.1501 -0.1638 0.0489  242 HOH A O      
657 O  O      . HOH G . ? 0.2443 0.1502 0.2140 -0.0303 0.0116  0.0107  243 HOH A O      
658 O  O      . HOH G . ? 0.3180 0.2974 0.4557 0.0645  -0.0835 0.0828  244 HOH A O      
659 O  O      . HOH G . ? 0.2003 0.1521 0.1492 -0.0308 -0.0123 -0.0110 245 HOH A O      
660 O  O      . HOH G . ? 0.2812 0.2777 0.2829 0.0031  0.0154  0.0264  246 HOH A O      
661 O  O      . HOH G . ? 0.2361 0.3703 0.1843 -0.0658 0.0239  0.0308  247 HOH A O      
662 O  O      . HOH G . ? 0.2416 0.4466 0.2714 0.0122  -0.0181 -0.0121 248 HOH A O      
663 O  O      . HOH G . ? 0.2656 0.6086 0.5968 -0.0557 -0.0106 -0.1224 249 HOH A O      
664 O  O      . HOH G . ? 0.4139 1.0055 1.2359 -0.0254 0.1932  -0.5761 250 HOH A O      
665 O  O      . HOH G . ? 0.2154 0.3760 0.3109 -0.0900 0.0691  -0.0931 251 HOH A O      
666 O  O      . HOH G . ? 0.1933 0.8011 0.3287 -0.0134 0.0366  -0.1418 252 HOH A O      
667 O  O      . HOH G . ? 2.2607 0.9664 1.1115 -0.0047 0.2245  0.5719  253 HOH A O      
668 O  O      . HOH G . ? 0.5557 0.4839 0.6184 -0.1355 -0.2751 0.2193  254 HOH A O      
669 O  O      . HOH G . ? 0.2188 0.4383 0.1517 -0.0401 -0.0141 -0.0268 255 HOH A O      
670 O  O      . HOH G . ? 0.3777 0.4650 0.6920 0.1238  -0.1583 -0.2033 256 HOH A O      
671 O  O      . HOH G . ? 0.2064 0.1758 0.2027 -0.0441 -0.0744 0.0202  257 HOH A O      
672 O  O      . HOH G . ? 0.2298 0.5252 0.3425 -0.1516 0.0908  -0.1030 258 HOH A O      
673 O  O      . HOH G . ? 0.3727 0.4636 0.3115 -0.0739 0.0172  0.0517  259 HOH A O      
674 O  O      . HOH H . ? 0.2257 0.5081 0.3614 0.0656  -0.0480 -0.0692 201 HOH B O      
675 O  O      . HOH H . ? 0.4630 0.6634 0.7320 -0.2372 -0.0566 0.1688  202 HOH B O      
676 O  O      . HOH H . ? 0.3835 0.2278 0.6422 0.0155  0.0186  -0.0160 203 HOH B O      
677 O  O      . HOH H . ? 0.2761 0.6629 0.1940 -0.0338 -0.0069 -0.0688 204 HOH B O      
678 O  O      . HOH H . ? 0.2389 0.2890 0.2395 0.0468  -0.0579 0.0076  205 HOH B O      
679 O  O      . HOH H . ? 0.2301 0.1771 0.2748 -0.0241 -0.0922 -0.0272 206 HOH B O      
680 O  O      . HOH H . ? 0.4661 0.3318 0.1631 -0.0150 -0.0182 0.0542  207 HOH B O      
681 O  O      . HOH H . ? 0.1985 0.1435 0.2356 0.0103  0.0145  -0.0183 208 HOH B O      
682 O  O      . HOH H . ? 0.2965 0.1568 0.4724 -0.0250 0.0687  0.0428  209 HOH B O      
683 O  O      . HOH H . ? 0.2843 0.1687 0.1837 -0.0427 -0.0365 0.0724  210 HOH B O      
684 O  O      . HOH H . ? 0.1115 0.1286 0.1211 0.0000  0.0059  0.0207  211 HOH B O      
685 O  O      . HOH H . ? 0.2330 0.3709 0.2056 0.0455  0.0009  0.0344  212 HOH B O      
686 O  O      . HOH H . ? 0.2995 0.3506 0.1628 -0.0744 0.0257  -0.0506 213 HOH B O      
687 O  O      . HOH H . ? 0.2522 0.1763 0.1304 -0.0002 -0.0137 0.0196  214 HOH B O      
688 O  O      . HOH H . ? 0.3151 0.3682 0.5282 -0.1727 0.0523  -0.0757 215 HOH B O      
689 O  O      . HOH H . ? 0.1325 0.1682 0.2226 -0.0211 -0.0200 0.0340  216 HOH B O      
690 O  O      . HOH H . ? 0.2616 0.2610 0.2561 -0.0694 -0.0039 0.0879  217 HOH B O      
691 O  O      . HOH H . ? 0.2919 0.1893 0.3201 -0.0071 -0.0371 -0.0487 218 HOH B O      
692 O  O      . HOH H . ? 0.1118 0.1538 0.2170 0.0061  0.0176  -0.0064 219 HOH B O      
693 O  O      . HOH H . ? 0.1131 0.1173 0.1234 0.0015  0.0187  -0.0079 220 HOH B O      
694 O  O      . HOH H . ? 0.2403 0.2383 0.3024 0.0249  -0.0473 0.0058  221 HOH B O      
695 O  O      . HOH H . ? 0.1523 0.1459 0.2303 -0.0152 -0.0219 0.0180  222 HOH B O      
696 O  O      . HOH H . ? 0.1448 0.2861 0.2630 -0.0461 0.0091  -0.0309 223 HOH B O      
697 O  O      . HOH H . ? 0.3279 0.2131 0.1391 -0.0274 -0.0319 0.0008  224 HOH B O      
698 O  O      . HOH H . ? 0.1561 0.2766 0.2660 0.0048  0.0307  -0.0336 225 HOH B O      
699 O  O      . HOH H . ? 0.2060 0.2711 0.2622 -0.0444 -0.0696 0.1046  226 HOH B O      
700 O  O      . HOH H . ? 0.2193 0.7636 1.0182 0.2715  0.3532  0.2942  227 HOH B O      
701 O  O      . HOH H . ? 0.2196 0.2498 0.2849 0.0675  -0.0658 -0.0800 228 HOH B O      
702 O  O      . HOH H . ? 0.1239 0.1333 0.1554 -0.0085 -0.0005 -0.0317 229 HOH B O      
703 O  O      . HOH H . ? 0.1934 0.2133 0.1783 -0.0264 -0.0536 0.0083  230 HOH B O      
704 O  O      . HOH H . ? 0.2902 0.3084 0.2538 0.0051  0.0753  0.0656  231 HOH B O      
705 O  O      . HOH H . ? 0.1918 0.3017 0.1900 0.0341  -0.0176 -0.0260 232 HOH B O      
706 O  O      . HOH H . ? 0.1682 0.2196 0.2649 -0.0407 -0.0478 -0.0412 233 HOH B O      
707 O  O      . HOH H . ? 0.2547 0.3301 0.3257 0.0443  -0.0899 -0.0854 234 HOH B O      
708 O  O      . HOH H . ? 0.4010 0.4065 0.3830 -0.2550 0.0991  -0.0569 235 HOH B O      
709 O  O      . HOH H . ? 0.3181 0.2107 0.3453 -0.0802 -0.0073 0.0283  236 HOH B O      
710 O  O      . HOH H . ? 0.1824 0.1324 0.1791 -0.0154 -0.0048 0.0163  237 HOH B O      
711 O  O      . HOH H . ? 0.2284 0.3960 0.2167 -0.0792 0.0399  -0.0369 238 HOH B O      
712 O  O      . HOH H . ? 0.1970 0.2488 0.2148 -0.0335 0.0544  -0.0213 239 HOH B O      
713 O  O      . HOH H . ? 0.1574 0.3296 0.1601 0.0156  -0.0158 0.0124  240 HOH B O      
714 O  O      . HOH H . ? 0.3738 0.2779 0.2200 0.1103  -0.0465 -0.0761 241 HOH B O      
715 O  O      . HOH H . ? 0.2345 0.4291 0.3643 -0.0684 0.0944  0.1282  242 HOH B O      
716 O  O      . HOH H . ? 0.7125 0.5924 0.3022 0.0218  0.1748  -0.0579 243 HOH B O      
717 O  O      . HOH H . ? 0.1825 0.2438 0.2169 0.0350  -0.0238 0.0180  244 HOH B O      
718 O  O      . HOH H . ? 0.2117 0.3676 0.2588 0.0022  -0.0521 0.0675  245 HOH B O      
719 O  O      . HOH H . ? 0.2120 0.4053 0.2412 0.0174  -0.0698 -0.1016 246 HOH B O      
720 O  O      . HOH H . ? 0.2532 0.1740 0.3450 -0.0122 -0.1151 -0.0024 247 HOH B O      
721 O  O      . HOH H . ? 0.9610 0.1408 0.9013 -0.1813 0.2457  -0.1301 248 HOH B O      
722 O  O      . HOH H . ? 0.2421 0.1761 0.2173 -0.0272 0.0093  0.0038  249 HOH B O      
723 O  O      . HOH H . ? 0.2846 0.2599 0.2380 -0.1135 0.0739  -0.0725 250 HOH B O      
724 O  O      . HOH H . ? 0.3294 0.2426 0.3957 -0.0953 -0.1016 0.0098  251 HOH B O      
725 O  O      . HOH H . ? 0.3852 0.2433 0.2562 0.0324  0.0123  -0.0516 252 HOH B O      
726 O  O      . HOH H . ? 0.2726 0.2411 0.3669 0.0079  0.0166  -0.0578 253 HOH B O      
727 O  O      . HOH H . ? 0.1037 0.1066 0.1234 -0.0146 0.0148  -0.0030 254 HOH B O      
728 O  O      . HOH H . ? 0.6940 0.4908 0.4949 0.0611  -0.2913 -0.0563 255 HOH B O      
729 O  O      . HOH H . ? 0.2464 0.2732 0.2378 -0.0158 0.0054  0.0658  256 HOH B O      
730 O  O      . HOH H . ? 0.4770 0.5167 0.2866 -0.0090 -0.0163 0.0443  257 HOH B O      
731 O  O      . HOH H . ? 0.2736 0.2031 0.2157 -0.0244 0.0420  0.0072  258 HOH B O      
732 O  O      . HOH H . ? 0.3323 0.2390 0.4343 0.0376  0.1137  0.0839  259 HOH B O      
733 O  O      . HOH H . ? 0.3159 0.3557 0.3995 0.1290  -0.0050 0.1251  260 HOH B O      
734 O  O      . HOH H . ? 0.3347 0.4125 0.2260 0.0729  -0.0183 0.0351  261 HOH B O      
735 O  O      . HOH H . ? 0.2872 0.1854 0.5752 0.0040  -0.0914 -0.0307 262 HOH B O      
736 O  O      . HOH H . ? 0.2417 0.2784 0.1798 0.0660  0.0151  0.0275  263 HOH B O      
737 O  O      . HOH H . ? 0.3097 0.2619 0.2298 -0.1131 -0.0924 0.0603  264 HOH B O      
738 O  O      . HOH H . ? 0.4819 0.4427 0.5237 -0.2265 0.1146  0.0334  265 HOH B O      
739 O  O      . HOH H . ? 0.5034 0.4447 0.5074 -0.0440 0.0916  0.2166  266 HOH B O      
740 O  O      . HOH H . ? 0.3690 0.4050 0.3852 0.0415  0.0794  0.0592  267 HOH B O      
# 
